data_145D
# 
_entry.id   145D 
# 
_audit_conform.dict_name       mmcif_pdbx.dic 
_audit_conform.dict_version    5.385 
_audit_conform.dict_location   http://mmcif.pdb.org/dictionaries/ascii/mmcif_pdbx.dic 
# 
loop_
_database_2.database_id 
_database_2.database_code 
_database_2.pdbx_database_accession 
_database_2.pdbx_DOI 
PDB   145D         pdb_0000145d 10.2210/pdb145d/pdb 
RCSB  ZDFB37       ?            ?                   
WWPDB D_1000170104 ?            ?                   
# 
loop_
_pdbx_audit_revision_history.ordinal 
_pdbx_audit_revision_history.data_content_type 
_pdbx_audit_revision_history.major_revision 
_pdbx_audit_revision_history.minor_revision 
_pdbx_audit_revision_history.revision_date 
1 'Structure model' 1 0 1994-01-15 
2 'Structure model' 1 1 2008-05-22 
3 'Structure model' 1 2 2011-07-13 
4 'Structure model' 1 3 2024-02-07 
# 
_pdbx_audit_revision_details.ordinal             1 
_pdbx_audit_revision_details.revision_ordinal    1 
_pdbx_audit_revision_details.data_content_type   'Structure model' 
_pdbx_audit_revision_details.provider            repository 
_pdbx_audit_revision_details.type                'Initial release' 
_pdbx_audit_revision_details.description         ? 
_pdbx_audit_revision_details.details             ? 
# 
loop_
_pdbx_audit_revision_group.ordinal 
_pdbx_audit_revision_group.revision_ordinal 
_pdbx_audit_revision_group.data_content_type 
_pdbx_audit_revision_group.group 
1 2 'Structure model' 'Version format compliance' 
2 3 'Structure model' 'Version format compliance' 
3 4 'Structure model' 'Data collection'           
4 4 'Structure model' 'Database references'       
5 4 'Structure model' 'Derived calculations'      
# 
loop_
_pdbx_audit_revision_category.ordinal 
_pdbx_audit_revision_category.revision_ordinal 
_pdbx_audit_revision_category.data_content_type 
_pdbx_audit_revision_category.category 
1 4 'Structure model' chem_comp_atom 
2 4 'Structure model' chem_comp_bond 
3 4 'Structure model' database_2     
4 4 'Structure model' struct_conn    
# 
loop_
_pdbx_audit_revision_item.ordinal 
_pdbx_audit_revision_item.revision_ordinal 
_pdbx_audit_revision_item.data_content_type 
_pdbx_audit_revision_item.item 
1  4 'Structure model' '_database_2.pdbx_DOI'                 
2  4 'Structure model' '_database_2.pdbx_database_accession'  
3  4 'Structure model' '_struct_conn.pdbx_dist_value'         
4  4 'Structure model' '_struct_conn.pdbx_leaving_atom_flag'  
5  4 'Structure model' '_struct_conn.pdbx_ptnr1_label_alt_id' 
6  4 'Structure model' '_struct_conn.pdbx_ptnr2_label_alt_id' 
7  4 'Structure model' '_struct_conn.ptnr1_auth_asym_id'      
8  4 'Structure model' '_struct_conn.ptnr1_auth_comp_id'      
9  4 'Structure model' '_struct_conn.ptnr1_auth_seq_id'       
10 4 'Structure model' '_struct_conn.ptnr1_label_asym_id'     
11 4 'Structure model' '_struct_conn.ptnr1_label_comp_id'     
12 4 'Structure model' '_struct_conn.ptnr1_label_seq_id'      
13 4 'Structure model' '_struct_conn.ptnr2_auth_asym_id'      
14 4 'Structure model' '_struct_conn.ptnr2_auth_comp_id'      
15 4 'Structure model' '_struct_conn.ptnr2_auth_seq_id'       
16 4 'Structure model' '_struct_conn.ptnr2_label_asym_id'     
17 4 'Structure model' '_struct_conn.ptnr2_label_comp_id'     
18 4 'Structure model' '_struct_conn.ptnr2_label_seq_id'      
# 
_pdbx_database_status.status_code                     REL 
_pdbx_database_status.entry_id                        145D 
_pdbx_database_status.recvd_initial_deposition_date   1993-11-11 
_pdbx_database_status.deposit_site                    BNL 
_pdbx_database_status.process_site                    NDB 
_pdbx_database_status.status_code_sf                  REL 
_pdbx_database_status.status_code_mr                  ? 
_pdbx_database_status.SG_entry                        ? 
_pdbx_database_status.pdb_format_compatible           Y 
_pdbx_database_status.status_code_cs                  ? 
_pdbx_database_status.status_code_nmr_data            ? 
_pdbx_database_status.methods_development_category    ? 
# 
loop_
_audit_author.name 
_audit_author.pdbx_ordinal 
'Schroth, G.P.' 1 
'Kagawa, T.F.'  2 
'Shing Ho, P.'  3 
# 
loop_
_citation.id 
_citation.title 
_citation.journal_abbrev 
_citation.journal_volume 
_citation.page_first 
_citation.page_last 
_citation.year 
_citation.journal_id_ASTM 
_citation.country 
_citation.journal_id_ISSN 
_citation.journal_id_CSD 
_citation.book_publisher 
_citation.pdbx_database_id_PubMed 
_citation.pdbx_database_id_DOI 
primary 
;Structure and thermodynamics of nonalternating C.G base pairs in Z-DNA: the 1.3-A crystal structure of the asymmetric hexanucleotide d(m5CGGGm5CG).d(m5CGCCm5CG).
;
Biochemistry         32 13381 13392 1993 BICHAW US 0006-2960 0033 ? 8257675 10.1021/bi00212a002 
1       'Molecular Structure of (m5dC-dG)3: The Role of the Methyl Group on 5-Methyl Cytosine in Stabilizing Z-DNA' 
'Nucleic Acids Res.' 10 7879  7892  1982 NARHAD UK 0305-1048 0389 ? ?       ?                   
# 
loop_
_citation_author.citation_id 
_citation_author.name 
_citation_author.ordinal 
_citation_author.identifier_ORCID 
primary 'Schroth, G.P.'     1 ? 
primary 'Kagawa, T.F.'      2 ? 
primary 'Ho, P.S.'          3 ? 
1       'Fujii, S.'         4 ? 
1       'Wang, A.H.-J.'     5 ? 
1       'Van Der Marel, G.' 6 ? 
1       'Van Boom, J.H.'    7 ? 
1       'Rich, A.'          8 ? 
# 
loop_
_entity.id 
_entity.type 
_entity.src_method 
_entity.pdbx_description 
_entity.formula_weight 
_entity.pdbx_number_of_molecules 
_entity.pdbx_ec 
_entity.pdbx_mutation 
_entity.pdbx_fragment 
_entity.details 
1 polymer syn 
;DNA (5'-D(*(MCY)P*GP*GP*GP*(5CM)P*G)-3')
;
1798.303 1  ? ? ? ? 
2 polymer syn 
;DNA (5'-D(*(MCY)P*GP*CP*CP*(5CM)P*G)-3')
;
1718.255 2  ? ? ? ? 
3 polymer syn 
;DNA (5'-D(*(5CM)P*DGP*DGP*DGP*(5CM)P*DG)-3')
;
1878.283 1  ? ? ? ? 
4 water   nat water                                          18.015   48 ? ? ? ? 
# 
loop_
_entity_poly.entity_id 
_entity_poly.type 
_entity_poly.nstd_linkage 
_entity_poly.nstd_monomer 
_entity_poly.pdbx_seq_one_letter_code 
_entity_poly.pdbx_seq_one_letter_code_can 
_entity_poly.pdbx_strand_id 
_entity_poly.pdbx_target_identifier 
1 polydeoxyribonucleotide no yes '(MCY)(DG)(DG)(DG)(5CM)(DG)' CGGGCG A   ? 
2 polydeoxyribonucleotide no yes '(MCY)(DG)(DC)(DC)(5CM)(DG)' CGCCCG B,C ? 
3 polydeoxyribonucleotide no yes '(5CM)(DG)(DG)(DG)(5CM)(DG)' CGGGCG D   ? 
# 
_pdbx_entity_nonpoly.entity_id   4 
_pdbx_entity_nonpoly.name        water 
_pdbx_entity_nonpoly.comp_id     HOH 
# 
loop_
_entity_poly_seq.entity_id 
_entity_poly_seq.num 
_entity_poly_seq.mon_id 
_entity_poly_seq.hetero 
1 1 MCY n 
1 2 DG  n 
1 3 DG  n 
1 4 DG  n 
1 5 5CM n 
1 6 DG  n 
2 1 MCY n 
2 2 DG  n 
2 3 DC  n 
2 4 DC  n 
2 5 5CM n 
2 6 DG  n 
3 1 5CM n 
3 2 DG  n 
3 3 DG  n 
3 4 DG  n 
3 5 5CM n 
3 6 DG  n 
# 
loop_
_chem_comp.id 
_chem_comp.type 
_chem_comp.mon_nstd_flag 
_chem_comp.name 
_chem_comp.pdbx_synonyms 
_chem_comp.formula 
_chem_comp.formula_weight 
5CM 'DNA linking' n "5-METHYL-2'-DEOXY-CYTIDINE-5'-MONOPHOSPHATE" ? 'C10 H16 N3 O7 P' 321.224 
DC  'DNA linking' y "2'-DEOXYCYTIDINE-5'-MONOPHOSPHATE"           ? 'C9 H14 N3 O7 P'  307.197 
DG  'DNA linking' y "2'-DEOXYGUANOSINE-5'-MONOPHOSPHATE"          ? 'C10 H14 N5 O7 P' 347.221 
HOH non-polymer   . WATER                                         ? 'H2 O'            18.015  
MCY 'DNA linking' n "5-METHYL-2'-DEOXYCYTIDINE"                   ? 'C10 H15 N3 O4'   241.244 
# 
loop_
_pdbx_poly_seq_scheme.asym_id 
_pdbx_poly_seq_scheme.entity_id 
_pdbx_poly_seq_scheme.seq_id 
_pdbx_poly_seq_scheme.mon_id 
_pdbx_poly_seq_scheme.ndb_seq_num 
_pdbx_poly_seq_scheme.pdb_seq_num 
_pdbx_poly_seq_scheme.auth_seq_num 
_pdbx_poly_seq_scheme.pdb_mon_id 
_pdbx_poly_seq_scheme.auth_mon_id 
_pdbx_poly_seq_scheme.pdb_strand_id 
_pdbx_poly_seq_scheme.pdb_ins_code 
_pdbx_poly_seq_scheme.hetero 
A 1 1 MCY 1 1  1  MCY MCY A . n 
A 1 2 DG  2 2  2  DG  DG  A . n 
A 1 3 DG  3 3  3  DG  DG  A . n 
A 1 4 DG  4 4  4  DG  DG  A . n 
A 1 5 5CM 5 5  5  5CM 5CM A . n 
A 1 6 DG  6 6  6  DG  DG  A . n 
B 2 1 MCY 1 7  7  MCY MCY B . n 
B 2 2 DG  2 8  8  DG  DG  B . n 
B 2 3 DC  3 9  9  DC  DC  B . n 
B 2 4 DC  4 10 10 DC  DC  B . n 
B 2 5 5CM 5 11 11 5CM 5CM B . n 
B 2 6 DG  6 12 12 DG  DG  B . n 
C 2 1 MCY 1 13 13 MCY MCY C . n 
C 2 2 DG  2 14 14 DG  DG  C . n 
C 2 3 DC  3 15 15 DC  DC  C . n 
C 2 4 DC  4 16 16 DC  DC  C . n 
C 2 5 5CM 5 17 17 5CM 5CM C . n 
C 2 6 DG  6 18 18 DG  DG  C . n 
D 3 1 5CM 1 19 19 5CM MCY D . n 
D 3 2 DG  2 20 20 DG  DG  D . n 
D 3 3 DG  3 21 21 DG  DG  D . n 
D 3 4 DG  4 22 22 DG  DG  D . n 
D 3 5 5CM 5 23 23 5CM 5CM D . n 
D 3 6 DG  6 24 24 DG  DG  D . n 
# 
loop_
_pdbx_nonpoly_scheme.asym_id 
_pdbx_nonpoly_scheme.entity_id 
_pdbx_nonpoly_scheme.mon_id 
_pdbx_nonpoly_scheme.ndb_seq_num 
_pdbx_nonpoly_scheme.pdb_seq_num 
_pdbx_nonpoly_scheme.auth_seq_num 
_pdbx_nonpoly_scheme.pdb_mon_id 
_pdbx_nonpoly_scheme.auth_mon_id 
_pdbx_nonpoly_scheme.pdb_strand_id 
_pdbx_nonpoly_scheme.pdb_ins_code 
E 4 HOH 1  31 31 HOH HOH A . 
E 4 HOH 2  37 37 HOH HOH A . 
E 4 HOH 3  41 41 HOH HOH A . 
E 4 HOH 4  44 44 HOH HOH A . 
E 4 HOH 5  53 53 HOH HOH A . 
E 4 HOH 6  58 58 HOH HOH A . 
E 4 HOH 7  67 67 HOH HOH A . 
E 4 HOH 8  70 70 HOH HOH A . 
E 4 HOH 9  71 71 HOH HOH A . 
E 4 HOH 10 72 72 HOH HOH A . 
F 4 HOH 1  25 25 HOH HOH B . 
F 4 HOH 2  34 34 HOH HOH B . 
F 4 HOH 3  38 38 HOH HOH B . 
F 4 HOH 4  40 40 HOH HOH B . 
F 4 HOH 5  42 42 HOH HOH B . 
F 4 HOH 6  45 45 HOH HOH B . 
F 4 HOH 7  46 46 HOH HOH B . 
F 4 HOH 8  47 47 HOH HOH B . 
F 4 HOH 9  50 50 HOH HOH B . 
F 4 HOH 10 52 52 HOH HOH B . 
F 4 HOH 11 55 55 HOH HOH B . 
G 4 HOH 1  26 26 HOH HOH C . 
G 4 HOH 2  27 27 HOH HOH C . 
G 4 HOH 3  29 29 HOH HOH C . 
G 4 HOH 4  32 32 HOH HOH C . 
G 4 HOH 5  35 35 HOH HOH C . 
G 4 HOH 6  39 39 HOH HOH C . 
G 4 HOH 7  43 43 HOH HOH C . 
G 4 HOH 8  48 48 HOH HOH C . 
G 4 HOH 9  51 51 HOH HOH C . 
G 4 HOH 10 54 54 HOH HOH C . 
G 4 HOH 11 60 60 HOH HOH C . 
G 4 HOH 12 61 61 HOH HOH C . 
G 4 HOH 13 62 62 HOH HOH C . 
G 4 HOH 14 64 64 HOH HOH C . 
G 4 HOH 15 66 66 HOH HOH C . 
H 4 HOH 1  28 28 HOH HOH D . 
H 4 HOH 2  30 30 HOH HOH D . 
H 4 HOH 3  33 33 HOH HOH D . 
H 4 HOH 4  36 36 HOH HOH D . 
H 4 HOH 5  49 49 HOH HOH D . 
H 4 HOH 6  56 56 HOH HOH D . 
H 4 HOH 7  57 57 HOH HOH D . 
H 4 HOH 8  59 59 HOH HOH D . 
H 4 HOH 9  63 63 HOH HOH D . 
H 4 HOH 10 65 65 HOH HOH D . 
H 4 HOH 11 68 68 HOH HOH D . 
H 4 HOH 12 69 69 HOH HOH D . 
# 
_software.name             NUCLSQ 
_software.classification   refinement 
_software.version          . 
_software.citation_id      ? 
_software.pdbx_ordinal     1 
# 
_cell.entry_id           145D 
_cell.length_a           17.865 
_cell.length_b           30.822 
_cell.length_c           44.797 
_cell.angle_alpha        90.00 
_cell.angle_beta         90.00 
_cell.angle_gamma        90.00 
_cell.Z_PDB              8 
_cell.pdbx_unique_axis   ? 
# 
_symmetry.entry_id                         145D 
_symmetry.space_group_name_H-M             'P 21 21 21' 
_symmetry.pdbx_full_space_group_name_H-M   ? 
_symmetry.cell_setting                     ? 
_symmetry.Int_Tables_number                19 
# 
_exptl.entry_id          145D 
_exptl.method            'X-RAY DIFFRACTION' 
_exptl.crystals_number   ? 
# 
_exptl_crystal.id                    1 
_exptl_crystal.density_meas          ? 
_exptl_crystal.density_percent_sol   ? 
_exptl_crystal.density_Matthews      ? 
_exptl_crystal.description           ? 
# 
_exptl_crystal_grow.crystal_id      1 
_exptl_crystal_grow.method          'VAPOR DIFFUSION' 
_exptl_crystal_grow.temp            ? 
_exptl_crystal_grow.temp_details    'ROOM TEMPERATURE' 
_exptl_crystal_grow.pH              7.00 
_exptl_crystal_grow.pdbx_details    'pH 7.00, VAPOR DIFFUSION' 
_exptl_crystal_grow.pdbx_pH_range   . 
# 
loop_
_exptl_crystal_grow_comp.crystal_id 
_exptl_crystal_grow_comp.id 
_exptl_crystal_grow_comp.sol_id 
_exptl_crystal_grow_comp.name 
_exptl_crystal_grow_comp.volume 
_exptl_crystal_grow_comp.conc 
_exptl_crystal_grow_comp.details 
1 1 1 WATER      ? ? ? 
1 2 1 MPD        ? ? ? 
1 3 1 MGCL2      ? ? ? 
1 4 1 SPERMIDINE ? ? ? 
1 5 2 WATER      ? ? ? 
1 6 2 MPD        ? ? ? 
# 
_diffrn.id                     1 
_diffrn.ambient_temp           ? 
_diffrn.ambient_temp_details   'ROOM TEMPERATURE' 
_diffrn.crystal_id             1 
# 
_diffrn_detector.diffrn_id              1 
_diffrn_detector.detector               DIFFRACTOMETER 
_diffrn_detector.type                   SIEMENS 
_diffrn_detector.pdbx_collection_date   ? 
_diffrn_detector.details                ? 
# 
_diffrn_radiation.diffrn_id                        1 
_diffrn_radiation.wavelength_id                    1 
_diffrn_radiation.pdbx_monochromatic_or_laue_m_l   M 
_diffrn_radiation.monochromator                    ? 
_diffrn_radiation.pdbx_diffrn_protocol             'SINGLE WAVELENGTH' 
_diffrn_radiation.pdbx_scattering_type             x-ray 
# 
_diffrn_radiation_wavelength.id           1 
_diffrn_radiation_wavelength.wavelength   . 
_diffrn_radiation_wavelength.wt           1.0 
# 
_diffrn_source.diffrn_id                   1 
_diffrn_source.source                      'ROTATING ANODE' 
_diffrn_source.type                        SIEMENS 
_diffrn_source.pdbx_synchrotron_site       ? 
_diffrn_source.pdbx_synchrotron_beamline   ? 
_diffrn_source.pdbx_wavelength             ? 
_diffrn_source.pdbx_wavelength_list        ? 
# 
_refine.entry_id                                 145D 
_refine.ls_number_reflns_obs                     5029 
_refine.ls_number_reflns_all                     ? 
_refine.pdbx_ls_sigma_I                          ? 
_refine.pdbx_ls_sigma_F                          1.500 
_refine.pdbx_data_cutoff_high_absF               ? 
_refine.pdbx_data_cutoff_low_absF                ? 
_refine.pdbx_data_cutoff_high_rms_absF           ? 
_refine.ls_d_res_low                             8.000 
_refine.ls_d_res_high                            1.250 
_refine.ls_percent_reflns_obs                    ? 
_refine.ls_R_factor_obs                          0.193 
_refine.ls_R_factor_all                          ? 
_refine.ls_R_factor_R_work                       ? 
_refine.ls_R_factor_R_free                       ? 
_refine.ls_R_factor_R_free_error                 ? 
_refine.ls_R_factor_R_free_error_details         ? 
_refine.ls_percent_reflns_R_free                 ? 
_refine.ls_number_reflns_R_free                  ? 
_refine.ls_number_parameters                     ? 
_refine.ls_number_restraints                     ? 
_refine.occupancy_min                            ? 
_refine.occupancy_max                            ? 
_refine.B_iso_mean                               ? 
_refine.aniso_B[1][1]                            ? 
_refine.aniso_B[2][2]                            ? 
_refine.aniso_B[3][3]                            ? 
_refine.aniso_B[1][2]                            ? 
_refine.aniso_B[1][3]                            ? 
_refine.aniso_B[2][3]                            ? 
_refine.solvent_model_details                    ? 
_refine.solvent_model_param_ksol                 ? 
_refine.solvent_model_param_bsol                 ? 
_refine.pdbx_ls_cross_valid_method               ? 
_refine.details                                  ? 
_refine.pdbx_starting_model                      ? 
_refine.pdbx_method_to_determine_struct          ? 
_refine.pdbx_isotropic_thermal_model             ? 
_refine.pdbx_stereochemistry_target_values       ? 
_refine.pdbx_stereochem_target_val_spec_case     ? 
_refine.pdbx_R_Free_selection_details            ? 
_refine.pdbx_overall_ESU_R                       ? 
_refine.pdbx_overall_ESU_R_Free                  ? 
_refine.overall_SU_ML                            ? 
_refine.overall_SU_B                             ? 
_refine.ls_redundancy_reflns_obs                 ? 
_refine.correlation_coeff_Fo_to_Fc               ? 
_refine.correlation_coeff_Fo_to_Fc_free          ? 
_refine.pdbx_solvent_vdw_probe_radii             ? 
_refine.pdbx_solvent_ion_probe_radii             ? 
_refine.pdbx_solvent_shrinkage_radii             ? 
_refine.overall_SU_R_Cruickshank_DPI             ? 
_refine.overall_SU_R_free                        ? 
_refine.pdbx_refine_id                           'X-RAY DIFFRACTION' 
_refine.pdbx_diffrn_id                           1 
_refine.pdbx_TLS_residual_ADP_flag               ? 
_refine.pdbx_overall_phase_error                 ? 
_refine.pdbx_overall_SU_R_free_Cruickshank_DPI   ? 
_refine.pdbx_overall_SU_R_Blow_DPI               ? 
_refine.pdbx_overall_SU_R_free_Blow_DPI          ? 
# 
_refine_hist.pdbx_refine_id                   'X-RAY DIFFRACTION' 
_refine_hist.cycle_id                         LAST 
_refine_hist.pdbx_number_atoms_protein        0 
_refine_hist.pdbx_number_atoms_nucleic_acid   776 
_refine_hist.pdbx_number_atoms_ligand         0 
_refine_hist.number_atoms_solvent             144 
_refine_hist.number_atoms_total               920 
_refine_hist.d_res_high                       1.250 
_refine_hist.d_res_low                        8.000 
# 
_struct.entry_id                  145D 
_struct.title                     
;Structure and thermodynamics of nonalternating C/G base pairs in Z-DNA: the 1.3 angstroms crystal structure of the asymmetric hexanucleotide D(M(5)CGGGM(5) CG)/D(M(5)CGCCM(5)CG)
;
_struct.pdbx_model_details        ? 
_struct.pdbx_CASP_flag            ? 
_struct.pdbx_model_type_details   ? 
# 
_struct_keywords.entry_id        145D 
_struct_keywords.pdbx_keywords   DNA 
_struct_keywords.text            'Z-DNA, DOUBLE HELIX, MODIFIED, DNA' 
# 
loop_
_struct_asym.id 
_struct_asym.pdbx_blank_PDB_chainid_flag 
_struct_asym.pdbx_modified 
_struct_asym.entity_id 
_struct_asym.details 
A N N 1 ? 
B N N 2 ? 
C N N 2 ? 
D N N 3 ? 
E N N 4 ? 
F N N 4 ? 
G N N 4 ? 
H N N 4 ? 
# 
loop_
_struct_ref.id 
_struct_ref.entity_id 
_struct_ref.db_name 
_struct_ref.db_code 
_struct_ref.pdbx_db_accession 
_struct_ref.pdbx_db_isoform 
_struct_ref.pdbx_seq_one_letter_code 
_struct_ref.pdbx_align_begin 
1 1 PDB 145D 145D ? ? ? 
2 2 PDB 145D 145D ? ? ? 
3 3 PDB 145D 145D ? ? ? 
# 
loop_
_struct_ref_seq.align_id 
_struct_ref_seq.ref_id 
_struct_ref_seq.pdbx_PDB_id_code 
_struct_ref_seq.pdbx_strand_id 
_struct_ref_seq.seq_align_beg 
_struct_ref_seq.pdbx_seq_align_beg_ins_code 
_struct_ref_seq.seq_align_end 
_struct_ref_seq.pdbx_seq_align_end_ins_code 
_struct_ref_seq.pdbx_db_accession 
_struct_ref_seq.db_align_beg 
_struct_ref_seq.pdbx_db_align_beg_ins_code 
_struct_ref_seq.db_align_end 
_struct_ref_seq.pdbx_db_align_end_ins_code 
_struct_ref_seq.pdbx_auth_seq_align_beg 
_struct_ref_seq.pdbx_auth_seq_align_end 
1 1 145D A 1 ? 6 ? 145D 1  ? 6  ? 1  6  
2 2 145D B 1 ? 6 ? 145D 7  ? 12 ? 7  12 
3 2 145D C 1 ? 6 ? 145D 13 ? 18 ? 13 18 
4 3 145D D 1 ? 6 ? 145D 19 ? 24 ? 19 24 
# 
loop_
_pdbx_struct_assembly.id 
_pdbx_struct_assembly.details 
_pdbx_struct_assembly.method_details 
_pdbx_struct_assembly.oligomeric_details 
_pdbx_struct_assembly.oligomeric_count 
1 author_defined_assembly ? dimeric 2 
2 author_defined_assembly ? dimeric 2 
# 
loop_
_pdbx_struct_assembly_gen.assembly_id 
_pdbx_struct_assembly_gen.oper_expression 
_pdbx_struct_assembly_gen.asym_id_list 
1 1 A,B,E,F 
2 1 C,D,G,H 
# 
_pdbx_struct_oper_list.id                   1 
_pdbx_struct_oper_list.type                 'identity operation' 
_pdbx_struct_oper_list.name                 1_555 
_pdbx_struct_oper_list.symmetry_operation   x,y,z 
_pdbx_struct_oper_list.matrix[1][1]         1.0000000000 
_pdbx_struct_oper_list.matrix[1][2]         0.0000000000 
_pdbx_struct_oper_list.matrix[1][3]         0.0000000000 
_pdbx_struct_oper_list.vector[1]            0.0000000000 
_pdbx_struct_oper_list.matrix[2][1]         0.0000000000 
_pdbx_struct_oper_list.matrix[2][2]         1.0000000000 
_pdbx_struct_oper_list.matrix[2][3]         0.0000000000 
_pdbx_struct_oper_list.vector[2]            0.0000000000 
_pdbx_struct_oper_list.matrix[3][1]         0.0000000000 
_pdbx_struct_oper_list.matrix[3][2]         0.0000000000 
_pdbx_struct_oper_list.matrix[3][3]         1.0000000000 
_pdbx_struct_oper_list.vector[3]            0.0000000000 
# 
loop_
_struct_biol.id 
_struct_biol.pdbx_parent_biol_id 
_struct_biol.details 
1 ? ? 
2 ? ? 
# 
loop_
_struct_conn.id 
_struct_conn.conn_type_id 
_struct_conn.pdbx_leaving_atom_flag 
_struct_conn.pdbx_PDB_id 
_struct_conn.ptnr1_label_asym_id 
_struct_conn.ptnr1_label_comp_id 
_struct_conn.ptnr1_label_seq_id 
_struct_conn.ptnr1_label_atom_id 
_struct_conn.pdbx_ptnr1_label_alt_id 
_struct_conn.pdbx_ptnr1_PDB_ins_code 
_struct_conn.pdbx_ptnr1_standard_comp_id 
_struct_conn.ptnr1_symmetry 
_struct_conn.ptnr2_label_asym_id 
_struct_conn.ptnr2_label_comp_id 
_struct_conn.ptnr2_label_seq_id 
_struct_conn.ptnr2_label_atom_id 
_struct_conn.pdbx_ptnr2_label_alt_id 
_struct_conn.pdbx_ptnr2_PDB_ins_code 
_struct_conn.ptnr1_auth_asym_id 
_struct_conn.ptnr1_auth_comp_id 
_struct_conn.ptnr1_auth_seq_id 
_struct_conn.ptnr2_auth_asym_id 
_struct_conn.ptnr2_auth_comp_id 
_struct_conn.ptnr2_auth_seq_id 
_struct_conn.ptnr2_symmetry 
_struct_conn.pdbx_ptnr3_label_atom_id 
_struct_conn.pdbx_ptnr3_label_seq_id 
_struct_conn.pdbx_ptnr3_label_comp_id 
_struct_conn.pdbx_ptnr3_label_asym_id 
_struct_conn.pdbx_ptnr3_label_alt_id 
_struct_conn.pdbx_ptnr3_PDB_ins_code 
_struct_conn.details 
_struct_conn.pdbx_dist_value 
_struct_conn.pdbx_value_order 
_struct_conn.pdbx_role 
covale1  covale both ? A MCY 1 "O3'" A ? ? 1_555 A DG  2 P  A ? A MCY 1  A DG  2  1_555 ? ? ? ? ? ? ?            1.601 ? ? 
covale2  covale both ? A DG  4 "O3'" A ? ? 1_555 A 5CM 5 P  A ? A DG  4  A 5CM 5  1_555 ? ? ? ? ? ? ?            1.619 ? ? 
covale3  covale both ? A 5CM 5 "O3'" A ? ? 1_555 A DG  6 P  A ? A 5CM 5  A DG  6  1_555 ? ? ? ? ? ? ?            1.610 ? ? 
covale4  covale both ? B MCY 1 "O3'" A ? ? 1_555 B DG  2 P  A ? B MCY 7  B DG  8  1_555 ? ? ? ? ? ? ?            1.579 ? ? 
covale5  covale both ? B DC  4 "O3'" A ? ? 1_555 B 5CM 5 P  A ? B DC  10 B 5CM 11 1_555 ? ? ? ? ? ? ?            1.619 ? ? 
covale6  covale both ? B 5CM 5 "O3'" A ? ? 1_555 B DG  6 P  A ? B 5CM 11 B DG  12 1_555 ? ? ? ? ? ? ?            1.609 ? ? 
covale7  covale both ? C MCY 1 "O3'" B ? ? 1_555 C DG  2 P  B ? C MCY 13 C DG  14 1_555 ? ? ? ? ? ? ?            1.611 ? ? 
covale8  covale both ? C DC  4 "O3'" B ? ? 1_555 C 5CM 5 P  B ? C DC  16 C 5CM 17 1_555 ? ? ? ? ? ? ?            1.641 ? ? 
covale9  covale both ? C 5CM 5 "O3'" B ? ? 1_555 C DG  6 P  B ? C 5CM 17 C DG  18 1_555 ? ? ? ? ? ? ?            1.585 ? ? 
covale10 covale both ? D 5CM 1 "O3'" B ? ? 1_555 D DG  2 P  B ? D 5CM 19 D DG  20 1_555 ? ? ? ? ? ? ?            1.622 ? ? 
covale11 covale both ? D DG  4 "O3'" B ? ? 1_555 D 5CM 5 P  B ? D DG  22 D 5CM 23 1_555 ? ? ? ? ? ? ?            1.603 ? ? 
covale12 covale both ? D 5CM 5 "O3'" B ? ? 1_555 D DG  6 P  B ? D 5CM 23 D DG  24 1_555 ? ? ? ? ? ? ?            1.615 ? ? 
hydrog1  hydrog ?    ? A MCY 1 N3    A ? ? 1_555 B DG  6 N1 A ? A MCY 1  B DG  12 1_555 ? ? ? ? ? ? WATSON-CRICK ?     ? ? 
hydrog2  hydrog ?    ? A MCY 1 N4    A ? ? 1_555 B DG  6 O6 A ? A MCY 1  B DG  12 1_555 ? ? ? ? ? ? WATSON-CRICK ?     ? ? 
hydrog3  hydrog ?    ? A MCY 1 O2    A ? ? 1_555 B DG  6 N2 A ? A MCY 1  B DG  12 1_555 ? ? ? ? ? ? WATSON-CRICK ?     ? ? 
hydrog4  hydrog ?    ? A DG  2 N1    A ? ? 1_555 B 5CM 5 N3 A ? A DG  2  B 5CM 11 1_555 ? ? ? ? ? ? WATSON-CRICK ?     ? ? 
hydrog5  hydrog ?    ? A DG  2 N2    A ? ? 1_555 B 5CM 5 O2 A ? A DG  2  B 5CM 11 1_555 ? ? ? ? ? ? WATSON-CRICK ?     ? ? 
hydrog6  hydrog ?    ? A DG  2 O6    A ? ? 1_555 B 5CM 5 N4 A ? A DG  2  B 5CM 11 1_555 ? ? ? ? ? ? WATSON-CRICK ?     ? ? 
hydrog7  hydrog ?    ? A DG  3 N1    A ? ? 1_555 B DC  4 N3 A ? A DG  3  B DC  10 1_555 ? ? ? ? ? ? WATSON-CRICK ?     ? ? 
hydrog8  hydrog ?    ? A DG  3 N2    A ? ? 1_555 B DC  4 O2 A ? A DG  3  B DC  10 1_555 ? ? ? ? ? ? WATSON-CRICK ?     ? ? 
hydrog9  hydrog ?    ? A DG  3 O6    A ? ? 1_555 B DC  4 N4 A ? A DG  3  B DC  10 1_555 ? ? ? ? ? ? WATSON-CRICK ?     ? ? 
hydrog10 hydrog ?    ? A DG  4 N1    A ? ? 1_555 B DC  3 N3 A ? A DG  4  B DC  9  1_555 ? ? ? ? ? ? WATSON-CRICK ?     ? ? 
hydrog11 hydrog ?    ? A DG  4 N2    A ? ? 1_555 B DC  3 O2 A ? A DG  4  B DC  9  1_555 ? ? ? ? ? ? WATSON-CRICK ?     ? ? 
hydrog12 hydrog ?    ? A DG  4 O6    A ? ? 1_555 B DC  3 N4 A ? A DG  4  B DC  9  1_555 ? ? ? ? ? ? WATSON-CRICK ?     ? ? 
hydrog13 hydrog ?    ? A 5CM 5 N3    A ? ? 1_555 B DG  2 N1 A ? A 5CM 5  B DG  8  1_555 ? ? ? ? ? ? WATSON-CRICK ?     ? ? 
hydrog14 hydrog ?    ? A 5CM 5 N4    A ? ? 1_555 B DG  2 O6 A ? A 5CM 5  B DG  8  1_555 ? ? ? ? ? ? WATSON-CRICK ?     ? ? 
hydrog15 hydrog ?    ? A 5CM 5 O2    A ? ? 1_555 B DG  2 N2 A ? A 5CM 5  B DG  8  1_555 ? ? ? ? ? ? WATSON-CRICK ?     ? ? 
hydrog16 hydrog ?    ? A DG  6 N1    A ? ? 1_555 B MCY 1 N3 A ? A DG  6  B MCY 7  1_555 ? ? ? ? ? ? WATSON-CRICK ?     ? ? 
hydrog17 hydrog ?    ? A DG  6 N2    A ? ? 1_555 B MCY 1 O2 A ? A DG  6  B MCY 7  1_555 ? ? ? ? ? ? WATSON-CRICK ?     ? ? 
hydrog18 hydrog ?    ? A DG  6 O6    A ? ? 1_555 B MCY 1 N4 A ? A DG  6  B MCY 7  1_555 ? ? ? ? ? ? WATSON-CRICK ?     ? ? 
# 
loop_
_struct_conn_type.id 
_struct_conn_type.criteria 
_struct_conn_type.reference 
covale ? ? 
hydrog ? ? 
# 
loop_
_pdbx_validate_close_contact.id 
_pdbx_validate_close_contact.PDB_model_num 
_pdbx_validate_close_contact.auth_atom_id_1 
_pdbx_validate_close_contact.auth_asym_id_1 
_pdbx_validate_close_contact.auth_comp_id_1 
_pdbx_validate_close_contact.auth_seq_id_1 
_pdbx_validate_close_contact.PDB_ins_code_1 
_pdbx_validate_close_contact.label_alt_id_1 
_pdbx_validate_close_contact.auth_atom_id_2 
_pdbx_validate_close_contact.auth_asym_id_2 
_pdbx_validate_close_contact.auth_comp_id_2 
_pdbx_validate_close_contact.auth_seq_id_2 
_pdbx_validate_close_contact.PDB_ins_code_2 
_pdbx_validate_close_contact.label_alt_id_2 
_pdbx_validate_close_contact.dist 
1 1 O  B HOH 25 ? ? H2 B HOH 46 ? ? 1.44 
2 1 H2 D HOH 56 ? ? O  D HOH 57 ? ? 1.45 
3 1 H2 A HOH 53 ? ? O  C HOH 54 ? ? 1.56 
# 
_pdbx_validate_rmsd_bond.id                        1 
_pdbx_validate_rmsd_bond.PDB_model_num             1 
_pdbx_validate_rmsd_bond.auth_atom_id_1            C8 
_pdbx_validate_rmsd_bond.auth_asym_id_1            A 
_pdbx_validate_rmsd_bond.auth_comp_id_1            DG 
_pdbx_validate_rmsd_bond.auth_seq_id_1             4 
_pdbx_validate_rmsd_bond.PDB_ins_code_1            ? 
_pdbx_validate_rmsd_bond.label_alt_id_1            A 
_pdbx_validate_rmsd_bond.auth_atom_id_2            N9 
_pdbx_validate_rmsd_bond.auth_asym_id_2            A 
_pdbx_validate_rmsd_bond.auth_comp_id_2            DG 
_pdbx_validate_rmsd_bond.auth_seq_id_2             4 
_pdbx_validate_rmsd_bond.PDB_ins_code_2            ? 
_pdbx_validate_rmsd_bond.label_alt_id_2            A 
_pdbx_validate_rmsd_bond.bond_value                1.328 
_pdbx_validate_rmsd_bond.bond_target_value         1.374 
_pdbx_validate_rmsd_bond.bond_deviation            -0.046 
_pdbx_validate_rmsd_bond.bond_standard_deviation   0.007 
_pdbx_validate_rmsd_bond.linker_flag               N 
# 
loop_
_pdbx_validate_rmsd_angle.id 
_pdbx_validate_rmsd_angle.PDB_model_num 
_pdbx_validate_rmsd_angle.auth_atom_id_1 
_pdbx_validate_rmsd_angle.auth_asym_id_1 
_pdbx_validate_rmsd_angle.auth_comp_id_1 
_pdbx_validate_rmsd_angle.auth_seq_id_1 
_pdbx_validate_rmsd_angle.PDB_ins_code_1 
_pdbx_validate_rmsd_angle.label_alt_id_1 
_pdbx_validate_rmsd_angle.auth_atom_id_2 
_pdbx_validate_rmsd_angle.auth_asym_id_2 
_pdbx_validate_rmsd_angle.auth_comp_id_2 
_pdbx_validate_rmsd_angle.auth_seq_id_2 
_pdbx_validate_rmsd_angle.PDB_ins_code_2 
_pdbx_validate_rmsd_angle.label_alt_id_2 
_pdbx_validate_rmsd_angle.auth_atom_id_3 
_pdbx_validate_rmsd_angle.auth_asym_id_3 
_pdbx_validate_rmsd_angle.auth_comp_id_3 
_pdbx_validate_rmsd_angle.auth_seq_id_3 
_pdbx_validate_rmsd_angle.PDB_ins_code_3 
_pdbx_validate_rmsd_angle.label_alt_id_3 
_pdbx_validate_rmsd_angle.angle_value 
_pdbx_validate_rmsd_angle.angle_target_value 
_pdbx_validate_rmsd_angle.angle_deviation 
_pdbx_validate_rmsd_angle.angle_standard_deviation 
_pdbx_validate_rmsd_angle.linker_flag 
1  1 N7    A DG  2  ? A C8    A DG  2  ? A N9    A DG 2  ? A 116.14 113.10 3.04  0.50 N 
2  1 "C3'" A DG  2  ? A "O3'" A DG  2  ? A P     A DG 3  ? A 127.78 119.70 8.08  1.20 Y 
3  1 "O4'" A DG  4  ? A "C1'" A DG  4  ? A N9    A DG 4  ? A 102.41 108.00 -5.59 0.70 N 
4  1 "O4'" A DG  6  ? A "C4'" A DG  6  ? A "C3'" A DG 6  ? A 109.79 106.00 3.79  0.60 N 
5  1 "C4'" A DG  6  ? A "C3'" A DG  6  ? A "C2'" A DG 6  ? A 97.49  102.20 -4.71 0.70 N 
6  1 N7    A DG  6  ? A C8    A DG  6  ? A N9    A DG 6  ? A 116.65 113.10 3.55  0.50 N 
7  1 "O4'" B DG  8  ? A "C1'" B DG  8  ? A "C2'" B DG 8  ? A 110.25 106.80 3.45  0.50 N 
8  1 "C3'" B 5CM 11 ? A "O3'" B 5CM 11 ? A P     B DG 12 ? A 128.35 119.70 8.65  1.20 Y 
9  1 N7    C DG  14 ? B C8    C DG  14 ? B N9    C DG 14 ? B 116.60 113.10 3.50  0.50 N 
10 1 "O4'" C DC  15 ? B "C1'" C DC  15 ? B N1    C DC 15 ? B 110.68 108.30 2.38  0.30 N 
11 1 "O4'" C DC  16 ? B "C1'" C DC  16 ? B N1    C DC 16 ? B 111.83 108.30 3.53  0.30 N 
12 1 "C3'" D 5CM 19 ? B "O3'" D 5CM 19 ? B P     D DG 20 ? B 128.30 119.70 8.60  1.20 Y 
13 1 "O4'" D DG  20 ? B "C1'" D DG  20 ? B N9    D DG 20 ? B 110.71 108.30 2.41  0.30 N 
14 1 N7    D DG  20 ? B C8    D DG  20 ? B N9    D DG 20 ? B 116.10 113.10 3.00  0.50 N 
15 1 N7    D DG  21 ? B C8    D DG  21 ? B N9    D DG 21 ? B 116.37 113.10 3.27  0.50 N 
16 1 N7    D DG  22 ? B C8    D DG  22 ? B N9    D DG 22 ? B 116.57 113.10 3.47  0.50 N 
# 
_pdbx_validate_planes.id              1 
_pdbx_validate_planes.PDB_model_num   1 
_pdbx_validate_planes.auth_comp_id    DG 
_pdbx_validate_planes.auth_asym_id    A 
_pdbx_validate_planes.auth_seq_id     2 
_pdbx_validate_planes.PDB_ins_code    ? 
_pdbx_validate_planes.label_alt_id    A 
_pdbx_validate_planes.rmsd            0.063 
_pdbx_validate_planes.type            'SIDE CHAIN' 
# 
loop_
_pdbx_struct_mod_residue.id 
_pdbx_struct_mod_residue.label_asym_id 
_pdbx_struct_mod_residue.label_comp_id 
_pdbx_struct_mod_residue.label_seq_id 
_pdbx_struct_mod_residue.auth_asym_id 
_pdbx_struct_mod_residue.auth_comp_id 
_pdbx_struct_mod_residue.auth_seq_id 
_pdbx_struct_mod_residue.PDB_ins_code 
_pdbx_struct_mod_residue.parent_comp_id 
_pdbx_struct_mod_residue.details 
1 A MCY 1 A MCY 1  ? DC "5-METHYL-2'-DEOXYCYTIDINE" 
2 A 5CM 5 A 5CM 5  ? DC ?                           
3 B MCY 1 B MCY 7  ? DC "5-METHYL-2'-DEOXYCYTIDINE" 
4 B 5CM 5 B 5CM 11 ? DC ?                           
5 C MCY 1 C MCY 13 ? DC "5-METHYL-2'-DEOXYCYTIDINE" 
6 C 5CM 5 C 5CM 17 ? DC ?                           
7 D 5CM 1 D 5CM 19 ? DC ?                           
8 D 5CM 5 D 5CM 23 ? DC ?                           
# 
loop_
_chem_comp_atom.comp_id 
_chem_comp_atom.atom_id 
_chem_comp_atom.type_symbol 
_chem_comp_atom.pdbx_aromatic_flag 
_chem_comp_atom.pdbx_stereo_config 
_chem_comp_atom.pdbx_ordinal 
5CM N1     N N N 1   
5CM C2     C N N 2   
5CM N3     N N N 3   
5CM C4     C N N 4   
5CM C5     C N N 5   
5CM C5A    C N N 6   
5CM C6     C N N 7   
5CM O2     O N N 8   
5CM N4     N N N 9   
5CM "C1'"  C N R 10  
5CM "C2'"  C N N 11  
5CM "C3'"  C N S 12  
5CM "C4'"  C N R 13  
5CM "O4'"  O N N 14  
5CM "O3'"  O N N 15  
5CM "C5'"  C N N 16  
5CM "O5'"  O N N 17  
5CM P      P N N 18  
5CM OP1    O N N 19  
5CM OP2    O N N 20  
5CM OP3    O N N 21  
5CM H5A1   H N N 22  
5CM H5A2   H N N 23  
5CM H5A3   H N N 24  
5CM H6     H N N 25  
5CM HN41   H N N 26  
5CM HN42   H N N 27  
5CM "H1'"  H N N 28  
5CM "H2'"  H N N 29  
5CM "H2''" H N N 30  
5CM "H3'"  H N N 31  
5CM "H4'"  H N N 32  
5CM "HO3'" H N N 33  
5CM "H5'"  H N N 34  
5CM "H5''" H N N 35  
5CM HOP2   H N N 36  
5CM HOP3   H N N 37  
DC  OP3    O N N 38  
DC  P      P N N 39  
DC  OP1    O N N 40  
DC  OP2    O N N 41  
DC  "O5'"  O N N 42  
DC  "C5'"  C N N 43  
DC  "C4'"  C N R 44  
DC  "O4'"  O N N 45  
DC  "C3'"  C N S 46  
DC  "O3'"  O N N 47  
DC  "C2'"  C N N 48  
DC  "C1'"  C N R 49  
DC  N1     N N N 50  
DC  C2     C N N 51  
DC  O2     O N N 52  
DC  N3     N N N 53  
DC  C4     C N N 54  
DC  N4     N N N 55  
DC  C5     C N N 56  
DC  C6     C N N 57  
DC  HOP3   H N N 58  
DC  HOP2   H N N 59  
DC  "H5'"  H N N 60  
DC  "H5''" H N N 61  
DC  "H4'"  H N N 62  
DC  "H3'"  H N N 63  
DC  "HO3'" H N N 64  
DC  "H2'"  H N N 65  
DC  "H2''" H N N 66  
DC  "H1'"  H N N 67  
DC  H41    H N N 68  
DC  H42    H N N 69  
DC  H5     H N N 70  
DC  H6     H N N 71  
DG  OP3    O N N 72  
DG  P      P N N 73  
DG  OP1    O N N 74  
DG  OP2    O N N 75  
DG  "O5'"  O N N 76  
DG  "C5'"  C N N 77  
DG  "C4'"  C N R 78  
DG  "O4'"  O N N 79  
DG  "C3'"  C N S 80  
DG  "O3'"  O N N 81  
DG  "C2'"  C N N 82  
DG  "C1'"  C N R 83  
DG  N9     N Y N 84  
DG  C8     C Y N 85  
DG  N7     N Y N 86  
DG  C5     C Y N 87  
DG  C6     C N N 88  
DG  O6     O N N 89  
DG  N1     N N N 90  
DG  C2     C N N 91  
DG  N2     N N N 92  
DG  N3     N N N 93  
DG  C4     C Y N 94  
DG  HOP3   H N N 95  
DG  HOP2   H N N 96  
DG  "H5'"  H N N 97  
DG  "H5''" H N N 98  
DG  "H4'"  H N N 99  
DG  "H3'"  H N N 100 
DG  "HO3'" H N N 101 
DG  "H2'"  H N N 102 
DG  "H2''" H N N 103 
DG  "H1'"  H N N 104 
DG  H8     H N N 105 
DG  H1     H N N 106 
DG  H21    H N N 107 
DG  H22    H N N 108 
HOH O      O N N 109 
HOH H1     H N N 110 
HOH H2     H N N 111 
MCY N1     N N N 112 
MCY C2     C N N 113 
MCY N3     N N N 114 
MCY C4     C N N 115 
MCY C5     C N N 116 
MCY C6     C N N 117 
MCY O2     O N N 118 
MCY N4     N N N 119 
MCY "C1'"  C N R 120 
MCY "C2'"  C N N 121 
MCY "C3'"  C N S 122 
MCY "C4'"  C N R 123 
MCY "O4'"  O N N 124 
MCY "O3'"  O N N 125 
MCY "C5'"  C N N 126 
MCY "O5'"  O N N 127 
MCY C5A    C N N 128 
MCY H6     H N N 129 
MCY HN41   H N N 130 
MCY HN42   H N N 131 
MCY "H1'"  H N N 132 
MCY "H2'"  H N N 133 
MCY "H2''" H N N 134 
MCY "H3'"  H N N 135 
MCY "H4'"  H N N 136 
MCY "HO3'" H N N 137 
MCY "H5'"  H N N 138 
MCY "H5''" H N N 139 
MCY "HO5'" H N N 140 
MCY H5A1   H N N 141 
MCY H5A2   H N N 142 
MCY H5A3   H N N 143 
# 
loop_
_chem_comp_bond.comp_id 
_chem_comp_bond.atom_id_1 
_chem_comp_bond.atom_id_2 
_chem_comp_bond.value_order 
_chem_comp_bond.pdbx_aromatic_flag 
_chem_comp_bond.pdbx_stereo_config 
_chem_comp_bond.pdbx_ordinal 
5CM N1    C2     sing N N 1   
5CM N1    C6     sing N N 2   
5CM N1    "C1'"  sing N N 3   
5CM C2    N3     sing N N 4   
5CM C2    O2     doub N N 5   
5CM N3    C4     doub N N 6   
5CM C4    C5     sing N N 7   
5CM C4    N4     sing N N 8   
5CM C5    C5A    sing N N 9   
5CM C5    C6     doub N N 10  
5CM C5A   H5A1   sing N N 11  
5CM C5A   H5A2   sing N N 12  
5CM C5A   H5A3   sing N N 13  
5CM C6    H6     sing N N 14  
5CM N4    HN41   sing N N 15  
5CM N4    HN42   sing N N 16  
5CM "C1'" "C2'"  sing N N 17  
5CM "C1'" "O4'"  sing N N 18  
5CM "C1'" "H1'"  sing N N 19  
5CM "C2'" "C3'"  sing N N 20  
5CM "C2'" "H2'"  sing N N 21  
5CM "C2'" "H2''" sing N N 22  
5CM "C3'" "C4'"  sing N N 23  
5CM "C3'" "O3'"  sing N N 24  
5CM "C3'" "H3'"  sing N N 25  
5CM "C4'" "O4'"  sing N N 26  
5CM "C4'" "C5'"  sing N N 27  
5CM "C4'" "H4'"  sing N N 28  
5CM "O3'" "HO3'" sing N N 29  
5CM "C5'" "O5'"  sing N N 30  
5CM "C5'" "H5'"  sing N N 31  
5CM "C5'" "H5''" sing N N 32  
5CM "O5'" P      sing N N 33  
5CM P     OP1    doub N N 34  
5CM P     OP2    sing N N 35  
5CM P     OP3    sing N N 36  
5CM OP2   HOP2   sing N N 37  
5CM OP3   HOP3   sing N N 38  
DC  OP3   P      sing N N 39  
DC  OP3   HOP3   sing N N 40  
DC  P     OP1    doub N N 41  
DC  P     OP2    sing N N 42  
DC  P     "O5'"  sing N N 43  
DC  OP2   HOP2   sing N N 44  
DC  "O5'" "C5'"  sing N N 45  
DC  "C5'" "C4'"  sing N N 46  
DC  "C5'" "H5'"  sing N N 47  
DC  "C5'" "H5''" sing N N 48  
DC  "C4'" "O4'"  sing N N 49  
DC  "C4'" "C3'"  sing N N 50  
DC  "C4'" "H4'"  sing N N 51  
DC  "O4'" "C1'"  sing N N 52  
DC  "C3'" "O3'"  sing N N 53  
DC  "C3'" "C2'"  sing N N 54  
DC  "C3'" "H3'"  sing N N 55  
DC  "O3'" "HO3'" sing N N 56  
DC  "C2'" "C1'"  sing N N 57  
DC  "C2'" "H2'"  sing N N 58  
DC  "C2'" "H2''" sing N N 59  
DC  "C1'" N1     sing N N 60  
DC  "C1'" "H1'"  sing N N 61  
DC  N1    C2     sing N N 62  
DC  N1    C6     sing N N 63  
DC  C2    O2     doub N N 64  
DC  C2    N3     sing N N 65  
DC  N3    C4     doub N N 66  
DC  C4    N4     sing N N 67  
DC  C4    C5     sing N N 68  
DC  N4    H41    sing N N 69  
DC  N4    H42    sing N N 70  
DC  C5    C6     doub N N 71  
DC  C5    H5     sing N N 72  
DC  C6    H6     sing N N 73  
DG  OP3   P      sing N N 74  
DG  OP3   HOP3   sing N N 75  
DG  P     OP1    doub N N 76  
DG  P     OP2    sing N N 77  
DG  P     "O5'"  sing N N 78  
DG  OP2   HOP2   sing N N 79  
DG  "O5'" "C5'"  sing N N 80  
DG  "C5'" "C4'"  sing N N 81  
DG  "C5'" "H5'"  sing N N 82  
DG  "C5'" "H5''" sing N N 83  
DG  "C4'" "O4'"  sing N N 84  
DG  "C4'" "C3'"  sing N N 85  
DG  "C4'" "H4'"  sing N N 86  
DG  "O4'" "C1'"  sing N N 87  
DG  "C3'" "O3'"  sing N N 88  
DG  "C3'" "C2'"  sing N N 89  
DG  "C3'" "H3'"  sing N N 90  
DG  "O3'" "HO3'" sing N N 91  
DG  "C2'" "C1'"  sing N N 92  
DG  "C2'" "H2'"  sing N N 93  
DG  "C2'" "H2''" sing N N 94  
DG  "C1'" N9     sing N N 95  
DG  "C1'" "H1'"  sing N N 96  
DG  N9    C8     sing Y N 97  
DG  N9    C4     sing Y N 98  
DG  C8    N7     doub Y N 99  
DG  C8    H8     sing N N 100 
DG  N7    C5     sing Y N 101 
DG  C5    C6     sing N N 102 
DG  C5    C4     doub Y N 103 
DG  C6    O6     doub N N 104 
DG  C6    N1     sing N N 105 
DG  N1    C2     sing N N 106 
DG  N1    H1     sing N N 107 
DG  C2    N2     sing N N 108 
DG  C2    N3     doub N N 109 
DG  N2    H21    sing N N 110 
DG  N2    H22    sing N N 111 
DG  N3    C4     sing N N 112 
HOH O     H1     sing N N 113 
HOH O     H2     sing N N 114 
MCY N1    C2     sing N N 115 
MCY N1    C6     sing N N 116 
MCY N1    "C1'"  sing N N 117 
MCY C2    N3     sing N N 118 
MCY C2    O2     doub N N 119 
MCY N3    C4     doub N N 120 
MCY C4    C5     sing N N 121 
MCY C4    N4     sing N N 122 
MCY C5    C6     doub N N 123 
MCY C5    C5A    sing N N 124 
MCY C6    H6     sing N N 125 
MCY N4    HN41   sing N N 126 
MCY N4    HN42   sing N N 127 
MCY "C1'" "C2'"  sing N N 128 
MCY "C1'" "O4'"  sing N N 129 
MCY "C1'" "H1'"  sing N N 130 
MCY "C2'" "C3'"  sing N N 131 
MCY "C2'" "H2'"  sing N N 132 
MCY "C2'" "H2''" sing N N 133 
MCY "C3'" "C4'"  sing N N 134 
MCY "C3'" "O3'"  sing N N 135 
MCY "C3'" "H3'"  sing N N 136 
MCY "C4'" "O4'"  sing N N 137 
MCY "C4'" "C5'"  sing N N 138 
MCY "C4'" "H4'"  sing N N 139 
MCY "O3'" "HO3'" sing N N 140 
MCY "C5'" "O5'"  sing N N 141 
MCY "C5'" "H5'"  sing N N 142 
MCY "C5'" "H5''" sing N N 143 
MCY "O5'" "HO5'" sing N N 144 
MCY C5A   H5A1   sing N N 145 
MCY C5A   H5A2   sing N N 146 
MCY C5A   H5A3   sing N N 147 
# 
_ndb_struct_conf_na.entry_id   145D 
_ndb_struct_conf_na.feature    'double helix' 
# 
loop_
_ndb_struct_na_base_pair.model_number 
_ndb_struct_na_base_pair.i_label_asym_id 
_ndb_struct_na_base_pair.i_label_comp_id 
_ndb_struct_na_base_pair.i_label_seq_id 
_ndb_struct_na_base_pair.i_symmetry 
_ndb_struct_na_base_pair.j_label_asym_id 
_ndb_struct_na_base_pair.j_label_comp_id 
_ndb_struct_na_base_pair.j_label_seq_id 
_ndb_struct_na_base_pair.j_symmetry 
_ndb_struct_na_base_pair.shear 
_ndb_struct_na_base_pair.stretch 
_ndb_struct_na_base_pair.stagger 
_ndb_struct_na_base_pair.buckle 
_ndb_struct_na_base_pair.propeller 
_ndb_struct_na_base_pair.opening 
_ndb_struct_na_base_pair.pair_number 
_ndb_struct_na_base_pair.pair_name 
_ndb_struct_na_base_pair.i_auth_asym_id 
_ndb_struct_na_base_pair.i_auth_seq_id 
_ndb_struct_na_base_pair.i_PDB_ins_code 
_ndb_struct_na_base_pair.j_auth_asym_id 
_ndb_struct_na_base_pair.j_auth_seq_id 
_ndb_struct_na_base_pair.j_PDB_ins_code 
_ndb_struct_na_base_pair.hbond_type_28 
_ndb_struct_na_base_pair.hbond_type_12 
1 A MCY 1 1_555 B DG  6 1_555 -0.403 -0.109 0.007  3.039  0.768  -1.153 1 A_MCY1:DG12_B A 1 ? B 12 ? 19 1 
1 A DG  2 1_555 B 5CM 5 1_555 0.431  -0.291 0.112  -2.423 0.384  2.615  2 A_DG2:5CM11_B A 2 ? B 11 ? 19 1 
1 A DG  3 1_555 B DC  4 1_555 0.033  -0.119 0.617  13.709 0.078  3.019  3 A_DG3:DC10_B  A 3 ? B 10 ? 19 1 
1 A DG  4 1_555 B DC  3 1_555 0.378  -0.154 -0.014 -6.824 0.879  3.078  4 A_DG4:DC9_B   A 4 ? B 9  ? 19 1 
1 A 5CM 5 1_555 B DG  2 1_555 -0.302 -0.100 -0.015 4.290  -3.670 1.472  5 A_5CM5:DG8_B  A 5 ? B 8  ? 19 1 
1 A DG  6 1_555 B MCY 1 1_555 0.190  -0.124 -0.096 -3.420 -3.102 2.757  6 A_DG6:MCY7_B  A 6 ? B 7  ? 19 1 
# 
loop_
_ndb_struct_na_base_pair_step.model_number 
_ndb_struct_na_base_pair_step.i_label_asym_id_1 
_ndb_struct_na_base_pair_step.i_label_comp_id_1 
_ndb_struct_na_base_pair_step.i_label_seq_id_1 
_ndb_struct_na_base_pair_step.i_symmetry_1 
_ndb_struct_na_base_pair_step.j_label_asym_id_1 
_ndb_struct_na_base_pair_step.j_label_comp_id_1 
_ndb_struct_na_base_pair_step.j_label_seq_id_1 
_ndb_struct_na_base_pair_step.j_symmetry_1 
_ndb_struct_na_base_pair_step.i_label_asym_id_2 
_ndb_struct_na_base_pair_step.i_label_comp_id_2 
_ndb_struct_na_base_pair_step.i_label_seq_id_2 
_ndb_struct_na_base_pair_step.i_symmetry_2 
_ndb_struct_na_base_pair_step.j_label_asym_id_2 
_ndb_struct_na_base_pair_step.j_label_comp_id_2 
_ndb_struct_na_base_pair_step.j_label_seq_id_2 
_ndb_struct_na_base_pair_step.j_symmetry_2 
_ndb_struct_na_base_pair_step.shift 
_ndb_struct_na_base_pair_step.slide 
_ndb_struct_na_base_pair_step.rise 
_ndb_struct_na_base_pair_step.tilt 
_ndb_struct_na_base_pair_step.roll 
_ndb_struct_na_base_pair_step.twist 
_ndb_struct_na_base_pair_step.x_displacement 
_ndb_struct_na_base_pair_step.y_displacement 
_ndb_struct_na_base_pair_step.helical_rise 
_ndb_struct_na_base_pair_step.inclination 
_ndb_struct_na_base_pair_step.tip 
_ndb_struct_na_base_pair_step.helical_twist 
_ndb_struct_na_base_pair_step.step_number 
_ndb_struct_na_base_pair_step.step_name 
_ndb_struct_na_base_pair_step.i_auth_asym_id_1 
_ndb_struct_na_base_pair_step.i_auth_seq_id_1 
_ndb_struct_na_base_pair_step.i_PDB_ins_code_1 
_ndb_struct_na_base_pair_step.j_auth_asym_id_1 
_ndb_struct_na_base_pair_step.j_auth_seq_id_1 
_ndb_struct_na_base_pair_step.j_PDB_ins_code_1 
_ndb_struct_na_base_pair_step.i_auth_asym_id_2 
_ndb_struct_na_base_pair_step.i_auth_seq_id_2 
_ndb_struct_na_base_pair_step.i_PDB_ins_code_2 
_ndb_struct_na_base_pair_step.j_auth_asym_id_2 
_ndb_struct_na_base_pair_step.j_auth_seq_id_2 
_ndb_struct_na_base_pair_step.j_PDB_ins_code_2 
1 A MCY 1 1_555 B DG  6 1_555 A DG  2 1_555 B 5CM 5 1_555 0.190  5.575  3.703 -0.992 -0.208 -9.990  -31.407 -1.039 3.819 1.192  
-5.676 -10.042 1 AA_MCY1DG2:5CM11DG12_BB A 1 ? B 12 ? A 2 ? B 11 ? 
1 A DG  2 1_555 B 5CM 5 1_555 A DG  3 1_555 B DC  4 1_555 0.210  -0.906 3.106 -2.247 0.878  -49.732 1.015   0.093  3.126 -1.043 
-2.670 -49.786 2 AA_DG2DG3:DC105CM11_BB  A 2 ? B 11 ? A 3 ? B 10 ? 
1 A DG  3 1_555 B DC  4 1_555 A DG  4 1_555 B DC  3 1_555 -0.004 5.727  4.272 3.763  -2.366 -10.660 -23.507 7.863  5.116 12.069 
19.195 -11.547 3 AA_DG3DG4:DC9DC10_BB    A 3 ? B 10 ? A 4 ? B 9  ? 
1 A DG  4 1_555 B DC  3 1_555 A 5CM 5 1_555 B DG  2 1_555 -0.358 -1.026 3.360 0.772  0.171  -50.452 1.191   -0.364 3.368 -0.201 
0.905  -50.458 4 AA_DG45CM5:DG8DC9_BB    A 4 ? B 9  ? A 5 ? B 8  ? 
1 A 5CM 5 1_555 B DG  2 1_555 A DG  6 1_555 B MCY 1 1_555 0.096  5.494  3.675 1.191  -4.344 -10.756 -18.395 2.843  5.422 21.952 
6.017  -11.659 5 AA_5CM5DG6:MCY7DG8_BB   A 5 ? B 8  ? A 6 ? B 7  ? 
# 
_atom_sites.entry_id                    145D 
_atom_sites.fract_transf_matrix[1][1]   -0.00135071 
_atom_sites.fract_transf_matrix[1][2]   -0.03591011 
_atom_sites.fract_transf_matrix[1][3]   0.04291667 
_atom_sites.fract_transf_matrix[2][1]   0.02194682 
_atom_sites.fract_transf_matrix[2][2]   -0.01866101 
_atom_sites.fract_transf_matrix[2][3]   -0.01492369 
_atom_sites.fract_transf_matrix[3][1]   0.01643176 
_atom_sites.fract_transf_matrix[3][2]   0.01132991 
_atom_sites.fract_transf_matrix[3][3]   0.00999735 
_atom_sites.fract_transf_vector[1]      0.780554 
_atom_sites.fract_transf_vector[2]      0.503647 
_atom_sites.fract_transf_vector[3]      0.631290 
# 
loop_
_atom_type.symbol 
C 
H 
N 
O 
P 
# 
loop_
_atom_site.group_PDB 
_atom_site.id 
_atom_site.type_symbol 
_atom_site.label_atom_id 
_atom_site.label_alt_id 
_atom_site.label_comp_id 
_atom_site.label_asym_id 
_atom_site.label_entity_id 
_atom_site.label_seq_id 
_atom_site.pdbx_PDB_ins_code 
_atom_site.Cartn_x 
_atom_site.Cartn_y 
_atom_site.Cartn_z 
_atom_site.occupancy 
_atom_site.B_iso_or_equiv 
_atom_site.pdbx_formal_charge 
_atom_site.auth_seq_id 
_atom_site.auth_comp_id 
_atom_site.auth_asym_id 
_atom_site.auth_atom_id 
_atom_site.pdbx_PDB_model_num 
HETATM 1   N N1     A MCY A 1 1 ? -5.213  -6.952  -4.037  0.65 8.96  ? 1  MCY A N1     1 
HETATM 2   C C2     A MCY A 1 1 ? -5.382  -6.095  -5.097  0.65 8.88  ? 1  MCY A C2     1 
HETATM 3   N N3     A MCY A 1 1 ? -4.698  -6.308  -6.229  0.65 8.48  ? 1  MCY A N3     1 
HETATM 4   C C4     A MCY A 1 1 ? -3.892  -7.361  -6.336  0.65 8.42  ? 1  MCY A C4     1 
HETATM 5   C C5     A MCY A 1 1 ? -3.713  -8.288  -5.255  0.65 8.59  ? 1  MCY A C5     1 
HETATM 6   C C6     A MCY A 1 1 ? -4.381  -8.036  -4.123  0.65 8.77  ? 1  MCY A C6     1 
HETATM 7   O O2     A MCY A 1 1 ? -6.179  -5.173  -5.073  0.65 8.82  ? 1  MCY A O2     1 
HETATM 8   N N4     A MCY A 1 1 ? -3.277  -7.525  -7.495  0.65 8.37  ? 1  MCY A N4     1 
HETATM 9   C "C1'"  A MCY A 1 1 ? -5.998  -6.663  -2.833  0.65 9.41  ? 1  MCY A "C1'"  1 
HETATM 10  C "C2'"  A MCY A 1 1 ? -7.301  -7.454  -2.792  0.65 9.81  ? 1  MCY A "C2'"  1 
HETATM 11  C "C3'"  A MCY A 1 1 ? -7.595  -7.405  -1.301  0.65 10.32 ? 1  MCY A "C3'"  1 
HETATM 12  C "C4'"  A MCY A 1 1 ? -6.190  -7.516  -0.661  0.65 10.04 ? 1  MCY A "C4'"  1 
HETATM 13  O "O4'"  A MCY A 1 1 ? -5.275  -7.141  -1.698  0.65 9.62  ? 1  MCY A "O4'"  1 
HETATM 14  O "O3'"  A MCY A 1 1 ? -8.157  -6.125  -1.002  0.65 11.24 ? 1  MCY A "O3'"  1 
HETATM 15  C "C5'"  A MCY A 1 1 ? -5.861  -8.893  -0.037  0.65 10.15 ? 1  MCY A "C5'"  1 
HETATM 16  O "O5'"  A MCY A 1 1 ? -5.967  -9.948  -1.013  0.65 10.57 ? 1  MCY A "O5'"  1 
HETATM 17  C C5A    A MCY A 1 1 ? -2.823  -9.520  -5.420  0.65 8.75  ? 1  MCY A C5A    1 
HETATM 18  H H6     A MCY A 1 1 ? -4.255  -8.693  -3.263  0.65 0.00  ? 1  MCY A H6     1 
HETATM 19  H HN41   A MCY A 1 1 ? -2.661  -8.317  -7.648  0.65 15.00 ? 1  MCY A HN41   1 
HETATM 20  H HN42   A MCY A 1 1 ? -3.394  -6.850  -8.240  0.65 15.00 ? 1  MCY A HN42   1 
HETATM 21  H "H1'"  A MCY A 1 1 ? -6.228  -5.601  -2.752  0.65 0.00  ? 1  MCY A "H1'"  1 
HETATM 22  H "H2'"  A MCY A 1 1 ? -7.108  -8.488  -3.085  0.65 0.00  ? 1  MCY A "H2'"  1 
HETATM 23  H "H2''" A MCY A 1 1 ? -8.082  -7.021  -3.420  0.65 0.00  ? 1  MCY A "H2''" 1 
HETATM 24  H "H3'"  A MCY A 1 1 ? -8.234  -8.223  -0.969  0.65 0.00  ? 1  MCY A "H3'"  1 
HETATM 25  H "H4'"  A MCY A 1 1 ? -6.103  -6.759  0.118   0.65 0.00  ? 1  MCY A "H4'"  1 
HETATM 26  H "H5'"  A MCY A 1 1 ? -4.856  -8.888  0.389   0.65 0.00  ? 1  MCY A "H5'"  1 
HETATM 27  H "H5''" A MCY A 1 1 ? -6.581  -9.082  0.760   0.65 0.00  ? 1  MCY A "H5''" 1 
HETATM 28  H "HO5'" A MCY A 1 1 ? -5.759  -9.551  -1.865  0.65 15.00 ? 1  MCY A "HO5'" 1 
HETATM 29  H H5A1   A MCY A 1 1 ? -3.429  -10.411 -5.291  0.65 0.00  ? 1  MCY A H5A1   1 
HETATM 30  H H5A2   A MCY A 1 1 ? -2.030  -9.491  -4.674  0.65 0.00  ? 1  MCY A H5A2   1 
HETATM 31  H H5A3   A MCY A 1 1 ? -2.370  -9.556  -6.406  0.65 0.00  ? 1  MCY A H5A3   1 
ATOM   32  P P      A DG  A 1 2 ? -9.150  -5.878  0.229   0.65 11.95 ? 2  DG  A P      1 
ATOM   33  O OP1    A DG  A 1 2 ? -10.146 -6.962  0.277   0.65 12.11 ? 2  DG  A OP1    1 
ATOM   34  O OP2    A DG  A 1 2 ? -9.594  -4.475  0.133   0.65 12.20 ? 2  DG  A OP2    1 
ATOM   35  O "O5'"  A DG  A 1 2 ? -8.282  -6.043  1.569   0.65 12.24 ? 2  DG  A "O5'"  1 
ATOM   36  C "C5'"  A DG  A 1 2 ? -7.293  -5.082  1.983   0.65 12.57 ? 2  DG  A "C5'"  1 
ATOM   37  C "C4'"  A DG  A 1 2 ? -6.514  -5.639  3.143   0.65 12.85 ? 2  DG  A "C4'"  1 
ATOM   38  O "O4'"  A DG  A 1 2 ? -5.875  -6.838  2.774   0.65 12.77 ? 2  DG  A "O4'"  1 
ATOM   39  C "C3'"  A DG  A 1 2 ? -5.419  -4.669  3.549   0.65 13.11 ? 2  DG  A "C3'"  1 
ATOM   40  O "O3'"  A DG  A 1 2 ? -5.991  -3.982  4.657   0.65 13.77 ? 2  DG  A "O3'"  1 
ATOM   41  C "C2'"  A DG  A 1 2 ? -4.378  -5.572  4.070   0.65 12.89 ? 2  DG  A "C2'"  1 
ATOM   42  C "C1'"  A DG  A 1 2 ? -4.564  -6.841  3.308   0.65 12.54 ? 2  DG  A "C1'"  1 
ATOM   43  N N9     A DG  A 1 2 ? -3.624  -7.084  2.236   0.65 12.20 ? 2  DG  A N9     1 
ATOM   44  C C8     A DG  A 1 2 ? -2.815  -8.153  2.157   0.65 12.14 ? 2  DG  A C8     1 
ATOM   45  N N7     A DG  A 1 2 ? -2.147  -8.282  1.058   0.65 12.14 ? 2  DG  A N7     1 
ATOM   46  C C5     A DG  A 1 2 ? -2.550  -7.148  0.345   0.65 11.88 ? 2  DG  A C5     1 
ATOM   47  C C6     A DG  A 1 2 ? -2.197  -6.755  -0.950  0.65 11.70 ? 2  DG  A C6     1 
ATOM   48  O O6     A DG  A 1 2 ? -1.512  -7.372  -1.753  0.65 11.64 ? 2  DG  A O6     1 
ATOM   49  N N1     A DG  A 1 2 ? -2.790  -5.565  -1.321  0.65 11.52 ? 2  DG  A N1     1 
ATOM   50  C C2     A DG  A 1 2 ? -3.663  -4.853  -0.542  0.65 11.48 ? 2  DG  A C2     1 
ATOM   51  N N2     A DG  A 1 2 ? -4.120  -3.753  -1.083  0.65 11.15 ? 2  DG  A N2     1 
ATOM   52  N N3     A DG  A 1 2 ? -4.032  -5.223  0.686   0.65 11.59 ? 2  DG  A N3     1 
ATOM   53  C C4     A DG  A 1 2 ? -3.434  -6.384  1.067   0.65 11.95 ? 2  DG  A C4     1 
ATOM   54  H "H5'"  A DG  A 1 2 ? -7.754  -4.145  2.303   0.65 0.00  ? 2  DG  A "H5'"  1 
ATOM   55  H "H5''" A DG  A 1 2 ? -6.598  -4.894  1.161   0.65 0.00  ? 2  DG  A "H5''" 1 
ATOM   56  H "H4'"  A DG  A 1 2 ? -7.171  -5.814  3.998   0.65 0.00  ? 2  DG  A "H4'"  1 
ATOM   57  H "H3'"  A DG  A 1 2 ? -5.030  -4.100  2.701   0.65 0.00  ? 2  DG  A "H3'"  1 
ATOM   58  H "H2'"  A DG  A 1 2 ? -3.357  -5.192  4.032   0.65 0.00  ? 2  DG  A "H2'"  1 
ATOM   59  H "H2''" A DG  A 1 2 ? -4.653  -5.745  5.108   0.65 0.00  ? 2  DG  A "H2''" 1 
ATOM   60  H "H1'"  A DG  A 1 2 ? -4.464  -7.663  4.016   0.65 0.00  ? 2  DG  A "H1'"  1 
ATOM   61  H H8     A DG  A 1 2 ? -2.736  -8.876  2.972   0.65 0.00  ? 2  DG  A H8     1 
ATOM   62  H H1     A DG  A 1 2 ? -2.566  -5.258  -2.254  0.65 15.00 ? 2  DG  A H1     1 
ATOM   63  H H21    A DG  A 1 2 ? -4.753  -3.162  -0.556  0.65 15.00 ? 2  DG  A H21    1 
ATOM   64  H H22    A DG  A 1 2 ? -3.859  -3.504  -2.028  0.65 15.00 ? 2  DG  A H22    1 
ATOM   65  P P      A DG  A 1 3 ? -5.438  -2.675  5.391   0.65 14.46 ? 3  DG  A P      1 
ATOM   66  O OP1    A DG  A 1 3 ? -4.318  -3.047  6.317   0.65 14.62 ? 3  DG  A OP1    1 
ATOM   67  O OP2    A DG  A 1 3 ? -6.647  -1.967  5.898   0.65 14.45 ? 3  DG  A OP2    1 
ATOM   68  O "O5'"  A DG  A 1 3 ? -4.768  -1.689  4.302   0.65 13.71 ? 3  DG  A "O5'"  1 
ATOM   69  C "C5'"  A DG  A 1 3 ? -4.554  -0.298  4.638   0.65 12.77 ? 3  DG  A "C5'"  1 
ATOM   70  C "C4'"  A DG  A 1 3 ? -4.073  0.451   3.413   0.65 12.25 ? 3  DG  A "C4'"  1 
ATOM   71  O "O4'"  A DG  A 1 3 ? -2.804  -0.042  3.049   0.65 11.71 ? 3  DG  A "O4'"  1 
ATOM   72  C "C3'"  A DG  A 1 3 ? -4.990  0.260   2.183   0.65 12.01 ? 3  DG  A "C3'"  1 
ATOM   73  O "O3'"  A DG  A 1 3 ? -5.053  1.425   1.388   0.65 12.13 ? 3  DG  A "O3'"  1 
ATOM   74  C "C2'"  A DG  A 1 3 ? -4.261  -0.758  1.358   0.65 11.70 ? 3  DG  A "C2'"  1 
ATOM   75  C "C1'"  A DG  A 1 3 ? -2.826  -0.420  1.678   0.65 11.49 ? 3  DG  A "C1'"  1 
ATOM   76  N N9     A DG  A 1 3 ? -1.995  -1.615  1.565   0.65 11.02 ? 3  DG  A N9     1 
ATOM   77  C C8     A DG  A 1 3 ? -1.744  -2.577  2.490   0.65 10.94 ? 3  DG  A C8     1 
ATOM   78  N N7     A DG  A 1 3 ? -0.986  -3.553  2.090   0.65 10.80 ? 3  DG  A N7     1 
ATOM   79  C C5     A DG  A 1 3 ? -0.708  -3.185  0.765   0.65 10.66 ? 3  DG  A C5     1 
ATOM   80  C C6     A DG  A 1 3 ? 0.070   -3.848  -0.226  0.65 10.50 ? 3  DG  A C6     1 
ATOM   81  O O6     A DG  A 1 3 ? 0.656   -4.916  -0.163  0.65 10.32 ? 3  DG  A O6     1 
ATOM   82  N N1     A DG  A 1 3 ? 0.099   -3.141  -1.403  0.65 10.24 ? 3  DG  A N1     1 
ATOM   83  C C2     A DG  A 1 3 ? -0.551  -1.954  -1.620  0.65 10.38 ? 3  DG  A C2     1 
ATOM   84  N N2     A DG  A 1 3 ? -0.366  -1.398  -2.791  0.65 10.32 ? 3  DG  A N2     1 
ATOM   85  N N3     A DG  A 1 3 ? -1.306  -1.326  -0.707  0.65 10.44 ? 3  DG  A N3     1 
ATOM   86  C C4     A DG  A 1 3 ? -1.323  -1.999  0.453   0.65 10.77 ? 3  DG  A C4     1 
ATOM   87  H "H5'"  A DG  A 1 3 ? -3.849  -0.182  5.462   0.65 0.00  ? 3  DG  A "H5'"  1 
ATOM   88  H "H5''" A DG  A 1 3 ? -5.515  0.149   4.915   0.65 0.00  ? 3  DG  A "H5''" 1 
ATOM   89  H "H4'"  A DG  A 1 3 ? -3.979  1.511   3.648   0.65 0.00  ? 3  DG  A "H4'"  1 
ATOM   90  H "H3'"  A DG  A 1 3 ? -5.987  -0.061  2.485   0.65 0.00  ? 3  DG  A "H3'"  1 
ATOM   91  H "H2'"  A DG  A 1 3 ? -4.499  -1.742  1.753   0.65 0.00  ? 3  DG  A "H2'"  1 
ATOM   92  H "H2''" A DG  A 1 3 ? -4.472  -0.714  0.290   0.65 0.00  ? 3  DG  A "H2''" 1 
ATOM   93  H "H1'"  A DG  A 1 3 ? -2.462  0.391   1.050   0.65 0.00  ? 3  DG  A "H1'"  1 
ATOM   94  H H8     A DG  A 1 3 ? -2.155  -2.540  3.501   0.65 0.00  ? 3  DG  A H8     1 
ATOM   95  H H1     A DG  A 1 3 ? 0.651   -3.539  -2.149  0.65 15.00 ? 3  DG  A H1     1 
ATOM   96  H H21    A DG  A 1 3 ? -0.801  -0.499  -2.968  0.65 15.00 ? 3  DG  A H21    1 
ATOM   97  H H22    A DG  A 1 3 ? 0.205   -1.844  -3.500  0.65 15.00 ? 3  DG  A H22    1 
ATOM   98  P P      A DG  A 1 4 ? -6.146  2.576   1.590   0.65 11.99 ? 4  DG  A P      1 
ATOM   99  O OP1    A DG  A 1 4 ? -7.463  1.962   1.871   0.65 12.28 ? 4  DG  A OP1    1 
ATOM   100 O OP2    A DG  A 1 4 ? -5.978  3.580   0.508   0.65 12.23 ? 4  DG  A OP2    1 
ATOM   101 O "O5'"  A DG  A 1 4 ? -5.705  3.254   2.988   0.65 11.70 ? 4  DG  A "O5'"  1 
ATOM   102 C "C5'"  A DG  A 1 4 ? -4.558  4.123   3.108   0.65 10.99 ? 4  DG  A "C5'"  1 
ATOM   103 C "C4'"  A DG  A 1 4 ? -4.484  4.614   4.526   0.65 10.54 ? 4  DG  A "C4'"  1 
ATOM   104 O "O4'"  A DG  A 1 4 ? -4.513  3.505   5.405   0.65 10.22 ? 4  DG  A "O4'"  1 
ATOM   105 C "C3'"  A DG  A 1 4 ? -3.237  5.421   4.784   0.65 10.46 ? 4  DG  A "C3'"  1 
ATOM   106 O "O3'"  A DG  A 1 4 ? -3.531  6.831   4.663   0.65 10.80 ? 4  DG  A "O3'"  1 
ATOM   107 C "C2'"  A DG  A 1 4 ? -2.984  5.085   6.216   0.65 10.21 ? 4  DG  A "C2'"  1 
ATOM   108 C "C1'"  A DG  A 1 4 ? -3.652  3.781   6.481   0.65 9.98  ? 4  DG  A "C1'"  1 
ATOM   109 N N9     A DG  A 1 4 ? -2.820  2.636   6.507   0.65 9.76  ? 4  DG  A N9     1 
ATOM   110 C C8     A DG  A 1 4 ? -2.761  1.773   7.515   0.65 9.69  ? 4  DG  A C8     1 
ATOM   111 N N7     A DG  A 1 4 ? -1.980  0.775   7.347   0.65 9.80  ? 4  DG  A N7     1 
ATOM   112 C C5     A DG  A 1 4 ? -1.451  1.013   6.080   0.65 9.62  ? 4  DG  A C5     1 
ATOM   113 C C6     A DG  A 1 4 ? -0.542  0.241   5.347   0.65 9.56  ? 4  DG  A C6     1 
ATOM   114 O O6     A DG  A 1 4 ? -0.033  -0.835  5.651   0.65 9.62  ? 4  DG  A O6     1 
ATOM   115 N N1     A DG  A 1 4 ? -0.253  0.791   4.119   0.65 9.44  ? 4  DG  A N1     1 
ATOM   116 C C2     A DG  A 1 4 ? -0.767  1.974   3.646   0.65 9.45  ? 4  DG  A C2     1 
ATOM   117 N N2     A DG  A 1 4 ? -0.342  2.309   2.433   0.65 9.46  ? 4  DG  A N2     1 
ATOM   118 N N3     A DG  A 1 4 ? -1.630  2.737   4.348   0.65 9.50  ? 4  DG  A N3     1 
ATOM   119 C C4     A DG  A 1 4 ? -1.937  2.168   5.548   0.65 9.60  ? 4  DG  A C4     1 
ATOM   120 H "H5'"  A DG  A 1 4 ? -4.656  4.983   2.445   0.65 0.00  ? 4  DG  A "H5'"  1 
ATOM   121 H "H5''" A DG  A 1 4 ? -3.649  3.565   2.867   0.65 0.00  ? 4  DG  A "H5''" 1 
ATOM   122 H "H4'"  A DG  A 1 4 ? -5.332  5.267   4.735   0.65 0.00  ? 4  DG  A "H4'"  1 
ATOM   123 H "H3'"  A DG  A 1 4 ? -2.390  5.052   4.201   0.65 0.00  ? 4  DG  A "H3'"  1 
ATOM   124 H "H2'"  A DG  A 1 4 ? -1.937  5.099   6.505   0.65 0.00  ? 4  DG  A "H2'"  1 
ATOM   125 H "H2''" A DG  A 1 4 ? -3.513  5.858   6.783   0.65 0.00  ? 4  DG  A "H2''" 1 
ATOM   126 H "H1'"  A DG  A 1 4 ? -4.196  3.867   7.425   0.65 0.00  ? 4  DG  A "H1'"  1 
ATOM   127 H H8     A DG  A 1 4 ? -3.334  1.924   8.432   0.65 0.00  ? 4  DG  A H8     1 
ATOM   128 H H1     A DG  A 1 4 ? 0.352   0.231   3.544   0.65 15.00 ? 4  DG  A H1     1 
ATOM   129 H H21    A DG  A 1 4 ? -0.658  3.170   1.997   0.65 15.00 ? 4  DG  A H21    1 
ATOM   130 H H22    A DG  A 1 4 ? 0.273   1.689   1.928   0.65 15.00 ? 4  DG  A H22    1 
HETATM 131 N N1     A 5CM A 1 5 ? 1.813   4.774   4.446   0.65 7.12  ? 5  5CM A N1     1 
HETATM 132 C C2     A 5CM A 1 5 ? 2.548   3.602   4.250   0.65 6.82  ? 5  5CM A C2     1 
HETATM 133 N N3     A 5CM A 1 5 ? 2.551   2.663   5.223   0.65 6.42  ? 5  5CM A N3     1 
HETATM 134 C C4     A 5CM A 1 5 ? 1.870   2.859   6.361   0.65 6.59  ? 5  5CM A C4     1 
HETATM 135 C C5     A 5CM A 1 5 ? 1.136   4.089   6.598   0.65 6.67  ? 5  5CM A C5     1 
HETATM 136 C C5A    A 5CM A 1 5 ? 0.471   4.360   7.960   0.65 6.55  ? 5  5CM A C5A    1 
HETATM 137 C C6     A 5CM A 1 5 ? 1.107   4.989   5.607   0.65 6.83  ? 5  5CM A C6     1 
HETATM 138 O O2     A 5CM A 1 5 ? 3.163   3.403   3.219   0.65 6.47  ? 5  5CM A O2     1 
HETATM 139 N N4     A 5CM A 1 5 ? 1.867   1.862   7.232   0.65 6.33  ? 5  5CM A N4     1 
HETATM 140 C "C1'"  A 5CM A 1 5 ? 1.830   5.760   3.355   0.65 7.80  ? 5  5CM A "C1'"  1 
HETATM 141 C "C2'"  A 5CM A 1 5 ? 0.703   5.540   2.389   0.65 8.27  ? 5  5CM A "C2'"  1 
HETATM 142 C "C3'"  A 5CM A 1 5 ? 0.500   6.923   1.821   0.65 8.66  ? 5  5CM A "C3'"  1 
HETATM 143 C "C4'"  A 5CM A 1 5 ? 0.904   7.868   2.976   0.65 8.66  ? 5  5CM A "C4'"  1 
HETATM 144 O "O4'"  A 5CM A 1 5 ? 1.498   7.017   3.943   0.65 8.21  ? 5  5CM A "O4'"  1 
HETATM 145 O "O3'"  A 5CM A 1 5 ? 1.455   7.074   0.798   0.65 9.08  ? 5  5CM A "O3'"  1 
HETATM 146 C "C5'"  A 5CM A 1 5 ? -0.239  8.675   3.606   0.65 9.35  ? 5  5CM A "C5'"  1 
HETATM 147 O "O5'"  A 5CM A 1 5 ? -1.304  7.787   3.945   0.65 10.48 ? 5  5CM A "O5'"  1 
HETATM 148 P P      A 5CM A 1 5 ? -2.449  7.958   5.086   0.65 10.89 ? 5  5CM A P      1 
HETATM 149 O OP1    A 5CM A 1 5 ? -1.763  7.581   6.328   0.65 11.04 ? 5  5CM A OP1    1 
HETATM 150 O OP2    A 5CM A 1 5 ? -3.022  9.326   4.973   0.65 11.29 ? 5  5CM A OP2    1 
HETATM 151 H H5A1   A 5CM A 1 5 ? -0.587  4.546   7.822   0.65 0.00  ? 5  5CM A H5A1   1 
HETATM 152 H H5A2   A 5CM A 1 5 ? 0.950   5.233   8.401   0.65 0.00  ? 5  5CM A H5A2   1 
HETATM 153 H H5A3   A 5CM A 1 5 ? 0.590   3.511   8.632   0.65 0.00  ? 5  5CM A H5A3   1 
HETATM 154 H H6     A 5CM A 1 5 ? 0.525   5.908   5.718   0.65 0.00  ? 5  5CM A H6     1 
HETATM 155 H HN41   A 5CM A 1 5 ? 1.338   1.922   8.092   0.65 15.00 ? 5  5CM A HN41   1 
HETATM 156 H HN42   A 5CM A 1 5 ? 2.404   1.017   7.065   0.65 15.00 ? 5  5CM A HN42   1 
HETATM 157 H "H1'"  A 5CM A 1 5 ? 2.793   5.774   2.839   0.65 0.00  ? 5  5CM A "H1'"  1 
HETATM 158 H "H2'"  A 5CM A 1 5 ? -0.197  5.278   2.934   0.65 0.00  ? 5  5CM A "H2'"  1 
HETATM 159 H "H2''" A 5CM A 1 5 ? 0.936   4.773   1.650   0.65 0.00  ? 5  5CM A "H2''" 1 
HETATM 160 H "H3'"  A 5CM A 1 5 ? -0.522  7.104   1.479   0.65 0.00  ? 5  5CM A "H3'"  1 
HETATM 161 H "H4'"  A 5CM A 1 5 ? 1.687   8.538   2.622   0.65 0.00  ? 5  5CM A "H4'"  1 
HETATM 162 H "H5'"  A 5CM A 1 5 ? 0.132   9.228   4.468   0.65 0.00  ? 5  5CM A "H5'"  1 
HETATM 163 H "H5''" A 5CM A 1 5 ? -0.607  9.371   2.849   0.65 0.00  ? 5  5CM A "H5''" 1 
ATOM   164 P P      A DG  A 1 6 ? 1.191   8.131   -0.388  0.65 9.75  ? 6  DG  A P      1 
ATOM   165 O OP1    A DG  A 1 6 ? -0.214  8.044   -0.839  0.65 9.65  ? 6  DG  A OP1    1 
ATOM   166 O OP2    A DG  A 1 6 ? 2.310   7.939   -1.319  0.65 9.80  ? 6  DG  A OP2    1 
ATOM   167 O "O5'"  A DG  A 1 6 ? 1.383   9.595   0.269   0.65 9.57  ? 6  DG  A "O5'"  1 
ATOM   168 C "C5'"  A DG  A 1 6 ? 2.669   10.185  0.344   0.65 9.51  ? 6  DG  A "C5'"  1 
ATOM   169 C "C4'"  A DG  A 1 6 ? 2.471   11.578  0.824   0.65 9.45  ? 6  DG  A "C4'"  1 
ATOM   170 O "O4'"  A DG  A 1 6 ? 1.847   11.456  2.136   0.65 9.28  ? 6  DG  A "O4'"  1 
ATOM   171 C "C3'"  A DG  A 1 6 ? 3.767   12.355  0.943   0.65 9.46  ? 6  DG  A "C3'"  1 
ATOM   172 O "O3'"  A DG  A 1 6 ? 3.487   13.765  0.635   0.65 9.89  ? 6  DG  A "O3'"  1 
ATOM   173 C "C2'"  A DG  A 1 6 ? 4.072   12.014  2.414   0.65 9.19  ? 6  DG  A "C2'"  1 
ATOM   174 C "C1'"  A DG  A 1 6 ? 2.714   12.031  3.112   0.65 8.95  ? 6  DG  A "C1'"  1 
ATOM   175 N N9     A DG  A 1 6 ? 2.598   11.191  4.329   0.65 8.66  ? 6  DG  A N9     1 
ATOM   176 C C8     A DG  A 1 6 ? 1.800   11.412  5.413   0.65 8.35  ? 6  DG  A C8     1 
ATOM   177 N N7     A DG  A 1 6 ? 1.796   10.497  6.328   0.65 8.35  ? 6  DG  A N7     1 
ATOM   178 C C5     A DG  A 1 6 ? 2.714   9.564   5.814   0.65 8.28  ? 6  DG  A C5     1 
ATOM   179 C C6     A DG  A 1 6 ? 3.165   8.308   6.341   0.65 8.26  ? 6  DG  A C6     1 
ATOM   180 O O6     A DG  A 1 6 ? 2.828   7.737   7.372   0.65 8.05  ? 6  DG  A O6     1 
ATOM   181 N N1     A DG  A 1 6 ? 4.067   7.673   5.498   0.65 8.11  ? 6  DG  A N1     1 
ATOM   182 C C2     A DG  A 1 6 ? 4.490   8.159   4.283   0.65 8.19  ? 6  DG  A C2     1 
ATOM   183 N N2     A DG  A 1 6 ? 5.322   7.398   3.586   0.65 8.19  ? 6  DG  A N2     1 
ATOM   184 N N3     A DG  A 1 6 ? 4.097   9.325   3.782   0.65 8.28  ? 6  DG  A N3     1 
ATOM   185 C C4     A DG  A 1 6 ? 3.208   9.976   4.593   0.65 8.49  ? 6  DG  A C4     1 
ATOM   186 H "H5'"  A DG  A 1 6 ? 3.166   10.197  -0.632  0.65 0.00  ? 6  DG  A "H5'"  1 
ATOM   187 H "H5''" A DG  A 1 6 ? 3.282   9.641   1.061   0.65 0.00  ? 6  DG  A "H5''" 1 
ATOM   188 H "H4'"  A DG  A 1 6 ? 1.790   12.091  0.142   0.65 0.00  ? 6  DG  A "H4'"  1 
ATOM   189 H "H3'"  A DG  A 1 6 ? 4.526   11.984  0.255   0.65 0.00  ? 6  DG  A "H3'"  1 
ATOM   190 H "HO3'" A DG  A 1 6 ? 3.287   13.804  -0.313  0.65 15.00 ? 6  DG  A "HO3'" 1 
ATOM   191 H "H2'"  A DG  A 1 6 ? 4.467   10.998  2.455   0.65 0.00  ? 6  DG  A "H2'"  1 
ATOM   192 H "H2''" A DG  A 1 6 ? 4.779   12.679  2.897   0.65 0.00  ? 6  DG  A "H2''" 1 
ATOM   193 H "H1'"  A DG  A 1 6 ? 2.427   13.065  3.326   0.65 0.00  ? 6  DG  A "H1'"  1 
ATOM   194 H H8     A DG  A 1 6 ? 1.206   12.324  5.510   0.65 0.00  ? 6  DG  A H8     1 
ATOM   195 H H1     A DG  A 1 6 ? 4.416   6.779   5.797   0.65 15.00 ? 6  DG  A H1     1 
ATOM   196 H H21    A DG  A 1 6 ? 5.642   7.710   2.677   0.65 15.00 ? 6  DG  A H21    1 
ATOM   197 H H22    A DG  A 1 6 ? 5.637   6.498   3.935   0.65 15.00 ? 6  DG  A H22    1 
HETATM 198 N N1     A MCY B 2 1 ? 6.243   3.107   6.082   0.65 6.00  ? 7  MCY B N1     1 
HETATM 199 C C2     A MCY B 2 1 ? 5.807   4.352   5.661   0.65 5.74  ? 7  MCY B C2     1 
HETATM 200 N N3     A MCY B 2 1 ? 5.004   5.074   6.481   0.65 5.55  ? 7  MCY B N3     1 
HETATM 201 C C4     A MCY B 2 1 ? 4.630   4.600   7.671   0.65 5.57  ? 7  MCY B C4     1 
HETATM 202 C C5     A MCY B 2 1 ? 5.057   3.304   8.123   0.65 5.66  ? 7  MCY B C5     1 
HETATM 203 C C6     A MCY B 2 1 ? 5.854   2.594   7.298   0.65 5.83  ? 7  MCY B C6     1 
HETATM 204 O O2     A MCY B 2 1 ? 6.151   4.801   4.578   0.65 5.86  ? 7  MCY B O2     1 
HETATM 205 N N4     A MCY B 2 1 ? 3.859   5.355   8.428   0.65 5.27  ? 7  MCY B N4     1 
HETATM 206 C "C1'"  A MCY B 2 1 ? 7.160   2.330   5.206   0.65 6.44  ? 7  MCY B "C1'"  1 
HETATM 207 C "C2'"  A MCY B 2 1 ? 8.593   2.599   5.597   0.65 6.46  ? 7  MCY B "C2'"  1 
HETATM 208 C "C3'"  A MCY B 2 1 ? 9.312   1.378   5.081   0.65 6.85  ? 7  MCY B "C3'"  1 
HETATM 209 C "C4'"  A MCY B 2 1 ? 8.272   0.272   5.203   0.65 6.93  ? 7  MCY B "C4'"  1 
HETATM 210 O "O4'"  A MCY B 2 1 ? 7.035   0.929   5.550   0.65 6.69  ? 7  MCY B "O4'"  1 
HETATM 211 O "O3'"  A MCY B 2 1 ? 9.559   1.643   3.748   0.65 7.02  ? 7  MCY B "O3'"  1 
HETATM 212 C "C5'"  A MCY B 2 1 ? 8.710   -0.761  6.223   0.65 7.38  ? 7  MCY B "C5'"  1 
HETATM 213 O "O5'"  A MCY B 2 1 ? 9.003   -0.162  7.491   0.65 8.02  ? 7  MCY B "O5'"  1 
HETATM 214 C C5A    A MCY B 2 1 ? 4.636   2.744   9.474   0.65 5.78  ? 7  MCY B C5A    1 
HETATM 215 H H6     A MCY B 2 1 ? 6.191   1.598   7.583   0.65 0.00  ? 7  MCY B H6     1 
HETATM 216 H HN41   A MCY B 2 1 ? 3.556   5.034   9.342   0.65 15.00 ? 7  MCY B HN41   1 
HETATM 217 H HN42   A MCY B 2 1 ? 3.539   6.253   8.082   0.65 15.00 ? 7  MCY B HN42   1 
HETATM 218 H "H1'"  A MCY B 2 1 ? 7.006   2.517   4.139   0.65 0.00  ? 7  MCY B "H1'"  1 
HETATM 219 H "H2'"  A MCY B 2 1 ? 8.689   2.595   6.683   0.65 0.00  ? 7  MCY B "H2'"  1 
HETATM 220 H "H2''" A MCY B 2 1 ? 8.988   3.530   5.196   0.65 0.00  ? 7  MCY B "H2''" 1 
HETATM 221 H "H3'"  A MCY B 2 1 ? 10.227  1.146   5.627   0.65 0.00  ? 7  MCY B "H3'"  1 
HETATM 222 H "H4'"  A MCY B 2 1 ? 8.135   -0.214  4.240   0.65 0.00  ? 7  MCY B "H4'"  1 
HETATM 223 H "H5'"  A MCY B 2 1 ? 7.916   -1.502  6.353   0.65 0.00  ? 7  MCY B "H5'"  1 
HETATM 224 H "H5''" A MCY B 2 1 ? 9.611   -1.264  5.867   0.65 0.00  ? 7  MCY B "H5''" 1 
HETATM 225 H "HO5'" A MCY B 2 1 ? 8.180   0.215   7.825   0.65 15.00 ? 7  MCY B "HO5'" 1 
HETATM 226 H H5A1   A MCY B 2 1 ? 3.990   3.433   10.014  0.65 0.00  ? 7  MCY B H5A1   1 
HETATM 227 H H5A2   A MCY B 2 1 ? 5.538   2.552   10.048  0.65 0.00  ? 7  MCY B H5A2   1 
HETATM 228 H H5A3   A MCY B 2 1 ? 4.097   1.813   9.292   0.65 0.00  ? 7  MCY B H5A3   1 
ATOM   229 P P      A DG  B 2 2 ? 10.605  0.826   2.893   0.65 7.25  ? 8  DG  B P      1 
ATOM   230 O OP1    A DG  B 2 2 ? 11.809  0.603   3.724   0.65 7.25  ? 8  DG  B OP1    1 
ATOM   231 O OP2    A DG  B 2 2 ? 10.726  1.600   1.635   0.65 7.39  ? 8  DG  B OP2    1 
ATOM   232 O "O5'"  A DG  B 2 2 ? 9.997   -0.634  2.573   0.65 7.21  ? 8  DG  B "O5'"  1 
ATOM   233 C "C5'"  A DG  B 2 2 ? 8.891   -0.937  1.676   0.65 7.10  ? 8  DG  B "C5'"  1 
ATOM   234 C "C4'"  A DG  B 2 2 ? 8.528   -2.398  1.741   0.65 7.22  ? 8  DG  B "C4'"  1 
ATOM   235 O "O4'"  A DG  B 2 2 ? 8.328   -2.706  3.101   0.65 7.01  ? 8  DG  B "O4'"  1 
ATOM   236 C "C3'"  A DG  B 2 2 ? 7.223   -2.735  0.965   0.65 7.33  ? 8  DG  B "C3'"  1 
ATOM   237 O "O3'"  A DG  B 2 2 ? 7.516   -3.475  -0.242  0.65 7.69  ? 8  DG  B "O3'"  1 
ATOM   238 C "C2'"  A DG  B 2 2 ? 6.577   -3.755  1.829   0.65 7.20  ? 8  DG  B "C2'"  1 
ATOM   239 C "C1'"  A DG  B 2 2 ? 7.221   -3.568  3.197   0.65 7.00  ? 8  DG  B "C1'"  1 
ATOM   240 N N9     A DG  B 2 2 ? 6.402   -3.007  4.236   0.65 6.83  ? 8  DG  B N9     1 
ATOM   241 C C8     A DG  B 2 2 ? 6.191   -3.530  5.476   0.65 6.90  ? 8  DG  B C8     1 
ATOM   242 N N7     A DG  B 2 2 ? 5.414   -2.833  6.253   0.65 6.76  ? 8  DG  B N7     1 
ATOM   243 C C5     A DG  B 2 2 ? 5.072   -1.746  5.430   0.65 6.78  ? 8  DG  B C5     1 
ATOM   244 C C6     A DG  B 2 2 ? 4.237   -0.625  5.711   0.65 6.78  ? 8  DG  B C6     1 
ATOM   245 O O6     A DG  B 2 2 ? 3.679   -0.350  6.765   0.65 6.96  ? 8  DG  B O6     1 
ATOM   246 N N1     A DG  B 2 2 ? 4.138   0.224   4.652   0.65 6.70  ? 8  DG  B N1     1 
ATOM   247 C C2     A DG  B 2 2 ? 4.784   0.061   3.445   0.65 6.67  ? 8  DG  B C2     1 
ATOM   248 N N2     A DG  B 2 2 ? 4.666   1.025   2.569   0.65 6.89  ? 8  DG  B N2     1 
ATOM   249 N N3     A DG  B 2 2 ? 5.547   -0.977  3.165   0.65 6.79  ? 8  DG  B N3     1 
ATOM   250 C C4     A DG  B 2 2 ? 5.652   -1.837  4.200   0.65 6.83  ? 8  DG  B C4     1 
ATOM   251 H "H5'"  A DG  B 2 2 ? 9.132   -0.681  0.639   0.65 0.00  ? 8  DG  B "H5'"  1 
ATOM   252 H "H5''" A DG  B 2 2 ? 8.017   -0.368  1.996   0.65 0.00  ? 8  DG  B "H5''" 1 
ATOM   253 H "H4'"  A DG  B 2 2 ? 9.336   -3.010  1.332   0.65 0.00  ? 8  DG  B "H4'"  1 
ATOM   254 H "H3'"  A DG  B 2 2 ? 6.568   -1.865  0.881   0.65 0.00  ? 8  DG  B "H3'"  1 
ATOM   255 H "H2'"  A DG  B 2 2 ? 5.488   -3.729  1.852   0.65 0.00  ? 8  DG  B "H2'"  1 
ATOM   256 H "H2''" A DG  B 2 2 ? 6.909   -4.711  1.425   0.65 0.00  ? 8  DG  B "H2''" 1 
ATOM   257 H "H1'"  A DG  B 2 2 ? 7.588   -4.538  3.535   0.65 0.00  ? 8  DG  B "H1'"  1 
ATOM   258 H H8     A DG  B 2 2 ? 6.653   -4.473  5.782   0.65 0.00  ? 8  DG  B H8     1 
ATOM   259 H H1     A DG  B 2 2 ? 3.556   1.036   4.796   0.65 15.00 ? 8  DG  B H1     1 
ATOM   260 H H21    A DG  B 2 2 ? 5.147   0.959   1.681   0.65 15.00 ? 8  DG  B H21    1 
ATOM   261 H H22    A DG  B 2 2 ? 4.116   1.847   2.788   0.65 15.00 ? 8  DG  B H22    1 
ATOM   262 P P      A DC  B 2 3 ? 7.318   -2.848  -1.684  0.65 7.89  ? 9  DC  B P      1 
ATOM   263 O OP1    A DC  B 2 3 ? 7.635   -3.847  -2.745  0.65 7.92  ? 9  DC  B OP1    1 
ATOM   264 O OP2    A DC  B 2 3 ? 8.068   -1.566  -1.649  0.65 8.21  ? 9  DC  B OP2    1 
ATOM   265 O "O5'"  A DC  B 2 3 ? 5.744   -2.566  -1.761  0.65 8.00  ? 9  DC  B "O5'"  1 
ATOM   266 C "C5'"  A DC  B 2 3 ? 4.991   -2.456  -2.986  0.65 7.64  ? 9  DC  B "C5'"  1 
ATOM   267 C "C4'"  A DC  B 2 3 ? 3.887   -1.409  -2.862  0.65 7.71  ? 9  DC  B "C4'"  1 
ATOM   268 O "O4'"  A DC  B 2 3 ? 2.930   -1.754  -1.838  0.65 7.47  ? 9  DC  B "O4'"  1 
ATOM   269 C "C3'"  A DC  B 2 3 ? 4.391   -0.007  -2.516  0.65 7.92  ? 9  DC  B "C3'"  1 
ATOM   270 O "O3'"  A DC  B 2 3 ? 3.522   0.930   -3.139  0.65 8.47  ? 9  DC  B "O3'"  1 
ATOM   271 C "C2'"  A DC  B 2 3 ? 4.153   0.034   -1.021  0.65 7.54  ? 9  DC  B "C2'"  1 
ATOM   272 C "C1'"  A DC  B 2 3 ? 2.812   -0.681  -0.916  0.65 7.35  ? 9  DC  B "C1'"  1 
ATOM   273 N N1     A DC  B 2 3 ? 2.523   -1.260  0.421   0.65 7.09  ? 9  DC  B N1     1 
ATOM   274 C C2     A DC  B 2 3 ? 1.762   -0.503  1.260   0.65 6.91  ? 9  DC  B C2     1 
ATOM   275 O O2     A DC  B 2 3 ? 1.322   0.586   0.912   0.65 7.29  ? 9  DC  B O2     1 
ATOM   276 N N3     A DC  B 2 3 ? 1.507   -0.974  2.487   0.65 6.90  ? 9  DC  B N3     1 
ATOM   277 C C4     A DC  B 2 3 ? 1.973   -2.147  2.895   0.65 6.72  ? 9  DC  B C4     1 
ATOM   278 N N4     A DC  B 2 3 ? 1.668   -2.576  4.102   0.65 6.64  ? 9  DC  B N4     1 
ATOM   279 C C5     A DC  B 2 3 ? 2.763   -2.947  2.045   0.65 6.76  ? 9  DC  B C5     1 
ATOM   280 C C6     A DC  B 2 3 ? 3.005   -2.480  0.808   0.65 6.92  ? 9  DC  B C6     1 
ATOM   281 H "H5'"  A DC  B 2 3 ? 4.544   -3.423  -3.211  0.65 0.00  ? 9  DC  B "H5'"  1 
ATOM   282 H "H5''" A DC  B 2 3 ? 5.643   -2.176  -3.816  0.65 0.00  ? 9  DC  B "H5''" 1 
ATOM   283 H "H4'"  A DC  B 2 3 ? 3.351   -1.364  -3.809  0.65 0.00  ? 9  DC  B "H4'"  1 
ATOM   284 H "H3'"  A DC  B 2 3 ? 5.433   0.131   -2.810  0.65 0.00  ? 9  DC  B "H3'"  1 
ATOM   285 H "H2'"  A DC  B 2 3 ? 4.919   -0.569  -0.534  0.65 0.00  ? 9  DC  B "H2'"  1 
ATOM   286 H "H2''" A DC  B 2 3 ? 4.128   1.032   -0.580  0.65 0.00  ? 9  DC  B "H2''" 1 
ATOM   287 H "H1'"  A DC  B 2 3 ? 2.023   0.005   -1.240  0.65 0.00  ? 9  DC  B "H1'"  1 
ATOM   288 H H41    A DC  B 2 3 ? 2.002   -3.474  4.415   0.65 15.00 ? 9  DC  B H41    1 
ATOM   289 H H42    A DC  B 2 3 ? 1.075   -2.009  4.704   0.65 15.00 ? 9  DC  B H42    1 
ATOM   290 H H5     A DC  B 2 3 ? 3.162   -3.875  2.411   0.65 0.00  ? 9  DC  B H5     1 
ATOM   291 H H6     A DC  B 2 3 ? 3.584   -3.082  0.110   0.65 0.00  ? 9  DC  B H6     1 
ATOM   292 P P      A DC  B 2 4 ? 3.921   1.747   -4.445  0.65 8.91  ? 10 DC  B P      1 
ATOM   293 O OP1    A DC  B 2 4 ? 5.304   2.266   -4.291  0.65 9.01  ? 10 DC  B OP1    1 
ATOM   294 O OP2    A DC  B 2 4 ? 2.788   2.675   -4.704  0.65 9.00  ? 10 DC  B OP2    1 
ATOM   295 O "O5'"  A DC  B 2 4 ? 3.976   0.637   -5.598  0.65 9.07  ? 10 DC  B "O5'"  1 
ATOM   296 C "C5'"  A DC  B 2 4 ? 2.745   0.179   -6.201  0.65 9.56  ? 10 DC  B "C5'"  1 
ATOM   297 C "C4'"  A DC  B 2 4 ? 2.976   -0.922  -7.196  0.65 9.96  ? 10 DC  B "C4'"  1 
ATOM   298 O "O4'"  A DC  B 2 4 ? 3.618   -1.945  -6.453  0.65 9.90  ? 10 DC  B "O4'"  1 
ATOM   299 C "C3'"  A DC  B 2 4 ? 1.633   -1.451  -7.689  0.65 10.42 ? 10 DC  B "C3'"  1 
ATOM   300 O "O3'"  A DC  B 2 4 ? 1.392   -0.989  -9.015  0.65 11.24 ? 10 DC  B "O3'"  1 
ATOM   301 C "C2'"  A DC  B 2 4 ? 1.906   -2.910  -7.783  0.65 10.09 ? 10 DC  B "C2'"  1 
ATOM   302 C "C1'"  A DC  B 2 4 ? 3.088   -3.196  -6.850  0.65 9.81  ? 10 DC  B "C1'"  1 
ATOM   303 N N1     A DC  B 2 4 ? 2.816   -3.991  -5.640  0.65 9.43  ? 10 DC  B N1     1 
ATOM   304 C C2     A DC  B 2 4 ? 1.816   -3.582  -4.757  0.65 9.27  ? 10 DC  B C2     1 
ATOM   305 O O2     A DC  B 2 4 ? 1.159   -2.585  -4.988  0.65 8.71  ? 10 DC  B O2     1 
ATOM   306 N N3     A DC  B 2 4 ? 1.604   -4.324  -3.635  0.65 9.26  ? 10 DC  B N3     1 
ATOM   307 C C4     A DC  B 2 4 ? 2.318   -5.423  -3.382  0.65 9.28  ? 10 DC  B C4     1 
ATOM   308 N N4     A DC  B 2 4 ? 2.038   -6.153  -2.300  0.65 9.25  ? 10 DC  B N4     1 
ATOM   309 C C5     A DC  B 2 4 ? 3.348   -5.851  -4.280  0.65 9.40  ? 10 DC  B C5     1 
ATOM   310 C C6     A DC  B 2 4 ? 3.549   -5.109  -5.391  0.65 9.52  ? 10 DC  B C6     1 
ATOM   311 H "H5'"  A DC  B 2 4 ? 2.210   1.006   -6.681  0.65 0.00  ? 10 DC  B "H5'"  1 
ATOM   312 H "H5''" A DC  B 2 4 ? 2.130   -0.231  -5.398  0.65 0.00  ? 10 DC  B "H5''" 1 
ATOM   313 H "H4'"  A DC  B 2 4 ? 3.586   -0.612  -8.045  0.65 0.00  ? 10 DC  B "H4'"  1 
ATOM   314 H "H3'"  A DC  B 2 4 ? 0.846   -1.296  -6.953  0.65 0.00  ? 10 DC  B "H3'"  1 
ATOM   315 H "H2'"  A DC  B 2 4 ? 1.029   -3.504  -7.558  0.65 0.00  ? 10 DC  B "H2'"  1 
ATOM   316 H "H2''" A DC  B 2 4 ? 2.246   -3.118  -8.800  0.65 0.00  ? 10 DC  B "H2''" 1 
ATOM   317 H "H1'"  A DC  B 2 4 ? 3.857   -3.711  -7.424  0.65 0.00  ? 10 DC  B "H1'"  1 
ATOM   318 H H41    A DC  B 2 4 ? 2.537   -7.012  -2.126  0.65 15.00 ? 10 DC  B H41    1 
ATOM   319 H H42    A DC  B 2 4 ? 1.343   -5.850  -1.631  0.65 15.00 ? 10 DC  B H42    1 
ATOM   320 H H5     A DC  B 2 4 ? 3.934   -6.739  -4.062  0.65 0.00  ? 10 DC  B H5     1 
ATOM   321 H H6     A DC  B 2 4 ? 4.300   -5.412  -6.118  0.65 0.00  ? 10 DC  B H6     1 
HETATM 322 N N1     A 5CM B 2 5 ? -2.441  -3.323  -5.704  0.65 10.80 ? 11 5CM B N1     1 
HETATM 323 C C2     A 5CM B 2 5 ? -2.707  -3.776  -4.430  0.65 10.65 ? 11 5CM B C2     1 
HETATM 324 N N3     A 5CM B 2 5 ? -2.109  -4.916  -4.008  0.65 10.57 ? 11 5CM B N3     1 
HETATM 325 C C4     A 5CM B 2 5 ? -1.276  -5.614  -4.793  0.65 10.72 ? 11 5CM B C4     1 
HETATM 326 C C5     A 5CM B 2 5 ? -0.992  -5.143  -6.137  0.65 10.62 ? 11 5CM B C5     1 
HETATM 327 C C5A    A 5CM B 2 5 ? -0.092  -5.932  -7.082  0.65 10.68 ? 11 5CM B C5A    1 
HETATM 328 C C6     A 5CM B 2 5 ? -1.580  -4.004  -6.533  0.65 10.77 ? 11 5CM B C6     1 
HETATM 329 O O2     A 5CM B 2 5 ? -3.459  -3.160  -3.673  0.65 10.72 ? 11 5CM B O2     1 
HETATM 330 N N4     A 5CM B 2 5 ? -0.748  -6.737  -4.288  0.65 10.66 ? 11 5CM B N4     1 
HETATM 331 C "C1'"  A 5CM B 2 5 ? -3.123  -2.068  -6.139  0.65 11.08 ? 11 5CM B "C1'"  1 
HETATM 332 C "C2'"  A 5CM B 2 5 ? -2.325  -0.808  -5.838  0.65 11.18 ? 11 5CM B "C2'"  1 
HETATM 333 C "C3'"  A 5CM B 2 5 ? -2.824  0.155   -6.906  0.65 11.49 ? 11 5CM B "C3'"  1 
HETATM 334 C "C4'"  A 5CM B 2 5 ? -3.311  -0.769  -8.064  0.65 11.46 ? 11 5CM B "C4'"  1 
HETATM 335 O "O4'"  A 5CM B 2 5 ? -3.260  -2.101  -7.561  0.65 11.23 ? 11 5CM B "O4'"  1 
HETATM 336 O "O3'"  A 5CM B 2 5 ? -3.982  0.827   -6.422  0.65 11.95 ? 11 5CM B "O3'"  1 
HETATM 337 C "C5'"  A 5CM B 2 5 ? -2.484  -0.633  -9.342  0.65 11.53 ? 11 5CM B "C5'"  1 
HETATM 338 O "O5'"  A 5CM B 2 5 ? -1.103  -0.984  -9.100  0.65 11.90 ? 11 5CM B "O5'"  1 
HETATM 339 P P      A 5CM B 2 5 ? 0.174   -0.011  -9.440  0.65 12.03 ? 11 5CM B P      1 
HETATM 340 O OP1    A 5CM B 2 5 ? 0.224   0.172   -10.897 0.65 12.05 ? 11 5CM B OP1    1 
HETATM 341 O OP2    A 5CM B 2 5 ? 0.125   1.220   -8.602  0.65 12.12 ? 11 5CM B OP2    1 
HETATM 342 H H5A1   A 5CM B 2 5 ? 0.737   -5.332  -7.427  0.65 0.00  ? 11 5CM B H5A1   1 
HETATM 343 H H5A2   A 5CM B 2 5 ? -0.700  -6.244  -7.928  0.65 0.00  ? 11 5CM B H5A2   1 
HETATM 344 H H5A3   A 5CM B 2 5 ? 0.331   -6.811  -6.595  0.65 0.00  ? 11 5CM B H5A3   1 
HETATM 345 H H6     A 5CM B 2 5 ? -1.371  -3.597  -7.521  0.65 0.00  ? 11 5CM B H6     1 
HETATM 346 H HN41   A 5CM B 2 5 ? -0.113  -7.298  -4.847  0.65 15.00 ? 11 5CM B HN41   1 
HETATM 347 H HN42   A 5CM B 2 5 ? -0.990  -7.033  -3.346  0.65 15.00 ? 11 5CM B HN42   1 
HETATM 348 H "H1'"  A 5CM B 2 5 ? -4.098  -1.980  -5.656  0.65 0.00  ? 11 5CM B "H1'"  1 
HETATM 349 H "H2'"  A 5CM B 2 5 ? -1.271  -0.987  -6.025  0.65 0.00  ? 11 5CM B "H2'"  1 
HETATM 350 H "H2''" A 5CM B 2 5 ? -2.451  -0.466  -4.806  0.65 0.00  ? 11 5CM B "H2''" 1 
HETATM 351 H "H3'"  A 5CM B 2 5 ? -2.055  0.846   -7.249  0.65 0.00  ? 11 5CM B "H3'"  1 
HETATM 352 H "H4'"  A 5CM B 2 5 ? -4.358  -0.538  -8.277  0.65 0.00  ? 11 5CM B "H4'"  1 
HETATM 353 H "H5'"  A 5CM B 2 5 ? -2.889  -1.321  -10.086 0.65 0.00  ? 11 5CM B "H5'"  1 
HETATM 354 H "H5''" A 5CM B 2 5 ? -2.587  0.392   -9.703  0.65 0.00  ? 11 5CM B "H5''" 1 
ATOM   355 P P      A DG  B 2 6 ? -4.515  2.298   -6.801  0.65 12.39 ? 12 DG  B P      1 
ATOM   356 O OP1    A DG  B 2 6 ? -3.373  3.204   -6.922  0.65 12.50 ? 12 DG  B OP1    1 
ATOM   357 O OP2    A DG  B 2 6 ? -5.601  2.620   -5.854  0.65 12.46 ? 12 DG  B OP2    1 
ATOM   358 O "O5'"  A DG  B 2 6 ? -5.100  2.162   -8.262  0.65 12.18 ? 12 DG  B "O5'"  1 
ATOM   359 C "C5'"  A DG  B 2 6 ? -6.379  1.553   -8.528  0.65 11.90 ? 12 DG  B "C5'"  1 
ATOM   360 C "C4'"  A DG  B 2 6 ? -6.598  1.564   -10.015 0.65 11.76 ? 12 DG  B "C4'"  1 
ATOM   361 O "O4'"  A DG  B 2 6 ? -5.605  0.678   -10.588 0.65 11.49 ? 12 DG  B "O4'"  1 
ATOM   362 C "C3'"  A DG  B 2 6 ? -7.997  1.099   -10.427 0.65 11.69 ? 12 DG  B "C3'"  1 
ATOM   363 O "O3'"  A DG  B 2 6 ? -8.378  1.822   -11.613 0.65 12.01 ? 12 DG  B "O3'"  1 
ATOM   364 C "C2'"  A DG  B 2 6 ? -7.709  -0.344  -10.748 0.65 11.51 ? 12 DG  B "C2'"  1 
ATOM   365 C "C1'"  A DG  B 2 6 ? -6.301  -0.309  -11.344 0.65 11.24 ? 12 DG  B "C1'"  1 
ATOM   366 N N9     A DG  B 2 6 ? -5.590  -1.572  -11.208 0.65 10.76 ? 12 DG  B N9     1 
ATOM   367 C C8     A DG  B 2 6 ? -4.769  -2.164  -12.105 0.65 10.75 ? 12 DG  B C8     1 
ATOM   368 N N7     A DG  B 2 6 ? -4.222  -3.298  -11.699 0.65 10.70 ? 12 DG  B N7     1 
ATOM   369 C C5     A DG  B 2 6 ? -4.739  -3.454  -10.421 0.65 10.52 ? 12 DG  B C5     1 
ATOM   370 C C6     A DG  B 2 6 ? -4.498  -4.466  -9.458  0.65 10.44 ? 12 DG  B C6     1 
ATOM   371 O O6     A DG  B 2 6 ? -3.689  -5.388  -9.505  0.65 10.39 ? 12 DG  B O6     1 
ATOM   372 N N1     A DG  B 2 6 ? -5.224  -4.274  -8.298  0.65 10.17 ? 12 DG  B N1     1 
ATOM   373 C C2     A DG  B 2 6 ? -6.049  -3.221  -8.068  0.65 10.18 ? 12 DG  B C2     1 
ATOM   374 N N2     A DG  B 2 6 ? -6.657  -3.188  -6.890  0.65 9.98  ? 12 DG  B N2     1 
ATOM   375 N N3     A DG  B 2 6 ? -6.254  -2.242  -8.951  0.65 10.32 ? 12 DG  B N3     1 
ATOM   376 C C4     A DG  B 2 6 ? -5.580  -2.417  -10.111 0.65 10.54 ? 12 DG  B C4     1 
ATOM   377 H "H5'"  A DG  B 2 6 ? -7.172  2.124   -8.036  0.65 0.00  ? 12 DG  B "H5'"  1 
ATOM   378 H "H5''" A DG  B 2 6 ? -6.402  0.520   -8.186  0.65 0.00  ? 12 DG  B "H5''" 1 
ATOM   379 H "H4'"  A DG  B 2 6 ? -6.425  2.576   -10.379 0.65 0.00  ? 12 DG  B "H4'"  1 
ATOM   380 H "H3'"  A DG  B 2 6 ? -8.733  1.260   -9.635  0.65 0.00  ? 12 DG  B "H3'"  1 
ATOM   381 H "HO3'" A DG  B 2 6 ? -8.223  2.756   -11.422 0.65 15.00 ? 12 DG  B "HO3'" 1 
ATOM   382 H "H2'"  A DG  B 2 6 ? -7.699  -0.890  -9.810  0.65 0.00  ? 12 DG  B "H2'"  1 
ATOM   383 H "H2''" A DG  B 2 6 ? -8.423  -0.798  -11.431 0.65 0.00  ? 12 DG  B "H2''" 1 
ATOM   384 H "H1'"  A DG  B 2 6 ? -6.350  0.005   -12.393 0.65 0.00  ? 12 DG  B "H1'"  1 
ATOM   385 H H8     A DG  B 2 6 ? -4.588  -1.734  -13.095 0.65 0.00  ? 12 DG  B H8     1 
ATOM   386 H H1     A DG  B 2 6 ? -5.101  -4.961  -7.568  0.65 15.00 ? 12 DG  B H1     1 
ATOM   387 H H21    A DG  B 2 6 ? -7.282  -2.423  -6.660  0.65 15.00 ? 12 DG  B H21    1 
ATOM   388 H H22    A DG  B 2 6 ? -6.501  -3.931  -6.211  0.65 15.00 ? 12 DG  B H22    1 
HETATM 389 N N1     B MCY C 2 1 ? -5.273  -6.950  -3.971  0.35 5.81  ? 13 MCY C N1     1 
HETATM 390 C C2     B MCY C 2 1 ? -5.446  -6.061  -5.005  0.35 5.76  ? 13 MCY C C2     1 
HETATM 391 N N3     B MCY C 2 1 ? -4.751  -6.235  -6.149  0.35 5.48  ? 13 MCY C N3     1 
HETATM 392 C C4     B MCY C 2 1 ? -3.898  -7.248  -6.273  0.35 5.46  ? 13 MCY C C4     1 
HETATM 393 C C5     B MCY C 2 1 ? -3.698  -8.187  -5.205  0.35 5.59  ? 13 MCY C C5     1 
HETATM 394 C C6     B MCY C 2 1 ? -4.411  -8.007  -4.085  0.35 5.69  ? 13 MCY C C6     1 
HETATM 395 O O2     B MCY C 2 1 ? -6.222  -5.121  -4.931  0.35 5.69  ? 13 MCY C O2     1 
HETATM 396 N N4     B MCY C 2 1 ? -3.235  -7.339  -7.417  0.35 5.51  ? 13 MCY C N4     1 
HETATM 397 C "C1'"  B MCY C 2 1 ? -6.050  -6.728  -2.734  0.35 6.09  ? 13 MCY C "C1'"  1 
HETATM 398 C "C2'"  B MCY C 2 1 ? -7.218  -7.694  -2.600  0.35 6.35  ? 13 MCY C "C2'"  1 
HETATM 399 C "C3'"  B MCY C 2 1 ? -7.363  -7.803  -1.081  0.35 6.63  ? 13 MCY C "C3'"  1 
HETATM 400 C "C4'"  B MCY C 2 1 ? -5.925  -7.680  -0.575  0.35 6.44  ? 13 MCY C "C4'"  1 
HETATM 401 O "O4'"  B MCY C 2 1 ? -5.195  -7.024  -1.625  0.35 6.23  ? 13 MCY C "O4'"  1 
HETATM 402 O "O3'"  B MCY C 2 1 ? -8.134  -6.717  -0.578  0.35 7.11  ? 13 MCY C "O3'"  1 
HETATM 403 C "C5'"  B MCY C 2 1 ? -5.291  -9.022  -0.181  0.35 6.44  ? 13 MCY C "C5'"  1 
HETATM 404 O "O5'"  B MCY C 2 1 ? -5.284  -9.927  -1.311  0.35 6.63  ? 13 MCY C "O5'"  1 
HETATM 405 C C5A    B MCY C 2 1 ? -2.704  -9.332  -5.322  0.35 5.68  ? 13 MCY C C5A    1 
HETATM 406 H H6     B MCY C 2 1 ? -4.293  -8.709  -3.259  0.35 0.00  ? 13 MCY C H6     1 
HETATM 407 H HN41   B MCY C 2 1 ? -2.561  -8.086  -7.550  0.35 0.00  ? 13 MCY C HN41   1 
HETATM 408 H HN42   B MCY C 2 1 ? -3.379  -6.671  -8.165  0.35 0.00  ? 13 MCY C HN42   1 
HETATM 409 H "H1'"  B MCY C 2 1 ? -6.418  -5.704  -2.670  0.35 0.00  ? 13 MCY C "H1'"  1 
HETATM 410 H "H2'"  B MCY C 2 1 ? -6.942  -8.678  -2.981  0.35 0.00  ? 13 MCY C "H2'"  1 
HETATM 411 H "H2''" B MCY C 2 1 ? -8.105  -7.332  -3.121  0.35 0.00  ? 13 MCY C "H2''" 1 
HETATM 412 H "H3'"  B MCY C 2 1 ? -7.798  -8.751  -0.772  0.35 0.00  ? 13 MCY C "H3'"  1 
HETATM 413 H "H4'"  B MCY C 2 1 ? -5.902  -7.032  0.301   0.35 0.00  ? 13 MCY C "H4'"  1 
HETATM 414 H "H5'"  B MCY C 2 1 ? -4.270  -8.856  0.163   0.35 0.00  ? 13 MCY C "H5'"  1 
HETATM 415 H "H5''" B MCY C 2 1 ? -5.863  -9.457  0.639   0.35 0.00  ? 13 MCY C "H5''" 1 
HETATM 416 H "HO5'" B MCY C 2 1 ? -6.196  -10.144 -1.535  0.35 0.00  ? 13 MCY C "HO5'" 1 
HETATM 417 H H5A1   B MCY C 2 1 ? -3.227  -10.274 -5.193  0.35 0.00  ? 13 MCY C H5A1   1 
HETATM 418 H H5A2   B MCY C 2 1 ? -1.950  -9.209  -4.543  0.35 0.00  ? 13 MCY C H5A2   1 
HETATM 419 H H5A3   B MCY C 2 1 ? -2.217  -9.332  -6.291  0.35 0.00  ? 13 MCY C H5A3   1 
ATOM   420 P P      B DG  C 2 2 ? -9.094  -6.786  0.714   0.35 7.53  ? 14 DG  C P      1 
ATOM   421 O OP1    B DG  C 2 2 ? -9.795  -8.081  0.709   0.35 7.52  ? 14 DG  C OP1    1 
ATOM   422 O OP2    B DG  C 2 2 ? -9.877  -5.526  0.693   0.35 7.71  ? 14 DG  C OP2    1 
ATOM   423 O "O5'"  B DG  C 2 2 ? -8.112  -6.803  1.966   0.35 7.24  ? 14 DG  C "O5'"  1 
ATOM   424 C "C5'"  B DG  C 2 2 ? -7.398  -5.590  2.214   0.35 7.08  ? 14 DG  C "C5'"  1 
ATOM   425 C "C4'"  B DG  C 2 2 ? -6.493  -5.735  3.376   0.35 6.89  ? 14 DG  C "C4'"  1 
ATOM   426 O "O4'"  B DG  C 2 2 ? -5.606  -6.810  3.111   0.35 6.65  ? 14 DG  C "O4'"  1 
ATOM   427 C "C3'"  B DG  C 2 2 ? -5.689  -4.452  3.495   0.35 6.81  ? 14 DG  C "C3'"  1 
ATOM   428 O "O3'"  B DG  C 2 2 ? -6.429  -3.586  4.392   0.35 6.97  ? 14 DG  C "O3'"  1 
ATOM   429 C "C2'"  B DG  C 2 2 ? -4.429  -5.040  4.089   0.35 6.65  ? 14 DG  C "C2'"  1 
ATOM   430 C "C1'"  B DG  C 2 2 ? -4.322  -6.445  3.507   0.35 6.45  ? 14 DG  C "C1'"  1 
ATOM   431 N N9     B DG  C 2 2 ? -3.417  -6.777  2.403   0.35 6.05  ? 14 DG  C N9     1 
ATOM   432 C C8     B DG  C 2 2 ? -2.540  -7.801  2.383   0.35 6.00  ? 14 DG  C C8     1 
ATOM   433 N N7     B DG  C 2 2 ? -1.846  -7.949  1.302   0.35 6.00  ? 14 DG  C N7     1 
ATOM   434 C C5     B DG  C 2 2 ? -2.328  -6.900  0.514   0.35 5.81  ? 14 DG  C C5     1 
ATOM   435 C C6     B DG  C 2 2 ? -1.980  -6.541  -0.802  0.35 5.72  ? 14 DG  C C6     1 
ATOM   436 O O6     B DG  C 2 2 ? -1.176  -7.101  -1.543  0.35 5.75  ? 14 DG  C O6     1 
ATOM   437 N N1     B DG  C 2 2 ? -2.685  -5.434  -1.248  0.35 5.51  ? 14 DG  C N1     1 
ATOM   438 C C2     B DG  C 2 2 ? -3.622  -4.761  -0.504  0.35 5.55  ? 14 DG  C C2     1 
ATOM   439 N N2     B DG  C 2 2 ? -4.176  -3.726  -1.078  0.35 5.30  ? 14 DG  C N2     1 
ATOM   440 N N3     B DG  C 2 2 ? -3.970  -5.096  0.737   0.35 5.64  ? 14 DG  C N3     1 
ATOM   441 C C4     B DG  C 2 2 ? -3.282  -6.170  1.181   0.35 5.88  ? 14 DG  C C4     1 
ATOM   442 H "H5'"  B DG  C 2 2 ? -8.087  -4.762  2.407   0.35 0.00  ? 14 DG  C "H5'"  1 
ATOM   443 H "H5''" B DG  C 2 2 ? -6.784  -5.337  1.343   0.35 0.00  ? 14 DG  C "H5''" 1 
ATOM   444 H "H4'"  B DG  C 2 2 ? -7.057  -5.893  4.297   0.35 0.00  ? 14 DG  C "H4'"  1 
ATOM   445 H "H3'"  B DG  C 2 2 ? -5.443  -4.022  2.521   0.35 0.00  ? 14 DG  C "H3'"  1 
ATOM   446 H "H2'"  B DG  C 2 2 ? -3.507  -4.469  3.998   0.35 0.00  ? 14 DG  C "H2'"  1 
ATOM   447 H "H2''" B DG  C 2 2 ? -4.656  -5.155  5.149   0.35 0.00  ? 14 DG  C "H2''" 1 
ATOM   448 H "H1'"  B DG  C 2 2 ? -4.083  -7.113  4.332   0.35 0.00  ? 14 DG  C "H1'"  1 
ATOM   449 H H8     B DG  C 2 2 ? -2.432  -8.470  3.239   0.35 0.00  ? 14 DG  C H8     1 
ATOM   450 H H1     B DG  C 2 2 ? -2.502  -5.155  -2.198  0.35 0.00  ? 14 DG  C H1     1 
ATOM   451 H H21    B DG  C 2 2 ? -4.857  -3.183  -0.561  0.35 0.00  ? 14 DG  C H21    1 
ATOM   452 H H22    B DG  C 2 2 ? -3.944  -3.478  -2.031  0.35 0.00  ? 14 DG  C H22    1 
ATOM   453 P P      B DC  C 2 3 ? -6.748  -2.071  4.096   0.35 6.92  ? 15 DC  C P      1 
ATOM   454 O OP1    B DC  C 2 3 ? -7.518  -1.496  5.203   0.35 7.11  ? 15 DC  C OP1    1 
ATOM   455 O OP2    B DC  C 2 3 ? -7.311  -1.929  2.740   0.35 7.13  ? 15 DC  C OP2    1 
ATOM   456 O "O5'"  B DC  C 2 3 ? -5.249  -1.466  4.085   0.35 7.04  ? 15 DC  C "O5'"  1 
ATOM   457 C "C5'"  B DC  C 2 3 ? -4.874  -0.099  4.389   0.35 6.88  ? 15 DC  C "C5'"  1 
ATOM   458 C "C4'"  B DC  C 2 3 ? -4.030  0.522   3.268   0.35 6.91  ? 15 DC  C "C4'"  1 
ATOM   459 O "O4'"  B DC  C 2 3 ? -2.828  -0.230  3.113   0.35 6.67  ? 15 DC  C "O4'"  1 
ATOM   460 C "C3'"  B DC  C 2 3 ? -4.744  0.559   1.891   0.35 6.94  ? 15 DC  C "C3'"  1 
ATOM   461 O "O3'"  B DC  C 2 3 ? -4.386  1.715   1.107   0.35 7.24  ? 15 DC  C "O3'"  1 
ATOM   462 C "C2'"  B DC  C 2 3 ? -4.148  -0.677  1.240   0.35 6.79  ? 15 DC  C "C2'"  1 
ATOM   463 C "C1'"  B DC  C 2 3 ? -2.713  -0.579  1.728   0.35 6.73  ? 15 DC  C "C1'"  1 
ATOM   464 N N1     B DC  C 2 3 ? -1.910  -1.821  1.565   0.35 6.53  ? 15 DC  C N1     1 
ATOM   465 C C2     B DC  C 2 3 ? -1.319  -2.030  0.323   0.35 6.47  ? 15 DC  C C2     1 
ATOM   466 O O2     B DC  C 2 3 ? -1.453  -1.235  -0.593  0.35 6.23  ? 15 DC  C O2     1 
ATOM   467 N N3     B DC  C 2 3 ? -0.585  -3.147  0.130   0.35 6.43  ? 15 DC  C N3     1 
ATOM   468 C C4     B DC  C 2 3 ? -0.426  -4.030  1.117   0.35 6.43  ? 15 DC  C C4     1 
ATOM   469 N N4     B DC  C 2 3 ? 0.327   -5.096  0.876   0.35 6.41  ? 15 DC  C N4     1 
ATOM   470 C C5     B DC  C 2 3 ? -1.028  -3.838  2.406   0.35 6.47  ? 15 DC  C C5     1 
ATOM   471 C C6     B DC  C 2 3 ? -1.758  -2.716  2.583   0.35 6.51  ? 15 DC  C C6     1 
ATOM   472 H "H5'"  B DC  C 2 3 ? -4.277  -0.099  5.299   0.35 0.00  ? 15 DC  C "H5'"  1 
ATOM   473 H "H5''" B DC  C 2 3 ? -5.757  0.522   4.530   0.35 0.00  ? 15 DC  C "H5''" 1 
ATOM   474 H "H4'"  B DC  C 2 3 ? -3.732  1.530   3.550   0.35 0.00  ? 15 DC  C "H4'"  1 
ATOM   475 H "H3'"  B DC  C 2 3 ? -5.827  0.524   2.004   0.35 0.00  ? 15 DC  C "H3'"  1 
ATOM   476 H "H2'"  B DC  C 2 3 ? -4.613  -1.559  1.681   0.35 0.00  ? 15 DC  C "H2'"  1 
ATOM   477 H "H2''" B DC  C 2 3 ? -4.211  -0.726  0.150   0.35 0.00  ? 15 DC  C "H2''" 1 
ATOM   478 H "H1'"  B DC  C 2 3 ? -2.228  0.240   1.194   0.35 0.00  ? 15 DC  C "H1'"  1 
ATOM   479 H H41    B DC  C 2 3 ? 0.464   -5.761  1.627   0.35 0.00  ? 15 DC  C H41    1 
ATOM   480 H H42    B DC  C 2 3 ? 0.769   -5.243  -0.019  0.35 0.00  ? 15 DC  C H42    1 
ATOM   481 H H5     B DC  C 2 3 ? -0.891  -4.571  3.195   0.35 0.00  ? 15 DC  C H5     1 
ATOM   482 H H6     B DC  C 2 3 ? -2.234  -2.522  3.539   0.35 0.00  ? 15 DC  C H6     1 
ATOM   483 P P      B DC  C 2 4 ? -5.325  3.023   0.861   0.35 7.18  ? 16 DC  C P      1 
ATOM   484 O OP1    B DC  C 2 4 ? -6.735  2.640   0.615   0.35 7.37  ? 16 DC  C OP1    1 
ATOM   485 O OP2    B DC  C 2 4 ? -4.615  3.925   -0.081  0.35 7.34  ? 16 DC  C OP2    1 
ATOM   486 O "O5'"  B DC  C 2 4 ? -5.311  3.740   2.303   0.35 7.22  ? 16 DC  C "O5'"  1 
ATOM   487 C "C5'"  B DC  C 2 4 ? -4.170  4.315   2.932   0.35 6.95  ? 16 DC  C "C5'"  1 
ATOM   488 C "C4'"  B DC  C 2 4 ? -4.391  4.474   4.430   0.35 6.77  ? 16 DC  C "C4'"  1 
ATOM   489 O "O4'"  B DC  C 2 4 ? -4.546  3.242   5.133   0.35 6.60  ? 16 DC  C "O4'"  1 
ATOM   490 C "C3'"  B DC  C 2 4 ? -3.163  5.150   4.976   0.35 6.83  ? 16 DC  C "C3'"  1 
ATOM   491 O "O3'"  B DC  C 2 4 ? -3.396  6.545   4.800   0.35 7.21  ? 16 DC  C "O3'"  1 
ATOM   492 C "C2'"  B DC  C 2 4 ? -3.224  4.714   6.399   0.35 6.61  ? 16 DC  C "C2'"  1 
ATOM   493 C "C1'"  B DC  C 2 4 ? -3.787  3.313   6.347   0.35 6.43  ? 16 DC  C "C1'"  1 
ATOM   494 N N1     B DC  C 2 4 ? -2.864  2.166   6.486   0.35 6.29  ? 16 DC  C N1     1 
ATOM   495 C C2     B DC  C 2 4 ? -1.798  1.958   5.600   0.35 6.13  ? 16 DC  C C2     1 
ATOM   496 O O2     B DC  C 2 4 ? -1.574  2.736   4.676   0.35 6.09  ? 16 DC  C O2     1 
ATOM   497 N N3     B DC  C 2 4 ? -1.014  0.864   5.778   0.35 6.15  ? 16 DC  C N3     1 
ATOM   498 C C4     B DC  C 2 4 ? -1.261  -0.007  6.765   0.35 6.26  ? 16 DC  C C4     1 
ATOM   499 N N4     B DC  C 2 4 ? -0.525  -1.114  6.878   0.35 6.27  ? 16 DC  C N4     1 
ATOM   500 C C5     B DC  C 2 4 ? -2.340  0.205   7.687   0.35 6.27  ? 16 DC  C C5     1 
ATOM   501 C C6     B DC  C 2 4 ? -3.090  1.304   7.506   0.35 6.22  ? 16 DC  C C6     1 
ATOM   502 H "H5'"  B DC  C 2 4 ? -4.007  5.303   2.500   0.35 0.00  ? 16 DC  C "H5'"  1 
ATOM   503 H "H5''" B DC  C 2 4 ? -3.274  3.705   2.768   0.35 0.00  ? 16 DC  C "H5''" 1 
ATOM   504 H "H4'"  B DC  C 2 4 ? -5.247  5.120   4.632   0.35 0.00  ? 16 DC  C "H4'"  1 
ATOM   505 H "H3'"  B DC  C 2 4 ? -2.255  4.743   4.517   0.35 0.00  ? 16 DC  C "H3'"  1 
ATOM   506 H "H2'"  B DC  C 2 4 ? -2.301  4.810   6.967   0.35 0.00  ? 16 DC  C "H2'"  1 
ATOM   507 H "H2''" B DC  C 2 4 ? -3.973  5.363   6.856   0.35 0.00  ? 16 DC  C "H2''" 1 
ATOM   508 H "H1'"  B DC  C 2 4 ? -4.478  3.273   7.187   0.35 0.00  ? 16 DC  C "H1'"  1 
ATOM   509 H H41    B DC  C 2 4 ? -0.742  -1.757  7.629   0.35 0.00  ? 16 DC  C H41    1 
ATOM   510 H H42    B DC  C 2 4 ? 0.223   -1.342  6.243   0.35 0.00  ? 16 DC  C H42    1 
ATOM   511 H H5     B DC  C 2 4 ? -2.548  -0.495  8.494   0.35 0.00  ? 16 DC  C H5     1 
ATOM   512 H H6     B DC  C 2 4 ? -3.900  1.519   8.193   0.35 0.00  ? 16 DC  C H6     1 
HETATM 513 N N1     B 5CM C 2 5 ? 1.809   4.502   4.900   0.35 5.74  ? 17 5CM C N1     1 
HETATM 514 C C2     B 5CM C 2 5 ? 2.565   3.362   4.673   0.35 5.57  ? 17 5CM C C2     1 
HETATM 515 N N3     B 5CM C 2 5 ? 2.546   2.372   5.579   0.35 5.43  ? 17 5CM C N3     1 
HETATM 516 C C4     B 5CM C 2 5 ? 1.820   2.491   6.690   0.35 5.37  ? 17 5CM C C4     1 
HETATM 517 C C5     B 5CM C 2 5 ? 1.025   3.663   6.945   0.35 5.50  ? 17 5CM C C5     1 
HETATM 518 C C5A    B 5CM C 2 5 ? 0.207   3.794   8.224   0.35 5.40  ? 17 5CM C C5A    1 
HETATM 519 C C6     B 5CM C 2 5 ? 1.033   4.631   6.017   0.35 5.55  ? 17 5CM C C6     1 
HETATM 520 O O2     B 5CM C 2 5 ? 3.244   3.240   3.666   0.35 5.59  ? 17 5CM C O2     1 
HETATM 521 N N4     B 5CM C 2 5 ? 1.915   1.507   7.562   0.35 5.23  ? 17 5CM C N4     1 
HETATM 522 C "C1'"  B 5CM C 2 5 ? 1.915   5.553   3.879   0.35 5.96  ? 17 5CM C "C1'"  1 
HETATM 523 C "C2'"  B 5CM C 2 5 ? 0.952   5.386   2.730   0.35 6.17  ? 17 5CM C "C2'"  1 
HETATM 524 C "C3'"  B 5CM C 2 5 ? 0.946   6.775   2.132   0.35 6.43  ? 17 5CM C "C3'"  1 
HETATM 525 C "C4'"  B 5CM C 2 5 ? 1.083   7.668   3.376   0.35 6.33  ? 17 5CM C "C4'"  1 
HETATM 526 O "O4'"  B 5CM C 2 5 ? 1.551   6.814   4.444   0.35 6.09  ? 17 5CM C "O4'"  1 
HETATM 527 O "O3'"  B 5CM C 2 5 ? 2.115   6.937   1.344   0.35 6.56  ? 17 5CM C "O3'"  1 
HETATM 528 C "C5'"  B 5CM C 2 5 ? -0.215  8.349   3.789   0.35 6.62  ? 17 5CM C "C5'"  1 
HETATM 529 O "O5'"  B 5CM C 2 5 ? -1.227  7.361   4.054   0.35 7.16  ? 17 5CM C "O5'"  1 
HETATM 530 P P      B 5CM C 2 5 ? -2.784  7.495   3.611   0.35 7.53  ? 17 5CM C P      1 
HETATM 531 O OP1    B 5CM C 2 5 ? -3.183  8.888   3.879   0.35 7.43  ? 17 5CM C OP1    1 
HETATM 532 O OP2    B 5CM C 2 5 ? -2.963  6.957   2.233   0.35 7.54  ? 17 5CM C OP2    1 
HETATM 533 H H5A1   B 5CM C 2 5 ? -0.838  3.913   7.954   0.35 0.00  ? 17 5CM C H5A1   1 
HETATM 534 H H5A2   B 5CM C 2 5 ? 0.551   4.664   8.783   0.35 0.00  ? 17 5CM C H5A2   1 
HETATM 535 H H5A3   B 5CM C 2 5 ? 0.300   2.916   8.866   0.35 0.00  ? 17 5CM C H5A3   1 
HETATM 536 H H6     B 5CM C 2 5 ? 0.428   5.526   6.153   0.35 0.00  ? 17 5CM C H6     1 
HETATM 537 H HN41   B 5CM C 2 5 ? 1.434   1.539   8.456   0.35 0.00  ? 17 5CM C HN41   1 
HETATM 538 H HN42   B 5CM C 2 5 ? 2.464   0.690   7.328   0.35 0.00  ? 17 5CM C HN42   1 
HETATM 539 H "H1'"  B 5CM C 2 5 ? 2.935   5.603   3.488   0.35 0.00  ? 17 5CM C "H1'"  1 
HETATM 540 H "H2'"  B 5CM C 2 5 ? -0.050  5.182   3.104   0.35 0.00  ? 17 5CM C "H2'"  1 
HETATM 541 H "H2''" B 5CM C 2 5 ? 1.273   4.598   2.048   0.35 0.00  ? 17 5CM C "H2''" 1 
HETATM 542 H "H3'"  B 5CM C 2 5 ? 0.042   7.009   1.568   0.35 0.00  ? 17 5CM C "H3'"  1 
HETATM 543 H "H4'"  B 5CM C 2 5 ? 1.863   8.408   3.198   0.35 0.00  ? 17 5CM C "H4'"  1 
HETATM 544 H "H5'"  B 5CM C 2 5 ? -0.038  8.946   4.684   0.35 0.00  ? 17 5CM C "H5'"  1 
HETATM 545 H "H5''" B 5CM C 2 5 ? -0.527  8.991   2.965   0.35 0.00  ? 17 5CM C "H5''" 1 
ATOM   546 P P      B DG  C 2 6 ? 2.095   7.712   -0.039  0.35 6.91  ? 18 DG  C P      1 
ATOM   547 O OP1    B DG  C 2 6 ? 0.821   7.450   -0.749  0.35 6.89  ? 18 DG  C OP1    1 
ATOM   548 O OP2    B DG  C 2 6 ? 3.381   7.429   -0.713  0.35 6.84  ? 18 DG  C OP2    1 
ATOM   549 O "O5'"  B DG  C 2 6 ? 2.062   9.271   0.424   0.35 6.74  ? 18 DG  C "O5'"  1 
ATOM   550 C "C5'"  B DG  C 2 6 ? 3.201   10.010  0.851   0.35 6.65  ? 18 DG  C "C5'"  1 
ATOM   551 C "C4'"  B DG  C 2 6 ? 2.729   11.386  1.269   0.35 6.56  ? 18 DG  C "C4'"  1 
ATOM   552 O "O4'"  B DG  C 2 6 ? 1.907   11.261  2.459   0.35 6.44  ? 18 DG  C "O4'"  1 
ATOM   553 C "C3'"  B DG  C 2 6 ? 3.882   12.335  1.602   0.35 6.54  ? 18 DG  C "C3'"  1 
ATOM   554 O "O3'"  B DG  C 2 6 ? 3.440   13.704  1.523   0.35 6.68  ? 18 DG  C "O3'"  1 
ATOM   555 C "C2'"  B DG  C 2 6 ? 4.091   11.969  3.030   0.35 6.44  ? 18 DG  C "C2'"  1 
ATOM   556 C "C1'"  B DG  C 2 6 ? 2.662   11.851  3.519   0.35 6.28  ? 18 DG  C "C1'"  1 
ATOM   557 N N9     B DG  C 2 6 ? 2.529   10.987  4.683   0.35 6.13  ? 18 DG  C N9     1 
ATOM   558 C C8     B DG  C 2 6 ? 1.741   11.202  5.749   0.35 5.98  ? 18 DG  C C8     1 
ATOM   559 N N7     B DG  C 2 6 ? 1.772   10.279  6.652   0.35 5.95  ? 18 DG  C N7     1 
ATOM   560 C C5     B DG  C 2 6 ? 2.700   9.365   6.146   0.35 5.95  ? 18 DG  C C5     1 
ATOM   561 C C6     B DG  C 2 6 ? 3.174   8.134   6.694   0.35 5.96  ? 18 DG  C C6     1 
ATOM   562 O O6     B DG  C 2 6 ? 2.905   7.610   7.764   0.35 6.00  ? 18 DG  C O6     1 
ATOM   563 N N1     B DG  C 2 6 ? 4.063   7.497   5.854   0.35 5.86  ? 18 DG  C N1     1 
ATOM   564 C C2     B DG  C 2 6 ? 4.484   7.978   4.637   0.35 5.88  ? 18 DG  C C2     1 
ATOM   565 N N2     B DG  C 2 6 ? 5.380   7.242   3.991   0.35 5.89  ? 18 DG  C N2     1 
ATOM   566 N N3     B DG  C 2 6 ? 4.066   9.138   4.118   0.35 5.92  ? 18 DG  C N3     1 
ATOM   567 C C4     B DG  C 2 6 ? 3.169   9.779   4.925   0.35 6.04  ? 18 DG  C C4     1 
ATOM   568 H "H5'"  B DG  C 2 6 ? 3.891   10.139  0.013   0.35 0.00  ? 18 DG  C "H5'"  1 
ATOM   569 H "H5''" B DG  C 2 6 ? 3.723   9.530   1.677   0.35 0.00  ? 18 DG  C "H5''" 1 
ATOM   570 H "H4'"  B DG  C 2 6 ? 2.116   11.799  0.464   0.35 0.00  ? 18 DG  C "H4'"  1 
ATOM   571 H "H3'"  B DG  C 2 6 ? 4.729   12.190  0.938   0.35 0.00  ? 18 DG  C "H3'"  1 
ATOM   572 H "HO3'" B DG  C 2 6 ? 3.045   13.949  2.367   0.35 0.00  ? 18 DG  C "HO3'" 1 
ATOM   573 H "H2'"  B DG  C 2 6 ? 4.584   10.997  3.082   0.35 0.00  ? 18 DG  C "H2'"  1 
ATOM   574 H "H2''" B DG  C 2 6 ? 4.656   12.702  3.593   0.35 0.00  ? 18 DG  C "H2''" 1 
ATOM   575 H "H1'"  B DG  C 2 6 ? 2.266   12.843  3.749   0.35 0.00  ? 18 DG  C "H1'"  1 
ATOM   576 H H8     B DG  C 2 6 ? 1.133   12.106  5.848   0.35 0.00  ? 18 DG  C H8     1 
ATOM   577 H H1     B DG  C 2 6 ? 4.380   6.597   6.168   0.35 0.00  ? 18 DG  C H1     1 
ATOM   578 H H21    B DG  C 2 6 ? 5.749   7.568   3.105   0.35 0.00  ? 18 DG  C H21    1 
ATOM   579 H H22    B DG  C 2 6 ? 5.682   6.347   4.359   0.35 0.00  ? 18 DG  C H22    1 
HETATM 580 N N1     B 5CM D 3 1 ? 6.062   2.868   6.450   0.35 6.26  ? 19 5CM D N1     1 
HETATM 581 C C2     B 5CM D 3 1 ? 5.618   4.150   6.162   0.35 6.12  ? 19 5CM D C2     1 
HETATM 582 N N3     B 5CM D 3 1 ? 4.770   4.774   7.004   0.35 6.05  ? 19 5CM D N3     1 
HETATM 583 C C4     B 5CM D 3 1 ? 4.346   4.173   8.114   0.35 6.01  ? 19 5CM D C4     1 
HETATM 584 C C5     B 5CM D 3 1 ? 4.795   2.844   8.458   0.35 6.06  ? 19 5CM D C5     1 
HETATM 585 C C5A    B 5CM D 3 1 ? 4.304   2.115   9.719   0.35 6.05  ? 19 5CM D C5A    1 
HETATM 586 C C6     B 5CM D 3 1 ? 5.651   2.241   7.601   0.35 6.14  ? 19 5CM D C6     1 
HETATM 587 O O2     B 5CM D 3 1 ? 5.995   4.735   5.163   0.35 6.16  ? 19 5CM D O2     1 
HETATM 588 N N4     B 5CM D 3 1 ? 3.503   4.842   8.878   0.35 5.88  ? 19 5CM D N4     1 
HETATM 589 C "C1'"  B 5CM D 3 1 ? 6.944   2.176   5.466   0.35 6.51  ? 19 5CM D "C1'"  1 
HETATM 590 C "C2'"  B 5CM D 3 1 ? 8.424   2.324   5.755   0.35 6.56  ? 19 5CM D "C2'"  1 
HETATM 591 C "C3'"  B 5CM D 3 1 ? 9.023   1.174   4.949   0.35 6.69  ? 19 5CM D "C3'"  1 
HETATM 592 C "C4'"  B 5CM D 3 1 ? 7.949   0.070   5.160   0.35 6.77  ? 19 5CM D "C4'"  1 
HETATM 593 O "O4'"  B 5CM D 3 1 ? 6.715   0.752   5.475   0.35 6.65  ? 19 5CM D "O4'"  1 
HETATM 594 O "O3'"  B 5CM D 3 1 ? 9.134   1.598   3.587   0.35 6.76  ? 19 5CM D "O3'"  1 
HETATM 595 C "C5'"  B 5CM D 3 1 ? 8.207   -0.878  6.327   0.35 6.89  ? 19 5CM D "C5'"  1 
HETATM 596 O "O5'"  B 5CM D 3 1 ? 8.092   -0.220  7.601   0.35 7.16  ? 19 5CM D "O5'"  1 
HETATM 597 H H5A1   B 5CM D 3 1 ? 5.150   1.851   10.343  0.35 0.00  ? 19 5CM D H5A1   1 
HETATM 598 H H5A2   B 5CM D 3 1 ? 3.789   1.204   9.416   0.35 0.00  ? 19 5CM D H5A2   1 
HETATM 599 H H5A3   B 5CM D 3 1 ? 3.625   2.726   10.312  0.35 0.00  ? 19 5CM D H5A3   1 
HETATM 600 H H6     B 5CM D 3 1 ? 6.012   1.244   7.822   0.35 0.00  ? 19 5CM D H6     1 
HETATM 601 H HN41   B 5CM D 3 1 ? 3.149   4.419   9.733   0.35 0.00  ? 19 5CM D HN41   1 
HETATM 602 H HN42   B 5CM D 3 1 ? 3.210   5.770   8.614   0.35 0.00  ? 19 5CM D HN42   1 
HETATM 603 H "H1'"  B 5CM D 3 1 ? 6.730   2.548   4.463   0.35 0.00  ? 19 5CM D "H1'"  1 
HETATM 604 H "H2'"  B 5CM D 3 1 ? 8.616   2.126   6.809   0.35 0.00  ? 19 5CM D "H2'"  1 
HETATM 605 H "H2''" B 5CM D 3 1 ? 8.782   3.317   5.480   0.35 0.00  ? 19 5CM D "H2''" 1 
HETATM 606 H "H3'"  B 5CM D 3 1 ? 9.995   0.841   5.312   0.35 0.00  ? 19 5CM D "H3'"  1 
HETATM 607 H "H4'"  B 5CM D 3 1 ? 7.808   -0.513  4.251   0.35 0.00  ? 19 5CM D "H4'"  1 
HETATM 608 H "H5'"  B 5CM D 3 1 ? 7.489   -1.698  6.298   0.35 0.00  ? 19 5CM D "H5'"  1 
HETATM 609 H "H5''" B 5CM D 3 1 ? 9.203   -1.306  6.198   0.35 0.00  ? 19 5CM D "H5''" 1 
HETATM 610 H "HO5'" B 5CM D 3 1 ? 7.158   -0.206  7.846   0.35 0.00  ? 19 5CM D "HO5'" 1 
ATOM   611 P P      B DG  D 3 2 ? 10.231  1.149   2.480   0.35 6.94  ? 20 DG  D P      1 
ATOM   612 O OP1    B DG  D 3 2 ? 11.593  1.198   3.056   0.35 7.01  ? 20 DG  D OP1    1 
ATOM   613 O OP2    B DG  D 3 2 ? 9.926   1.902   1.241   0.35 7.09  ? 20 DG  D OP2    1 
ATOM   614 O "O5'"  B DG  D 3 2 ? 9.929   -0.399  2.212   0.35 6.82  ? 20 DG  D "O5'"  1 
ATOM   615 C "C5'"  B DG  D 3 2 ? 8.735   -0.740  1.499   0.35 6.58  ? 20 DG  D "C5'"  1 
ATOM   616 C "C4'"  B DG  D 3 2 ? 8.474   -2.204  1.517   0.35 6.53  ? 20 DG  D "C4'"  1 
ATOM   617 O "O4'"  B DG  D 3 2 ? 8.272   -2.676  2.850   0.35 6.25  ? 20 DG  D "O4'"  1 
ATOM   618 C "C3'"  B DG  D 3 2 ? 7.206   -2.448  0.709   0.35 6.55  ? 20 DG  D "C3'"  1 
ATOM   619 O "O3'"  B DG  D 3 2 ? 7.673   -2.855  -0.586  0.35 6.82  ? 20 DG  D "O3'"  1 
ATOM   620 C "C2'"  B DG  D 3 2 ? 6.572   -3.605  1.435   0.35 6.35  ? 20 DG  D "C2'"  1 
ATOM   621 C "C1'"  B DG  D 3 2 ? 7.133   -3.549  2.862   0.35 6.23  ? 20 DG  D "C1'"  1 
ATOM   622 N N9     B DG  D 3 2 ? 6.193   -3.163  3.923   0.35 6.01  ? 20 DG  D N9     1 
ATOM   623 C C8     B DG  D 3 2 ? 5.859   -3.835  5.066   0.35 6.00  ? 20 DG  D C8     1 
ATOM   624 N N7     B DG  D 3 2 ? 5.012   -3.233  5.860   0.35 5.89  ? 20 DG  D N7     1 
ATOM   625 C C5     B DG  D 3 2 ? 4.755   -2.044  5.158   0.35 5.89  ? 20 DG  D C5     1 
ATOM   626 C C6     B DG  D 3 2 ? 3.922   -0.944  5.504   0.35 5.91  ? 20 DG  D C6     1 
ATOM   627 O O6     B DG  D 3 2 ? 3.219   -0.791  6.500   0.35 5.90  ? 20 DG  D O6     1 
ATOM   628 N N1     B DG  D 3 2 ? 3.974   0.040   4.558   0.35 5.86  ? 20 DG  D N1     1 
ATOM   629 C C2     B DG  D 3 2 ? 4.710   -0.015  3.396   0.35 5.85  ? 20 DG  D C2     1 
ATOM   630 N N2     B DG  D 3 2 ? 4.666   1.017   2.593   0.35 6.00  ? 20 DG  D N2     1 
ATOM   631 N N3     B DG  D 3 2 ? 5.466   -1.030  3.045   0.35 5.95  ? 20 DG  D N3     1 
ATOM   632 C C4     B DG  D 3 2 ? 5.453   -2.001  3.978   0.35 5.96  ? 20 DG  D C4     1 
ATOM   633 H "H5'"  B DG  D 3 2 ? 8.808   -0.399  0.461   0.35 0.00  ? 20 DG  D "H5'"  1 
ATOM   634 H "H5''" B DG  D 3 2 ? 7.862   -0.271  1.963   0.35 0.00  ? 20 DG  D "H5''" 1 
ATOM   635 H "H4'"  B DG  D 3 2 ? 9.298   -2.733  1.036   0.35 0.00  ? 20 DG  D "H4'"  1 
ATOM   636 H "H3'"  B DG  D 3 2 ? 6.526   -1.594  0.727   0.35 0.00  ? 20 DG  D "H3'"  1 
ATOM   637 H "H2'"  B DG  D 3 2 ? 5.482   -3.620  1.414   0.35 0.00  ? 20 DG  D "H2'"  1 
ATOM   638 H "H2''" B DG  D 3 2 ? 6.954   -4.503  0.949   0.35 0.00  ? 20 DG  D "H2''" 1 
ATOM   639 H "H1'"  B DG  D 3 2 ? 7.529   -4.536  3.108   0.35 0.00  ? 20 DG  D "H1'"  1 
ATOM   640 H H8     B DG  D 3 2 ? 6.278   -4.815  5.304   0.35 0.00  ? 20 DG  D H8     1 
ATOM   641 H H1     B DG  D 3 2 ? 3.446   0.866   4.784   0.35 0.00  ? 20 DG  D H1     1 
ATOM   642 H H21    B DG  D 3 2 ? 5.198   0.981   1.733   0.35 0.00  ? 20 DG  D H21    1 
ATOM   643 H H22    B DG  D 3 2 ? 4.137   1.841   2.848   0.35 0.00  ? 20 DG  D H22    1 
ATOM   644 P P      B DG  D 3 3 ? 7.464   -1.987  -1.930  0.35 7.36  ? 21 DG  D P      1 
ATOM   645 O OP1    B DG  D 3 3 ? 8.178   -2.651  -3.046  0.35 7.34  ? 21 DG  D OP1    1 
ATOM   646 O OP2    B DG  D 3 3 ? 7.710   -0.553  -1.624  0.35 7.50  ? 21 DG  D OP2    1 
ATOM   647 O "O5'"  B DG  D 3 3 ? 5.889   -2.156  -2.144  0.35 6.98  ? 21 DG  D "O5'"  1 
ATOM   648 C "C5'"  B DG  D 3 3 ? 5.140   -1.954  -3.351  0.35 6.62  ? 21 DG  D "C5'"  1 
ATOM   649 C "C4'"  B DG  D 3 3 ? 3.969   -1.025  -3.074  0.35 6.31  ? 21 DG  D "C4'"  1 
ATOM   650 O "O4'"  B DG  D 3 3 ? 3.112   -1.565  -2.033  0.35 6.19  ? 21 DG  D "O4'"  1 
ATOM   651 C "C3'"  B DG  D 3 3 ? 4.435   0.335   -2.559  0.35 6.18  ? 21 DG  D "C3'"  1 
ATOM   652 O "O3'"  B DG  D 3 3 ? 3.802   1.377   -3.272  0.35 6.11  ? 21 DG  D "O3'"  1 
ATOM   653 C "C2'"  B DG  D 3 3 ? 3.971   0.343   -1.120  0.35 6.06  ? 21 DG  D "C2'"  1 
ATOM   654 C "C1'"  B DG  D 3 3 ? 2.729   -0.528  -1.125  0.35 6.04  ? 21 DG  D "C1'"  1 
ATOM   655 N N9     B DG  D 3 3 ? 2.474   -1.124  0.201   0.35 5.92  ? 21 DG  D N9     1 
ATOM   656 C C8     B DG  D 3 3 ? 2.961   -2.290  0.732   0.35 5.91  ? 21 DG  D C8     1 
ATOM   657 N N7     B DG  D 3 3 ? 2.624   -2.550  1.957   0.35 5.87  ? 21 DG  D N7     1 
ATOM   658 C C5     B DG  D 3 3 ? 1.833   -1.442  2.270   0.35 5.83  ? 21 DG  D C5     1 
ATOM   659 C C6     B DG  D 3 3 ? 1.172   -1.125  3.485   0.35 5.81  ? 21 DG  D C6     1 
ATOM   660 O O6     B DG  D 3 3 ? 1.208   -1.700  4.558   0.35 5.81  ? 21 DG  D O6     1 
ATOM   661 N N1     B DG  D 3 3 ? 0.459   0.051   3.386   0.35 5.87  ? 21 DG  D N1     1 
ATOM   662 C C2     B DG  D 3 3 ? 0.397   0.857   2.278   0.35 5.73  ? 21 DG  D C2     1 
ATOM   663 N N2     B DG  D 3 3 ? -0.298  1.960   2.406   0.35 5.69  ? 21 DG  D N2     1 
ATOM   664 N N3     B DG  D 3 3 ? 1.016   0.579   1.121   0.35 5.93  ? 21 DG  D N3     1 
ATOM   665 C C4     B DG  D 3 3 ? 1.716   -0.589  1.200   0.35 5.86  ? 21 DG  D C4     1 
ATOM   666 H "H5'"  B DG  D 3 3 ? 4.765   -2.912  -3.713  0.35 0.00  ? 21 DG  D "H5'"  1 
ATOM   667 H "H5''" B DG  D 3 3 ? 5.759   -1.500  -4.128  0.35 0.00  ? 21 DG  D "H5''" 1 
ATOM   668 H "H4'"  B DG  D 3 3 ? 3.379   -0.885  -3.979  0.35 0.00  ? 21 DG  D "H4'"  1 
ATOM   669 H "H3'"  B DG  D 3 3 ? 5.519   0.439   -2.625  0.35 0.00  ? 21 DG  D "H3'"  1 
ATOM   670 H "H2'"  B DG  D 3 3 ? 4.744   -0.145  -0.527  0.35 0.00  ? 21 DG  D "H2'"  1 
ATOM   671 H "H2''" B DG  D 3 3 ? 3.783   1.342   -0.727  0.35 0.00  ? 21 DG  D "H2''" 1 
ATOM   672 H "H1'"  B DG  D 3 3 ? 1.866   0.025   -1.503  0.35 0.00  ? 21 DG  D "H1'"  1 
ATOM   673 H H8     B DG  D 3 3 ? 3.612   -2.949  0.150   0.35 0.00  ? 21 DG  D H8     1 
ATOM   674 H H1     B DG  D 3 3 ? -0.060  0.310   4.215   0.35 15.00 ? 21 DG  D H1     1 
ATOM   675 H H21    B DG  D 3 3 ? -0.377  2.613   1.631   0.35 15.00 ? 21 DG  D H21    1 
ATOM   676 H H22    B DG  D 3 3 ? -0.762  2.176   3.282   0.35 15.00 ? 21 DG  D H22    1 
ATOM   677 P P      B DG  D 3 4 ? 4.408   2.045   -4.593  0.35 6.09  ? 22 DG  D P      1 
ATOM   678 O OP1    B DG  D 3 4 ? 5.868   2.246   -4.441  0.35 6.13  ? 22 DG  D OP1    1 
ATOM   679 O OP2    B DG  D 3 4 ? 3.527   3.215   -4.847  0.35 6.11  ? 22 DG  D OP2    1 
ATOM   680 O "O5'"  B DG  D 3 4 ? 4.209   0.943   -5.742  0.35 5.97  ? 22 DG  D "O5'"  1 
ATOM   681 C "C5'"  B DG  D 3 4 ? 2.906   0.601   -6.246  0.35 5.99  ? 22 DG  D "C5'"  1 
ATOM   682 C "C4'"  B DG  D 3 4 ? 2.992   -0.547  -7.226  0.35 5.92  ? 22 DG  D "C4'"  1 
ATOM   683 O "O4'"  B DG  D 3 4 ? 3.667   -1.651  -6.636  0.35 5.94  ? 22 DG  D "O4'"  1 
ATOM   684 C "C3'"  B DG  D 3 4 ? 1.586   -0.978  -7.559  0.35 5.97  ? 22 DG  D "C3'"  1 
ATOM   685 O "O3'"  B DG  D 3 4 ? 1.221   -0.305  -8.766  0.35 6.03  ? 22 DG  D "O3'"  1 
ATOM   686 C "C2'"  B DG  D 3 4 ? 1.746   -2.444  -7.805  0.35 5.85  ? 22 DG  D "C2'"  1 
ATOM   687 C "C1'"  B DG  D 3 4 ? 2.998   -2.852  -7.024  0.35 5.87  ? 22 DG  D "C1'"  1 
ATOM   688 N N9     B DG  D 3 4 ? 2.801   -3.672  -5.825  0.35 5.74  ? 22 DG  D N9     1 
ATOM   689 C C8     B DG  D 3 4 ? 3.411   -4.843  -5.490  0.35 5.83  ? 22 DG  D C8     1 
ATOM   690 N N7     B DG  D 3 4 ? 3.117   -5.341  -4.320  0.35 5.90  ? 22 DG  D N7     1 
ATOM   691 C C5     B DG  D 3 4 ? 2.183   -4.412  -3.842  0.35 5.81  ? 22 DG  D C5     1 
ATOM   692 C C6     B DG  D 3 4 ? 1.478   -4.395  -2.611  0.35 5.86  ? 22 DG  D C6     1 
ATOM   693 O O6     B DG  D 3 4 ? 1.504   -5.207  -1.686  0.35 6.10  ? 22 DG  D O6     1 
ATOM   694 N N1     B DG  D 3 4 ? 0.664   -3.287  -2.508  0.35 5.74  ? 22 DG  D N1     1 
ATOM   695 C C2     B DG  D 3 4 ? 0.527   -2.317  -3.485  0.35 5.70  ? 22 DG  D C2     1 
ATOM   696 N N2     B DG  D 3 4 ? -0.254  -1.283  -3.206  0.35 5.67  ? 22 DG  D N2     1 
ATOM   697 N N3     B DG  D 3 4 ? 1.162   -2.338  -4.663  0.35 5.65  ? 22 DG  D N3     1 
ATOM   698 C C4     B DG  D 3 4 ? 1.979   -3.400  -4.760  0.35 5.78  ? 22 DG  D C4     1 
ATOM   699 H "H5'"  B DG  D 3 4 ? 2.434   1.461   -6.728  0.35 0.00  ? 22 DG  D "H5'"  1 
ATOM   700 H "H5''" B DG  D 3 4 ? 2.288   0.277   -5.407  0.35 0.00  ? 22 DG  D "H5''" 1 
ATOM   701 H "H4'"  B DG  D 3 4 ? 3.491   -0.250  -8.149  0.35 0.00  ? 22 DG  D "H4'"  1 
ATOM   702 H "H3'"  B DG  D 3 4 ? 0.933   -0.846  -6.693  0.35 0.00  ? 22 DG  D "H3'"  1 
ATOM   703 H "H2'"  B DG  D 3 4 ? 0.875   -3.024  -7.512  0.35 0.00  ? 22 DG  D "H2'"  1 
ATOM   704 H "H2''" B DG  D 3 4 ? 1.939   -2.569  -8.869  0.35 0.00  ? 22 DG  D "H2''" 1 
ATOM   705 H "H1'"  B DG  D 3 4 ? 3.657   -3.398  -7.701  0.35 0.00  ? 22 DG  D "H1'"  1 
ATOM   706 H H8     B DG  D 3 4 ? 4.100   -5.341  -6.181  0.35 0.00  ? 22 DG  D H8     1 
ATOM   707 H H1     B DG  D 3 4 ? 0.177   -3.199  -1.631  0.35 15.00 ? 22 DG  D H1     1 
ATOM   708 H H21    B DG  D 3 4 ? -0.346  -0.541  -3.890  0.35 15.00 ? 22 DG  D H21    1 
ATOM   709 H H22    B DG  D 3 4 ? -0.740  -1.223  -2.319  0.35 15.00 ? 22 DG  D H22    1 
HETATM 710 N N1     B 5CM D 3 5 ? -2.612  -3.241  -5.718  0.35 5.19  ? 23 5CM D N1     1 
HETATM 711 C C2     B 5CM D 3 5 ? -2.841  -3.690  -4.431  0.35 5.05  ? 23 5CM D C2     1 
HETATM 712 N N3     B 5CM D 3 5 ? -2.176  -4.782  -3.995  0.35 5.01  ? 23 5CM D N3     1 
HETATM 713 C C4     B 5CM D 3 5 ? -1.306  -5.432  -4.771  0.35 5.19  ? 23 5CM D C4     1 
HETATM 714 C C5     B 5CM D 3 5 ? -1.056  -4.970  -6.120  0.35 5.12  ? 23 5CM D C5     1 
HETATM 715 C C5A    B 5CM D 3 5 ? -0.081  -5.681  -7.043  0.35 5.25  ? 23 5CM D C5A    1 
HETATM 716 C C6     B 5CM D 3 5 ? -1.724  -3.885  -6.540  0.35 5.22  ? 23 5CM D C6     1 
HETATM 717 O O2     B 5CM D 3 5 ? -3.623  -3.107  -3.677  0.35 5.02  ? 23 5CM D O2     1 
HETATM 718 N N4     B 5CM D 3 5 ? -0.700  -6.505  -4.251  0.35 5.15  ? 23 5CM D N4     1 
HETATM 719 C "C1'"  B 5CM D 3 5 ? -3.365  -2.033  -6.161  0.35 5.39  ? 23 5CM D "C1'"  1 
HETATM 720 C "C2'"  B 5CM D 3 5 ? -2.693  -0.705  -5.830  0.35 5.42  ? 23 5CM D "C2'"  1 
HETATM 721 C "C3'"  B 5CM D 3 5 ? -3.416  0.224   -6.797  0.35 5.70  ? 23 5CM D "C3'"  1 
HETATM 722 C "C4'"  B 5CM D 3 5 ? -3.611  -0.690  -8.042  0.35 5.66  ? 23 5CM D "C4'"  1 
HETATM 723 O "O4'"  B 5CM D 3 5 ? -3.509  -2.032  -7.583  0.35 5.56  ? 23 5CM D "O4'"  1 
HETATM 724 O "O3'"  B 5CM D 3 5 ? -4.725  0.580   -6.312  0.35 5.83  ? 23 5CM D "O3'"  1 
HETATM 725 C "C5'"  B 5CM D 3 5 ? -2.588  -0.425  -9.140  0.35 5.82  ? 23 5CM D "C5'"  1 
HETATM 726 O "O5'"  B 5CM D 3 5 ? -1.237  -0.598  -8.654  0.35 6.15  ? 23 5CM D "O5'"  1 
HETATM 727 P P      B 5CM D 3 5 ? -0.121  0.571   -8.790  0.35 6.22  ? 23 5CM D P      1 
HETATM 728 O OP1    B 5CM D 3 5 ? -0.260  1.233   -10.108 0.35 6.21  ? 23 5CM D OP1    1 
HETATM 729 O OP2    B 5CM D 3 5 ? -0.128  1.409   -7.553  0.35 6.43  ? 23 5CM D OP2    1 
HETATM 730 H H5A1   B 5CM D 3 5 ? 0.696   -4.994  -7.354  0.35 0.00  ? 23 5CM D H5A1   1 
HETATM 731 H H5A2   B 5CM D 3 5 ? -0.634  -6.041  -7.910  0.35 0.00  ? 23 5CM D H5A2   1 
HETATM 732 H H5A3   B 5CM D 3 5 ? 0.389   -6.524  -6.539  0.35 0.00  ? 23 5CM D H5A3   1 
HETATM 733 H H6     B 5CM D 3 5 ? -1.565  -3.501  -7.547  0.35 0.00  ? 23 5CM D H6     1 
HETATM 734 H HN41   B 5CM D 3 5 ? -0.036  -7.038  -4.804  0.35 15.00 ? 23 5CM D HN41   1 
HETATM 735 H HN42   B 5CM D 3 5 ? -0.895  -6.790  -3.296  0.35 15.00 ? 23 5CM D HN42   1 
HETATM 736 H "H1'"  B 5CM D 3 5 ? -4.354  -2.035  -5.699  0.35 0.00  ? 23 5CM D "H1'"  1 
HETATM 737 H "H2'"  B 5CM D 3 5 ? -1.645  -0.738  -6.112  0.35 0.00  ? 23 5CM D "H2'"  1 
HETATM 738 H "H2''" B 5CM D 3 5 ? -2.781  -0.452  -4.773  0.35 0.00  ? 23 5CM D "H2''" 1 
HETATM 739 H "H3'"  B 5CM D 3 5 ? -2.846  1.120   -7.045  0.35 0.00  ? 23 5CM D "H3'"  1 
HETATM 740 H "H4'"  B 5CM D 3 5 ? -4.614  -0.561  -8.445  0.35 0.00  ? 23 5CM D "H4'"  1 
HETATM 741 H "H5'"  B 5CM D 3 5 ? -2.754  -1.118  -9.968  0.35 0.00  ? 23 5CM D "H5'"  1 
HETATM 742 H "H5''" B 5CM D 3 5 ? -2.747  0.599   -9.485  0.35 0.00  ? 23 5CM D "H5''" 1 
ATOM   743 P P      B DG  D 3 6 ? -5.375  2.004   -6.707  0.35 6.06  ? 24 DG  D P      1 
ATOM   744 O OP1    B DG  D 3 6 ? -4.387  3.082   -6.424  0.35 5.92  ? 24 DG  D OP1    1 
ATOM   745 O OP2    B DG  D 3 6 ? -6.709  2.064   -6.067  0.35 6.10  ? 24 DG  D OP2    1 
ATOM   746 O "O5'"  B DG  D 3 6 ? -5.584  1.909   -8.300  0.35 6.08  ? 24 DG  D "O5'"  1 
ATOM   747 C "C5'"  B DG  D 3 6 ? -6.756  1.359   -8.907  0.35 5.86  ? 24 DG  D "C5'"  1 
ATOM   748 C "C4'"  B DG  D 3 6 ? -6.627  1.401   -10.425 0.35 5.74  ? 24 DG  D "C4'"  1 
ATOM   749 O "O4'"  B DG  D 3 6 ? -5.516  0.556   -10.824 0.35 5.56  ? 24 DG  D "O4'"  1 
ATOM   750 C "C3'"  B DG  D 3 6 ? -7.893  0.873   -11.110 0.35 5.74  ? 24 DG  D "C3'"  1 
ATOM   751 O "O3'"  B DG  D 3 6 ? -7.985  1.403   -12.458 0.35 5.85  ? 24 DG  D "O3'"  1 
ATOM   752 C "C2'"  B DG  D 3 6 ? -7.531  -0.579  -11.161 0.35 5.55  ? 24 DG  D "C2'"  1 
ATOM   753 C "C1'"  B DG  D 3 6 ? -6.074  -0.512  -11.595 0.35 5.37  ? 24 DG  D "C1'"  1 
ATOM   754 N N9     B DG  D 3 6 ? -5.338  -1.723  -11.329 0.35 5.12  ? 24 DG  D N9     1 
ATOM   755 C C8     B DG  D 3 6 ? -4.376  -2.268  -12.115 0.35 5.13  ? 24 DG  D C8     1 
ATOM   756 N N7     B DG  D 3 6 ? -3.831  -3.364  -11.639 0.35 5.11  ? 24 DG  D N7     1 
ATOM   757 C C5     B DG  D 3 6 ? -4.515  -3.562  -10.444 0.35 4.99  ? 24 DG  D C5     1 
ATOM   758 C C6     B DG  D 3 6 ? -4.369  -4.587  -9.482  0.35 4.97  ? 24 DG  D C6     1 
ATOM   759 O O6     B DG  D 3 6 ? -3.615  -5.549  -9.520  0.35 4.96  ? 24 DG  D O6     1 
ATOM   760 N N1     B DG  D 3 6 ? -5.198  -4.418  -8.386  0.35 4.80  ? 24 DG  D N1     1 
ATOM   761 C C2     B DG  D 3 6 ? -6.086  -3.400  -8.241  0.35 4.75  ? 24 DG  D C2     1 
ATOM   762 N N2     B DG  D 3 6 ? -6.785  -3.372  -7.109  0.35 4.63  ? 24 DG  D N2     1 
ATOM   763 N N3     B DG  D 3 6 ? -6.254  -2.445  -9.159  0.35 4.80  ? 24 DG  D N3     1 
ATOM   764 C C4     B DG  D 3 6 ? -5.432  -2.572  -10.233 0.35 4.98  ? 24 DG  D C4     1 
ATOM   765 H "H5'"  B DG  D 3 6 ? -7.614  1.974   -8.623  0.35 0.00  ? 24 DG  D "H5'"  1 
ATOM   766 H "H5''" B DG  D 3 6 ? -6.910  0.332   -8.576  0.35 0.00  ? 24 DG  D "H5''" 1 
ATOM   767 H "H4'"  B DG  D 3 6 ? -6.412  2.426   -10.729 0.35 0.00  ? 24 DG  D "H4'"  1 
ATOM   768 H "H3'"  B DG  D 3 6 ? -8.789  1.106   -10.530 0.35 0.00  ? 24 DG  D "H3'"  1 
ATOM   769 H "HO3'" B DG  D 3 6 ? -7.894  2.358   -12.376 0.35 15.00 ? 24 DG  D "HO3'" 1 
ATOM   770 H "H2'"  B DG  D 3 6 ? -7.569  -0.994  -10.157 0.35 0.00  ? 24 DG  D "H2'"  1 
ATOM   771 H "H2''" B DG  D 3 6 ? -8.138  -1.162  -11.843 0.35 0.00  ? 24 DG  D "H2''" 1 
ATOM   772 H "H1'"  B DG  D 3 6 ? -6.005  -0.239  -12.653 0.35 0.00  ? 24 DG  D "H1'"  1 
ATOM   773 H H8     B DG  D 3 6 ? -4.091  -1.818  -13.070 0.35 0.00  ? 24 DG  D H8     1 
ATOM   774 H H1     B DG  D 3 6 ? -5.094  -5.087  -7.639  0.35 15.00 ? 24 DG  D H1     1 
ATOM   775 H H21    B DG  D 3 6 ? -7.452  -2.628  -6.950  0.35 15.00 ? 24 DG  D H21    1 
ATOM   776 H H22    B DG  D 3 6 ? -6.646  -4.077  -6.396  0.35 15.00 ? 24 DG  D H22    1 
HETATM 777 O O      . HOH E 4 . ? -1.100  -9.254  -8.248  1.00 21.38 ? 31 HOH A O      1 
HETATM 778 H H1     . HOH E 4 . ? -0.166  -9.379  -8.448  1.00 0.00  ? 31 HOH A H1     1 
HETATM 779 H H2     . HOH E 4 . ? -1.552  -9.610  -9.020  1.00 0.00  ? 31 HOH A H2     1 
HETATM 780 O O      . HOH E 4 . ? -1.717  3.784   0.337   1.00 40.06 ? 37 HOH A O      1 
HETATM 781 H H1     . HOH E 4 . ? -1.726  3.154   -0.391  1.00 0.00  ? 37 HOH A H1     1 
HETATM 782 H H2     . HOH E 4 . ? -2.651  3.946   0.510   1.00 0.00  ? 37 HOH A H2     1 
HETATM 783 O O      . HOH E 4 . ? 0.099   7.966   8.004   1.00 23.91 ? 41 HOH A O      1 
HETATM 784 H H1     . HOH E 4 . ? 0.675   7.992   7.228   1.00 0.00  ? 41 HOH A H1     1 
HETATM 785 H H2     . HOH E 4 . ? -0.733  8.265   7.643   1.00 0.00  ? 41 HOH A H2     1 
HETATM 786 O O      . HOH E 4 . ? -0.042  -9.707  -1.644  1.00 32.24 ? 44 HOH A O      1 
HETATM 787 H H1     . HOH E 4 . ? 0.772   -9.354  -2.007  1.00 0.00  ? 44 HOH A H1     1 
HETATM 788 H H2     . HOH E 4 . ? -0.593  -8.932  -1.521  1.00 0.00  ? 44 HOH A H2     1 
HETATM 789 O O      . HOH E 4 . ? 5.296   4.518   1.829   1.00 43.15 ? 53 HOH A O      1 
HETATM 790 H H1     . HOH E 4 . ? 5.764   3.717   1.591   1.00 0.00  ? 53 HOH A H1     1 
HETATM 791 H H2     . HOH E 4 . ? 4.707   4.665   1.078   1.00 0.00  ? 53 HOH A H2     1 
HETATM 792 O O      . HOH E 4 . ? -1.413  10.875  7.051   1.00 35.91 ? 58 HOH A O      1 
HETATM 793 H H1     . HOH E 4 . ? -1.153  10.618  6.155   1.00 0.00  ? 58 HOH A H1     1 
HETATM 794 H H2     . HOH E 4 . ? -0.645  11.349  7.367   1.00 0.00  ? 58 HOH A H2     1 
HETATM 795 O O      . HOH E 4 . ? 2.250   9.317   -5.126  1.00 44.76 ? 67 HOH A O      1 
HETATM 796 H H1     . HOH E 4 . ? 2.865   8.877   -5.722  1.00 0.00  ? 67 HOH A H1     1 
HETATM 797 H H2     . HOH E 4 . ? 1.641   8.624   -4.855  1.00 0.00  ? 67 HOH A H2     1 
HETATM 798 O O      . HOH E 4 . ? -10.712 -2.868  2.436   1.00 38.83 ? 70 HOH A O      1 
HETATM 799 H H1     . HOH E 4 . ? -10.384 -3.341  1.658   1.00 0.00  ? 70 HOH A H1     1 
HETATM 800 H H2     . HOH E 4 . ? -11.659 -3.024  2.429   1.00 0.00  ? 70 HOH A H2     1 
HETATM 801 O O      . HOH E 4 . ? -13.810 -4.415  2.368   1.00 54.29 ? 71 HOH A O      1 
HETATM 802 H H1     . HOH E 4 . ? -13.573 -5.326  2.187   1.00 0.00  ? 71 HOH A H1     1 
HETATM 803 H H2     . HOH E 4 . ? -14.666 -4.498  2.802   1.00 0.00  ? 71 HOH A H2     1 
HETATM 804 O O      . HOH E 4 . ? -0.449  8.275   -4.528  1.00 52.08 ? 72 HOH A O      1 
HETATM 805 H H1     . HOH E 4 . ? -0.107  7.656   -3.875  1.00 0.00  ? 72 HOH A H1     1 
HETATM 806 H H2     . HOH E 4 . ? -1.288  7.884   -4.790  1.00 0.00  ? 72 HOH A H2     1 
HETATM 807 O O      . HOH F 4 . ? 1.246   -8.640  -5.138  1.00 19.14 ? 25 HOH B O      1 
HETATM 808 H H1     . HOH F 4 . ? 2.090   -8.787  -5.596  1.00 0.00  ? 25 HOH B H1     1 
HETATM 809 H H2     . HOH F 4 . ? 0.922   -9.549  -5.031  1.00 0.00  ? 25 HOH B H2     1 
HETATM 810 O O      . HOH F 4 . ? 11.856  0.509   7.959   1.00 36.95 ? 34 HOH B O      1 
HETATM 811 H H1     . HOH F 4 . ? 10.956  0.163   7.913   1.00 0.00  ? 34 HOH B H1     1 
HETATM 812 H H2     . HOH F 4 . ? 12.298  0.050   7.239   1.00 0.00  ? 34 HOH B H2     1 
HETATM 813 O O      . HOH F 4 . ? 8.784   5.715   3.706   1.00 21.05 ? 38 HOH B O      1 
HETATM 814 H H1     . HOH F 4 . ? 9.055   5.400   2.840   1.00 0.00  ? 38 HOH B H1     1 
HETATM 815 H H2     . HOH F 4 . ? 7.993   5.195   3.888   1.00 0.00  ? 38 HOH B H2     1 
HETATM 816 O O      . HOH F 4 . ? 1.663   2.798   -0.586  1.00 30.83 ? 40 HOH B O      1 
HETATM 817 H H1     . HOH F 4 . ? 2.093   2.258   -1.259  1.00 0.00  ? 40 HOH B H1     1 
HETATM 818 H H2     . HOH F 4 . ? 1.137   2.144   -0.114  1.00 0.00  ? 40 HOH B H2     1 
HETATM 819 O O      . HOH F 4 . ? 6.566   1.989   0.598   1.00 19.19 ? 42 HOH B O      1 
HETATM 820 H H1     . HOH F 4 . ? 7.399   1.498   0.631   1.00 0.00  ? 42 HOH B H1     1 
HETATM 821 H H2     . HOH F 4 . ? 6.331   1.934   -0.334  1.00 0.00  ? 42 HOH B H2     1 
HETATM 822 O O      . HOH F 4 . ? 3.346   -7.897  -7.723  1.00 27.31 ? 45 HOH B O      1 
HETATM 823 H H1     . HOH F 4 . ? 4.176   -8.388  -7.713  1.00 0.00  ? 45 HOH B H1     1 
HETATM 824 H H2     . HOH F 4 . ? 2.917   -8.273  -8.504  1.00 0.00  ? 45 HOH B H2     1 
HETATM 825 O O      . HOH F 4 . ? 2.366   -9.341  -3.160  1.00 27.93 ? 46 HOH B O      1 
HETATM 826 H H1     . HOH F 4 . ? 3.114   -9.880  -3.450  1.00 0.00  ? 46 HOH B H1     1 
HETATM 827 H H2     . HOH F 4 . ? 2.039   -8.981  -3.989  1.00 0.00  ? 46 HOH B H2     1 
HETATM 828 O O      . HOH F 4 . ? -1.206  3.718   -8.219  1.00 43.30 ? 47 HOH B O      1 
HETATM 829 H H1     . HOH F 4 . ? -0.471  3.165   -7.949  1.00 0.00  ? 47 HOH B H1     1 
HETATM 830 H H2     . HOH F 4 . ? -1.953  3.161   -8.003  1.00 0.00  ? 47 HOH B H2     1 
HETATM 831 O O      . HOH F 4 . ? 13.039  -0.459  5.693   1.00 28.17 ? 50 HOH B O      1 
HETATM 832 H H1     . HOH F 4 . ? 13.325  -1.381  5.808   1.00 0.00  ? 50 HOH B H1     1 
HETATM 833 H H2     . HOH F 4 . ? 12.364  -0.571  5.029   1.00 0.00  ? 50 HOH B H2     1 
HETATM 834 O O      . HOH F 4 . ? 1.791   4.600   -3.226  1.00 54.40 ? 52 HOH B O      1 
HETATM 835 H H1     . HOH F 4 . ? 2.373   4.405   -3.967  1.00 0.00  ? 52 HOH B H1     1 
HETATM 836 H H2     . HOH F 4 . ? 1.247   3.808   -3.196  1.00 0.00  ? 52 HOH B H2     1 
HETATM 837 O O      . HOH F 4 . ? 10.194  -0.736  -3.187  1.00 42.71 ? 55 HOH B O      1 
HETATM 838 H H1     . HOH F 4 . ? 10.008  -0.833  -4.135  1.00 0.00  ? 55 HOH B H1     1 
HETATM 839 H H2     . HOH F 4 . ? 9.456   -0.185  -2.892  1.00 0.00  ? 55 HOH B H2     1 
HETATM 840 O O      . HOH G 4 . ? -6.928  -2.562  -0.144  1.00 16.57 ? 26 HOH C O      1 
HETATM 841 H H1     . HOH G 4 . ? -7.439  -3.159  -0.699  1.00 0.00  ? 26 HOH C H1     1 
HETATM 842 H H2     . HOH G 4 . ? -7.299  -2.707  0.735   1.00 0.00  ? 26 HOH C H2     1 
HETATM 843 O O      . HOH G 4 . ? -3.802  0.010   -2.553  1.00 30.94 ? 27 HOH C O      1 
HETATM 844 H H1     . HOH G 4 . ? -4.076  -0.796  -3.004  1.00 0.00  ? 27 HOH C H1     1 
HETATM 845 H H2     . HOH G 4 . ? -4.556  0.230   -1.998  1.00 0.00  ? 27 HOH C H2     1 
HETATM 846 O O      . HOH G 4 . ? -2.737  -10.569 -1.552  1.00 26.98 ? 29 HOH C O      1 
HETATM 847 H H1     . HOH G 4 . ? -2.243  -10.429 -0.737  1.00 0.00  ? 29 HOH C H1     1 
HETATM 848 H H2     . HOH G 4 . ? -3.645  -10.422 -1.270  1.00 0.00  ? 29 HOH C H2     1 
HETATM 849 O O      . HOH G 4 . ? 0.534   -6.842  3.204   1.00 50.58 ? 32 HOH C O      1 
HETATM 850 H H1     . HOH G 4 . ? 1.083   -7.626  3.286   1.00 0.00  ? 32 HOH C H1     1 
HETATM 851 H H2     . HOH G 4 . ? -0.355  -7.199  3.290   1.00 0.00  ? 32 HOH C H2     1 
HETATM 852 O O      . HOH G 4 . ? 6.456   10.327  -0.802  1.00 29.44 ? 35 HOH C O      1 
HETATM 853 H H1     . HOH G 4 . ? 7.379   10.493  -1.055  1.00 0.00  ? 35 HOH C H1     1 
HETATM 854 H H2     . HOH G 4 . ? 6.474   9.454   -0.405  1.00 0.00  ? 35 HOH C H2     1 
HETATM 855 O O      . HOH G 4 . ? -1.157  -4.165  5.786   1.00 52.41 ? 39 HOH C O      1 
HETATM 856 H H1     . HOH G 4 . ? -0.521  -4.728  6.230   1.00 0.00  ? 39 HOH C H1     1 
HETATM 857 H H2     . HOH G 4 . ? -2.002  -4.591  5.961   1.00 0.00  ? 39 HOH C H2     1 
HETATM 858 O O      . HOH G 4 . ? 1.352   1.049   10.353  1.00 24.27 ? 43 HOH C O      1 
HETATM 859 H H1     . HOH G 4 . ? 1.527   0.102   10.381  1.00 0.00  ? 43 HOH C H1     1 
HETATM 860 H H2     . HOH G 4 . ? 0.966   1.213   11.230  1.00 0.00  ? 43 HOH C H2     1 
HETATM 861 O O      . HOH G 4 . ? -9.405  0.161   5.833   1.00 37.92 ? 48 HOH C O      1 
HETATM 862 H H1     . HOH G 4 . ? -8.461  0.059   6.007   1.00 0.00  ? 48 HOH C H1     1 
HETATM 863 H H2     . HOH G 4 . ? -9.536  -0.509  5.158   1.00 0.00  ? 48 HOH C H2     1 
HETATM 864 O O      . HOH G 4 . ? 3.739   -5.942  2.743   1.00 46.11 ? 51 HOH C O      1 
HETATM 865 H H1     . HOH G 4 . ? 4.524   -6.492  2.815   1.00 0.00  ? 51 HOH C H1     1 
HETATM 866 H H2     . HOH G 4 . ? 3.342   -6.207  1.910   1.00 0.00  ? 51 HOH C H2     1 
HETATM 867 O O      . HOH G 4 . ? 4.090   4.632   -0.353  1.00 37.38 ? 54 HOH C O      1 
HETATM 868 H H1     . HOH G 4 . ? 4.193   4.637   -1.306  1.00 0.00  ? 54 HOH C H1     1 
HETATM 869 H H2     . HOH G 4 . ? 3.168   4.895   -0.223  1.00 0.00  ? 54 HOH C H2     1 
HETATM 870 O O      . HOH G 4 . ? 2.907   9.324   9.890   1.00 48.92 ? 60 HOH C O      1 
HETATM 871 H H1     . HOH G 4 . ? 3.513   8.674   10.259  1.00 0.00  ? 60 HOH C H1     1 
HETATM 872 H H2     . HOH G 4 . ? 2.365   8.812   9.278   1.00 0.00  ? 60 HOH C H2     1 
HETATM 873 O O      . HOH G 4 . ? 5.788   7.792   0.702   1.00 22.31 ? 61 HOH C O      1 
HETATM 874 H H1     . HOH G 4 . ? 6.025   6.945   0.313   1.00 0.00  ? 61 HOH C H1     1 
HETATM 875 H H2     . HOH G 4 . ? 4.854   7.875   0.470   1.00 0.00  ? 61 HOH C H2     1 
HETATM 876 O O      . HOH G 4 . ? -1.295  1.350   -1.259  1.00 43.81 ? 62 HOH C O      1 
HETATM 877 H H1     . HOH G 4 . ? -0.943  0.639   -0.708  1.00 0.00  ? 62 HOH C H1     1 
HETATM 878 H H2     . HOH G 4 . ? -2.135  0.972   -1.532  1.00 0.00  ? 62 HOH C H2     1 
HETATM 879 O O      . HOH G 4 . ? -6.907  0.222   -1.588  1.00 51.30 ? 64 HOH C O      1 
HETATM 880 H H1     . HOH G 4 . ? -6.839  -0.548  -1.015  1.00 0.00  ? 64 HOH C H1     1 
HETATM 881 H H2     . HOH G 4 . ? -7.842  0.428   -1.584  1.00 0.00  ? 64 HOH C H2     1 
HETATM 882 O O      . HOH G 4 . ? 1.322   11.825  8.801   1.00 33.17 ? 66 HOH C O      1 
HETATM 883 H H1     . HOH G 4 . ? 1.289   11.030  8.264   1.00 0.00  ? 66 HOH C H1     1 
HETATM 884 H H2     . HOH G 4 . ? 0.468   11.844  9.225   1.00 0.00  ? 66 HOH C H2     1 
HETATM 885 O O      . HOH H 4 . ? -6.173  -2.030  -3.221  1.00 31.66 ? 28 HOH D O      1 
HETATM 886 H H1     . HOH H 4 . ? -5.646  -2.623  -3.763  1.00 0.00  ? 28 HOH D H1     1 
HETATM 887 H H2     . HOH H 4 . ? -7.024  -1.987  -3.655  1.00 0.00  ? 28 HOH D H2     1 
HETATM 888 O O      . HOH H 4 . ? -7.868  -0.577  -5.848  1.00 22.09 ? 30 HOH D O      1 
HETATM 889 H H1     . HOH H 4 . ? -6.972  -0.402  -6.171  1.00 0.00  ? 30 HOH D H1     1 
HETATM 890 H H2     . HOH H 4 . ? -8.232  0.315   -5.783  1.00 0.00  ? 30 HOH D H2     1 
HETATM 891 O O      . HOH H 4 . ? -0.372  1.516   -4.449  1.00 26.84 ? 33 HOH D O      1 
HETATM 892 H H1     . HOH H 4 . ? 0.378   1.500   -5.057  1.00 0.00  ? 33 HOH D H1     1 
HETATM 893 H H2     . HOH H 4 . ? -1.130  1.464   -5.037  1.00 0.00  ? 33 HOH D H2     1 
HETATM 894 O O      . HOH H 4 . ? 2.839   5.115   11.461  1.00 12.29 ? 36 HOH D O      1 
HETATM 895 H H1     . HOH H 4 . ? 3.557   5.498   11.982  1.00 0.00  ? 36 HOH D H1     1 
HETATM 896 H H2     . HOH H 4 . ? 2.087   5.160   12.063  1.00 0.00  ? 36 HOH D H2     1 
HETATM 897 O O      . HOH H 4 . ? -8.326  4.674   -6.111  1.00 56.44 ? 49 HOH D O      1 
HETATM 898 H H1     . HOH H 4 . ? -8.017  3.787   -5.892  1.00 0.00  ? 49 HOH D H1     1 
HETATM 899 H H2     . HOH H 4 . ? -9.255  4.552   -6.324  1.00 0.00  ? 49 HOH D H2     1 
HETATM 900 O O      . HOH H 4 . ? 9.710   1.715   -3.156  1.00 54.77 ? 56 HOH D O      1 
HETATM 901 H H1     . HOH H 4 . ? 10.445  1.319   -3.630  1.00 0.00  ? 56 HOH D H1     1 
HETATM 902 H H2     . HOH H 4 . ? 8.966   1.547   -3.759  1.00 0.00  ? 56 HOH D H2     1 
HETATM 903 O O      . HOH H 4 . ? 7.988   0.730   -4.450  1.00 16.94 ? 57 HOH D O      1 
HETATM 904 H H1     . HOH H 4 . ? 8.300   0.230   -5.216  1.00 0.00  ? 57 HOH D H1     1 
HETATM 905 H H2     . HOH H 4 . ? 7.048   0.797   -4.607  1.00 0.00  ? 57 HOH D H2     1 
HETATM 906 O O      . HOH H 4 . ? 5.835   -0.914  8.967   1.00 39.12 ? 59 HOH D O      1 
HETATM 907 H H1     . HOH H 4 . ? 6.434   -1.506  9.444   1.00 0.00  ? 59 HOH D H1     1 
HETATM 908 H H2     . HOH H 4 . ? 5.403   -1.501  8.329   1.00 0.00  ? 59 HOH D H2     1 
HETATM 909 O O      . HOH H 4 . ? -9.801  -1.008  -4.061  1.00 48.66 ? 63 HOH D O      1 
HETATM 910 H H1     . HOH H 4 . ? -9.064  -0.791  -4.638  1.00 0.00  ? 63 HOH D H1     1 
HETATM 911 H H2     . HOH H 4 . ? -10.567 -0.940  -4.644  1.00 0.00  ? 63 HOH D H2     1 
HETATM 912 O O      . HOH H 4 . ? -2.715  3.913   -3.442  1.00 45.51 ? 65 HOH D O      1 
HETATM 913 H H1     . HOH H 4 . ? -2.228  3.226   -2.991  1.00 0.00  ? 65 HOH D H1     1 
HETATM 914 H H2     . HOH H 4 . ? -3.438  4.129   -2.849  1.00 0.00  ? 65 HOH D H2     1 
HETATM 915 O O      . HOH H 4 . ? -4.779  6.054   -6.103  1.00 40.87 ? 68 HOH D O      1 
HETATM 916 H H1     . HOH H 4 . ? -4.368  5.218   -6.356  1.00 0.00  ? 68 HOH D H1     1 
HETATM 917 H H2     . HOH H 4 . ? -5.664  5.989   -6.473  1.00 0.00  ? 68 HOH D H2     1 
HETATM 918 O O      . HOH H 4 . ? 8.707   4.287   1.287   1.00 42.14 ? 69 HOH D O      1 
HETATM 919 H H1     . HOH H 4 . ? 9.333   3.754   0.783   1.00 0.00  ? 69 HOH D H1     1 
HETATM 920 H H2     . HOH H 4 . ? 8.025   3.641   1.492   1.00 0.00  ? 69 HOH D H2     1 
# 
